data_3EQS
# 
_entry.id   3EQS 
# 
_audit_conform.dict_name       mmcif_pdbx.dic 
_audit_conform.dict_version    5.378 
_audit_conform.dict_location   http://mmcif.pdb.org/dictionaries/ascii/mmcif_pdbx.dic 
# 
loop_
_database_2.database_id 
_database_2.database_code 
_database_2.pdbx_database_accession 
_database_2.pdbx_DOI 
PDB   3EQS         pdb_00003eqs 10.2210/pdb3eqs/pdb 
RCSB  RCSB049659   ?            ?                   
WWPDB D_1000049659 ?            ?                   
# 
loop_
_pdbx_database_related.db_name 
_pdbx_database_related.db_id 
_pdbx_database_related.details 
_pdbx_database_related.content_type 
PDB 1YCR 'Structure of human Mdm2 in complex with a wild-type p53 peptide'    unspecified 
PDB 1T4F 'Structure of human Mdm2 in complex with an optimized p53 peptide'   unspecified 
PDB 1T4E 'Structure of human Mdm2 in complex with a small molecule inhibitor' unspecified 
PDB 1RV1 'Structure of human Mdm2 in complex with a small molecule inhibitor' unspecified 
# 
_pdbx_database_status.status_code                     REL 
_pdbx_database_status.entry_id                        3EQS 
_pdbx_database_status.recvd_initial_deposition_date   2008-10-01 
_pdbx_database_status.deposit_site                    RCSB 
_pdbx_database_status.process_site                    RCSB 
_pdbx_database_status.status_code_sf                  REL 
_pdbx_database_status.status_code_mr                  ? 
_pdbx_database_status.SG_entry                        ? 
_pdbx_database_status.pdb_format_compatible           Y 
_pdbx_database_status.status_code_cs                  ? 
_pdbx_database_status.status_code_nmr_data            ? 
_pdbx_database_status.methods_development_category    ? 
# 
loop_
_audit_author.name 
_audit_author.pdbx_ordinal 
'Pazgier, M.' 1 
'Lu, W.'      2 
# 
_citation.id                        primary 
_citation.title                     'Structural basis for high-affinity peptide inhibition of p53 interactions with MDM2 and MDMX.' 
_citation.journal_abbrev            Proc.Natl.Acad.Sci.USA 
_citation.journal_volume            106 
_citation.page_first                4665 
_citation.page_last                 4670 
_citation.year                      2009 
_citation.journal_id_ASTM           PNASA6 
_citation.country                   US 
_citation.journal_id_ISSN           0027-8424 
_citation.journal_id_CSD            0040 
_citation.book_publisher            ? 
_citation.pdbx_database_id_PubMed   19255450 
_citation.pdbx_database_id_DOI      10.1073/pnas.0900947106 
# 
loop_
_citation_author.citation_id 
_citation_author.name 
_citation_author.ordinal 
_citation_author.identifier_ORCID 
primary 'Pazgier, M.'   1  ? 
primary 'Liu, M.'       2  ? 
primary 'Zou, G.'       3  ? 
primary 'Yuan, W.'      4  ? 
primary 'Li, C.'        5  ? 
primary 'Li, C.'        6  ? 
primary 'Li, J.'        7  ? 
primary 'Monbo, J.'     8  ? 
primary 'Zella, D.'     9  ? 
primary 'Tarasov, S.G.' 10 ? 
primary 'Lu, W.'        11 ? 
# 
_cell.entry_id           3EQS 
_cell.length_a           71.517 
_cell.length_b           43.274 
_cell.length_c           35.036 
_cell.angle_alpha        90.00 
_cell.angle_beta         116.51 
_cell.angle_gamma        90.00 
_cell.Z_PDB              4 
_cell.pdbx_unique_axis   ? 
_cell.length_a_esd       ? 
_cell.length_b_esd       ? 
_cell.length_c_esd       ? 
_cell.angle_alpha_esd    ? 
_cell.angle_beta_esd     ? 
_cell.angle_gamma_esd    ? 
# 
_symmetry.entry_id                         3EQS 
_symmetry.space_group_name_H-M             'C 1 2 1' 
_symmetry.pdbx_full_space_group_name_H-M   ? 
_symmetry.cell_setting                     ? 
_symmetry.Int_Tables_number                5 
_symmetry.space_group_name_Hall            ? 
# 
loop_
_entity.id 
_entity.type 
_entity.src_method 
_entity.pdbx_description 
_entity.formula_weight 
_entity.pdbx_number_of_molecules 
_entity.pdbx_ec 
_entity.pdbx_mutation 
_entity.pdbx_fragment 
_entity.details 
1 polymer     syn 'E3 ubiquitin-protein ligase Mdm2' 10044.889 1   6.3.2.- ? 'UNP residues 25-109' ? 
2 polymer     syn '12-mer peptide inhibitor'         1427.557  1   ?       ? ?                     ? 
3 non-polymer syn GUANIDINE                          59.070    1   ?       ? ?                     ? 
4 water       nat water                              18.015    117 ?       ? ?                     ? 
# 
_entity_name_com.entity_id   1 
_entity_name_com.name        'p53-binding protein Mdm2, Oncoprotein Mdm2, Double minute 2 protein, Hdm2' 
# 
loop_
_entity_poly.entity_id 
_entity_poly.type 
_entity_poly.nstd_linkage 
_entity_poly.nstd_monomer 
_entity_poly.pdbx_seq_one_letter_code 
_entity_poly.pdbx_seq_one_letter_code_can 
_entity_poly.pdbx_strand_id 
_entity_poly.pdbx_target_identifier 
1 'polypeptide(L)' no no 
;ETLVRPKPLLLKLLKSVGAQKDTYTMKEVLFYLGQYIMTKRLYDEKQQHIVYCSNDLLGDLFGVPSFSVKEHRKIYTMIY
RNLVV
;
;ETLVRPKPLLLKLLKSVGAQKDTYTMKEVLFYLGQYIMTKRLYDEKQQHIVYCSNDLLGDLFGVPSFSVKEHRKIYTMIY
RNLVV
;
A ? 
2 'polypeptide(L)' no no TSFAEYWNLLSP                                                                             TSFAEYWNLLSP B ? 
# 
loop_
_entity_poly_seq.entity_id 
_entity_poly_seq.num 
_entity_poly_seq.mon_id 
_entity_poly_seq.hetero 
1 1  GLU n 
1 2  THR n 
1 3  LEU n 
1 4  VAL n 
1 5  ARG n 
1 6  PRO n 
1 7  LYS n 
1 8  PRO n 
1 9  LEU n 
1 10 LEU n 
1 11 LEU n 
1 12 LYS n 
1 13 LEU n 
1 14 LEU n 
1 15 LYS n 
1 16 SER n 
1 17 VAL n 
1 18 GLY n 
1 19 ALA n 
1 20 GLN n 
1 21 LYS n 
1 22 ASP n 
1 23 THR n 
1 24 TYR n 
1 25 THR n 
1 26 MET n 
1 27 LYS n 
1 28 GLU n 
1 29 VAL n 
1 30 LEU n 
1 31 PHE n 
1 32 TYR n 
1 33 LEU n 
1 34 GLY n 
1 35 GLN n 
1 36 TYR n 
1 37 ILE n 
1 38 MET n 
1 39 THR n 
1 40 LYS n 
1 41 ARG n 
1 42 LEU n 
1 43 TYR n 
1 44 ASP n 
1 45 GLU n 
1 46 LYS n 
1 47 GLN n 
1 48 GLN n 
1 49 HIS n 
1 50 ILE n 
1 51 VAL n 
1 52 TYR n 
1 53 CYS n 
1 54 SER n 
1 55 ASN n 
1 56 ASP n 
1 57 LEU n 
1 58 LEU n 
1 59 GLY n 
1 60 ASP n 
1 61 LEU n 
1 62 PHE n 
1 63 GLY n 
1 64 VAL n 
1 65 PRO n 
1 66 SER n 
1 67 PHE n 
1 68 SER n 
1 69 VAL n 
1 70 LYS n 
1 71 GLU n 
1 72 HIS n 
1 73 ARG n 
1 74 LYS n 
1 75 ILE n 
1 76 TYR n 
1 77 THR n 
1 78 MET n 
1 79 ILE n 
1 80 TYR n 
1 81 ARG n 
1 82 ASN n 
1 83 LEU n 
1 84 VAL n 
1 85 VAL n 
2 1  THR n 
2 2  SER n 
2 3  PHE n 
2 4  ALA n 
2 5  GLU n 
2 6  TYR n 
2 7  TRP n 
2 8  ASN n 
2 9  LEU n 
2 10 LEU n 
2 11 SER n 
2 12 PRO n 
# 
loop_
_pdbx_entity_src_syn.entity_id 
_pdbx_entity_src_syn.pdbx_src_id 
_pdbx_entity_src_syn.pdbx_alt_source_flag 
_pdbx_entity_src_syn.pdbx_beg_seq_num 
_pdbx_entity_src_syn.pdbx_end_seq_num 
_pdbx_entity_src_syn.organism_scientific 
_pdbx_entity_src_syn.organism_common_name 
_pdbx_entity_src_syn.ncbi_taxonomy_id 
_pdbx_entity_src_syn.details 
1 1 sample ? ? ? ? ? 'this sequence occurs naturally in Homo sapiens'                                      
2 1 sample ? ? ? ? ? 'peptide identified by screening a duodecimal peptide library displayed on M13 phage' 
# 
loop_
_struct_ref.id 
_struct_ref.db_name 
_struct_ref.db_code 
_struct_ref.pdbx_db_accession 
_struct_ref.entity_id 
_struct_ref.pdbx_seq_one_letter_code 
_struct_ref.pdbx_align_begin 
_struct_ref.pdbx_db_isoform 
1 UNP MDM2_HUMAN Q00987 1 
;ETLVRPKPLLLKLLKSVGAQKDTYTMKEVLFYLGQYIMTKRLYDEKQQHIVYCSNDLLGDLFGVPSFSVKEHRKIYTMIY
RNLVV
;
25 ? 
2 PDB 3EQS       3EQS   2 TSFAEYWNLLSP                                                                             1  ? 
# 
loop_
_struct_ref_seq.align_id 
_struct_ref_seq.ref_id 
_struct_ref_seq.pdbx_PDB_id_code 
_struct_ref_seq.pdbx_strand_id 
_struct_ref_seq.seq_align_beg 
_struct_ref_seq.pdbx_seq_align_beg_ins_code 
_struct_ref_seq.seq_align_end 
_struct_ref_seq.pdbx_seq_align_end_ins_code 
_struct_ref_seq.pdbx_db_accession 
_struct_ref_seq.db_align_beg 
_struct_ref_seq.pdbx_db_align_beg_ins_code 
_struct_ref_seq.db_align_end 
_struct_ref_seq.pdbx_db_align_end_ins_code 
_struct_ref_seq.pdbx_auth_seq_align_beg 
_struct_ref_seq.pdbx_auth_seq_align_end 
1 1 3EQS A 1 ? 85 ? Q00987 25 ? 109 ? 25 109 
2 2 3EQS B 1 ? 12 ? 3EQS   1  ? 12  ? 1  12  
# 
loop_
_chem_comp.id 
_chem_comp.type 
_chem_comp.mon_nstd_flag 
_chem_comp.name 
_chem_comp.pdbx_synonyms 
_chem_comp.formula 
_chem_comp.formula_weight 
ALA 'L-peptide linking' y ALANINE         ? 'C3 H7 N O2'     89.093  
ARG 'L-peptide linking' y ARGININE        ? 'C6 H15 N4 O2 1' 175.209 
ASN 'L-peptide linking' y ASPARAGINE      ? 'C4 H8 N2 O3'    132.118 
ASP 'L-peptide linking' y 'ASPARTIC ACID' ? 'C4 H7 N O4'     133.103 
CYS 'L-peptide linking' y CYSTEINE        ? 'C3 H7 N O2 S'   121.158 
GAI non-polymer         . GUANIDINE       ? 'C H5 N3'        59.070  
GLN 'L-peptide linking' y GLUTAMINE       ? 'C5 H10 N2 O3'   146.144 
GLU 'L-peptide linking' y 'GLUTAMIC ACID' ? 'C5 H9 N O4'     147.129 
GLY 'peptide linking'   y GLYCINE         ? 'C2 H5 N O2'     75.067  
HIS 'L-peptide linking' y HISTIDINE       ? 'C6 H10 N3 O2 1' 156.162 
HOH non-polymer         . WATER           ? 'H2 O'           18.015  
ILE 'L-peptide linking' y ISOLEUCINE      ? 'C6 H13 N O2'    131.173 
LEU 'L-peptide linking' y LEUCINE         ? 'C6 H13 N O2'    131.173 
LYS 'L-peptide linking' y LYSINE          ? 'C6 H15 N2 O2 1' 147.195 
MET 'L-peptide linking' y METHIONINE      ? 'C5 H11 N O2 S'  149.211 
PHE 'L-peptide linking' y PHENYLALANINE   ? 'C9 H11 N O2'    165.189 
PRO 'L-peptide linking' y PROLINE         ? 'C5 H9 N O2'     115.130 
SER 'L-peptide linking' y SERINE          ? 'C3 H7 N O3'     105.093 
THR 'L-peptide linking' y THREONINE       ? 'C4 H9 N O3'     119.119 
TRP 'L-peptide linking' y TRYPTOPHAN      ? 'C11 H12 N2 O2'  204.225 
TYR 'L-peptide linking' y TYROSINE        ? 'C9 H11 N O3'    181.189 
VAL 'L-peptide linking' y VALINE          ? 'C5 H11 N O2'    117.146 
# 
_exptl.entry_id          3EQS 
_exptl.method            'X-RAY DIFFRACTION' 
_exptl.crystals_number   1 
# 
_exptl_crystal.id                    1 
_exptl_crystal.density_meas          ? 
_exptl_crystal.density_Matthews      2.11 
_exptl_crystal.density_percent_sol   41.83 
_exptl_crystal.description           ? 
_exptl_crystal.F_000                 ? 
_exptl_crystal.preparation           ? 
# 
_exptl_crystal_grow.crystal_id      1 
_exptl_crystal_grow.method          'VAPOR DIFFUSION, HANGING DROP' 
_exptl_crystal_grow.temp            298 
_exptl_crystal_grow.temp_details    ? 
_exptl_crystal_grow.pH              5.6 
_exptl_crystal_grow.pdbx_pH_range   ? 
_exptl_crystal_grow.pdbx_details    
'0.2 M Ammonium acetate, 0.1M Sodium citrate, 30% PEG 4000, pH 5.6, VAPOR DIFFUSION, HANGING DROP, temperature 298K' 
# 
_diffrn.id                     1 
_diffrn.ambient_temp           100 
_diffrn.ambient_temp_details   ? 
_diffrn.crystal_id             1 
# 
_diffrn_detector.diffrn_id              1 
_diffrn_detector.detector               'IMAGE PLATE' 
_diffrn_detector.type                   'RIGAKU RAXIS IV++' 
_diffrn_detector.pdbx_collection_date   2008-06-14 
_diffrn_detector.details                confocal 
# 
_diffrn_radiation.diffrn_id                        1 
_diffrn_radiation.wavelength_id                    1 
_diffrn_radiation.pdbx_monochromatic_or_laue_m_l   M 
_diffrn_radiation.monochromator                    ? 
_diffrn_radiation.pdbx_diffrn_protocol             'SINGLE WAVELENGTH' 
_diffrn_radiation.pdbx_scattering_type             x-ray 
# 
_diffrn_radiation_wavelength.id           1 
_diffrn_radiation_wavelength.wavelength   1.54 
_diffrn_radiation_wavelength.wt           1.0 
# 
_diffrn_source.diffrn_id                   1 
_diffrn_source.source                      'ROTATING ANODE' 
_diffrn_source.type                        'RIGAKU MICROMAX-007' 
_diffrn_source.pdbx_synchrotron_site       ? 
_diffrn_source.pdbx_synchrotron_beamline   ? 
_diffrn_source.pdbx_wavelength             ? 
_diffrn_source.pdbx_wavelength_list        1.54 
# 
_reflns.entry_id                     3EQS 
_reflns.observed_criterion_sigma_I   ? 
_reflns.observed_criterion_sigma_F   ? 
_reflns.d_resolution_low             35.85 
_reflns.d_resolution_high            1.63 
_reflns.number_obs                   11993 
_reflns.number_all                   12051 
_reflns.percent_possible_obs         99.5 
_reflns.pdbx_Rmerge_I_obs            0.058 
_reflns.pdbx_Rsym_value              0.064 
_reflns.pdbx_netI_over_sigmaI        46.9 
_reflns.B_iso_Wilson_estimate        ? 
_reflns.pdbx_redundancy              7 
_reflns.R_free_details               ? 
_reflns.limit_h_max                  ? 
_reflns.limit_h_min                  ? 
_reflns.limit_k_max                  ? 
_reflns.limit_k_min                  ? 
_reflns.limit_l_max                  ? 
_reflns.limit_l_min                  ? 
_reflns.observed_criterion_F_max     ? 
_reflns.observed_criterion_F_min     ? 
_reflns.pdbx_chi_squared             ? 
_reflns.pdbx_scaling_rejects         ? 
_reflns.pdbx_ordinal                 1 
_reflns.pdbx_diffrn_id               1 
# 
_reflns_shell.d_res_high             1.63 
_reflns_shell.d_res_low              1.69 
_reflns_shell.percent_possible_all   95.1 
_reflns_shell.Rmerge_I_obs           0.217 
_reflns_shell.pdbx_Rsym_value        0.238 
_reflns_shell.meanI_over_sigI_obs    13.6 
_reflns_shell.pdbx_redundancy        6.6 
_reflns_shell.percent_possible_obs   ? 
_reflns_shell.number_unique_all      ? 
_reflns_shell.number_measured_all    ? 
_reflns_shell.number_measured_obs    ? 
_reflns_shell.number_unique_obs      ? 
_reflns_shell.pdbx_chi_squared       ? 
_reflns_shell.pdbx_ordinal           1 
_reflns_shell.pdbx_diffrn_id         1 
# 
_refine.entry_id                                 3EQS 
_refine.ls_number_reflns_obs                     11009 
_refine.ls_number_reflns_all                     12004 
_refine.pdbx_ls_sigma_I                          ? 
_refine.pdbx_ls_sigma_F                          ? 
_refine.pdbx_data_cutoff_high_absF               ? 
_refine.pdbx_data_cutoff_low_absF                ? 
_refine.pdbx_data_cutoff_high_rms_absF           ? 
_refine.ls_d_res_low                             15.00 
_refine.ls_d_res_high                            1.65 
_refine.ls_percent_reflns_obs                    99.60 
_refine.ls_R_factor_obs                          0.15610 
_refine.ls_R_factor_all                          ? 
_refine.ls_R_factor_R_work                       0.15435 
_refine.ls_R_factor_R_free                       0.19276 
_refine.ls_R_factor_R_free_error                 ? 
_refine.ls_R_factor_R_free_error_details         ? 
_refine.ls_percent_reflns_R_free                 4.8 
_refine.ls_number_reflns_R_free                  553 
_refine.ls_number_parameters                     ? 
_refine.ls_number_restraints                     ? 
_refine.occupancy_min                            ? 
_refine.occupancy_max                            ? 
_refine.correlation_coeff_Fo_to_Fc               0.972 
_refine.correlation_coeff_Fo_to_Fc_free          0.959 
_refine.B_iso_mean                               17.703 
_refine.aniso_B[1][1]                            -0.36 
_refine.aniso_B[2][2]                            0.02 
_refine.aniso_B[3][3]                            0.31 
_refine.aniso_B[1][2]                            0.00 
_refine.aniso_B[1][3]                            -0.04 
_refine.aniso_B[2][3]                            0.00 
_refine.solvent_model_details                    'BABINET MODEL WITH MASK' 
_refine.solvent_model_param_ksol                 ? 
_refine.solvent_model_param_bsol                 ? 
_refine.pdbx_solvent_vdw_probe_radii             1.20 
_refine.pdbx_solvent_ion_probe_radii             0.80 
_refine.pdbx_solvent_shrinkage_radii             0.80 
_refine.pdbx_ls_cross_valid_method               THROUGHOUT 
_refine.details                                  ? 
_refine.pdbx_starting_model                      'PDB ENTRY 1YCR' 
_refine.pdbx_method_to_determine_struct          'MOLECULAR REPLACEMENT' 
_refine.pdbx_isotropic_thermal_model             ? 
_refine.pdbx_stereochemistry_target_values       'MAXIMUM LIKELIHOOD' 
_refine.pdbx_stereochem_target_val_spec_case     ? 
_refine.pdbx_R_Free_selection_details            RANDOM 
_refine.pdbx_overall_ESU_R                       0.098 
_refine.pdbx_overall_ESU_R_Free                  0.098 
_refine.overall_SU_ML                            0.055 
_refine.pdbx_overall_phase_error                 ? 
_refine.overall_SU_B                             3.515 
_refine.pdbx_refine_id                           'X-RAY DIFFRACTION' 
_refine.ls_redundancy_reflns_obs                 ? 
_refine.B_iso_min                                ? 
_refine.B_iso_max                                ? 
_refine.overall_SU_R_Cruickshank_DPI             ? 
_refine.overall_SU_R_free                        ? 
_refine.ls_wR_factor_R_free                      ? 
_refine.ls_wR_factor_R_work                      ? 
_refine.overall_FOM_free_R_set                   ? 
_refine.overall_FOM_work_R_set                   ? 
_refine.pdbx_TLS_residual_ADP_flag               'LIKELY RESIDUAL' 
_refine.pdbx_diffrn_id                           1 
_refine.pdbx_overall_SU_R_free_Cruickshank_DPI   ? 
_refine.pdbx_overall_SU_R_Blow_DPI               ? 
_refine.pdbx_overall_SU_R_free_Blow_DPI          ? 
# 
_refine_hist.pdbx_refine_id                   'X-RAY DIFFRACTION' 
_refine_hist.cycle_id                         LAST 
_refine_hist.pdbx_number_atoms_protein        791 
_refine_hist.pdbx_number_atoms_nucleic_acid   0 
_refine_hist.pdbx_number_atoms_ligand         4 
_refine_hist.number_atoms_solvent             117 
_refine_hist.number_atoms_total               912 
_refine_hist.d_res_high                       1.65 
_refine_hist.d_res_low                        15.00 
# 
loop_
_refine_ls_restr.type 
_refine_ls_restr.dev_ideal 
_refine_ls_restr.dev_ideal_target 
_refine_ls_restr.weight 
_refine_ls_restr.number 
_refine_ls_restr.pdbx_refine_id 
_refine_ls_restr.pdbx_restraint_function 
r_bond_refined_d             0.015  0.022  ? 916  'X-RAY DIFFRACTION' ? 
r_bond_other_d               ?      ?      ? ?    'X-RAY DIFFRACTION' ? 
r_angle_refined_deg          1.524  2.007  ? 1256 'X-RAY DIFFRACTION' ? 
r_angle_other_deg            ?      ?      ? ?    'X-RAY DIFFRACTION' ? 
r_dihedral_angle_1_deg       5.689  5.000  ? 120  'X-RAY DIFFRACTION' ? 
r_dihedral_angle_2_deg       34.673 23.333 ? 39   'X-RAY DIFFRACTION' ? 
r_dihedral_angle_3_deg       14.338 15.000 ? 190  'X-RAY DIFFRACTION' ? 
r_dihedral_angle_4_deg       9.415  15.000 ? 5    'X-RAY DIFFRACTION' ? 
r_chiral_restr               0.098  0.200  ? 144  'X-RAY DIFFRACTION' ? 
r_gen_planes_refined         0.008  0.021  ? 675  'X-RAY DIFFRACTION' ? 
r_gen_planes_other           ?      ?      ? ?    'X-RAY DIFFRACTION' ? 
r_nbd_refined                ?      ?      ? ?    'X-RAY DIFFRACTION' ? 
r_nbd_other                  ?      ?      ? ?    'X-RAY DIFFRACTION' ? 
r_nbtor_refined              ?      ?      ? ?    'X-RAY DIFFRACTION' ? 
r_nbtor_other                ?      ?      ? ?    'X-RAY DIFFRACTION' ? 
r_xyhbond_nbd_refined        ?      ?      ? ?    'X-RAY DIFFRACTION' ? 
r_xyhbond_nbd_other          ?      ?      ? ?    'X-RAY DIFFRACTION' ? 
r_metal_ion_refined          ?      ?      ? ?    'X-RAY DIFFRACTION' ? 
r_metal_ion_other            ?      ?      ? ?    'X-RAY DIFFRACTION' ? 
r_symmetry_vdw_refined       ?      ?      ? ?    'X-RAY DIFFRACTION' ? 
r_symmetry_vdw_other         ?      ?      ? ?    'X-RAY DIFFRACTION' ? 
r_symmetry_hbond_refined     ?      ?      ? ?    'X-RAY DIFFRACTION' ? 
r_symmetry_hbond_other       ?      ?      ? ?    'X-RAY DIFFRACTION' ? 
r_symmetry_metal_ion_refined ?      ?      ? ?    'X-RAY DIFFRACTION' ? 
r_symmetry_metal_ion_other   ?      ?      ? ?    'X-RAY DIFFRACTION' ? 
r_mcbond_it                  0.879  1.500  ? 524  'X-RAY DIFFRACTION' ? 
r_mcbond_other               ?      ?      ? ?    'X-RAY DIFFRACTION' ? 
r_mcangle_it                 1.517  2.000  ? 864  'X-RAY DIFFRACTION' ? 
r_scbond_it                  2.331  3.000  ? 392  'X-RAY DIFFRACTION' ? 
r_scangle_it                 3.657  4.500  ? 378  'X-RAY DIFFRACTION' ? 
r_rigid_bond_restr           ?      ?      ? ?    'X-RAY DIFFRACTION' ? 
r_sphericity_free            ?      ?      ? ?    'X-RAY DIFFRACTION' ? 
r_sphericity_bonded          ?      ?      ? ?    'X-RAY DIFFRACTION' ? 
# 
loop_
_refine_ls_restr_ncs.dom_id 
_refine_ls_restr_ncs.pdbx_auth_asym_id 
_refine_ls_restr_ncs.pdbx_number 
_refine_ls_restr_ncs.rms_dev_position 
_refine_ls_restr_ncs.weight_position 
_refine_ls_restr_ncs.pdbx_type 
_refine_ls_restr_ncs.pdbx_ens_id 
_refine_ls_restr_ncs.pdbx_refine_id 
_refine_ls_restr_ncs.pdbx_ordinal 
_refine_ls_restr_ncs.ncs_model_details 
_refine_ls_restr_ncs.rms_dev_B_iso 
_refine_ls_restr_ncs.weight_B_iso 
_refine_ls_restr_ncs.pdbx_asym_id 
_refine_ls_restr_ncs.pdbx_rms 
_refine_ls_restr_ncs.pdbx_weight 
1 A 778 0.00 5.00  'loose positional' 1 'X-RAY DIFFRACTION' 1 ? ? ? ? ? ? 
2 B 94  0.00 5.00  'loose positional' 2 'X-RAY DIFFRACTION' 2 ? ? ? ? ? ? 
1 A 778 0.00 10.00 'loose thermal'    1 'X-RAY DIFFRACTION' 3 ? ? ? ? ? ? 
2 B 94  0.00 10.00 'loose thermal'    2 'X-RAY DIFFRACTION' 4 ? ? ? ? ? ? 
# 
_refine_ls_shell.pdbx_total_number_of_bins_used   20 
_refine_ls_shell.d_res_high                       1.650 
_refine_ls_shell.d_res_low                        1.692 
_refine_ls_shell.number_reflns_R_work             775 
_refine_ls_shell.R_factor_R_work                  0.182 
_refine_ls_shell.percent_reflns_obs               98.54 
_refine_ls_shell.R_factor_R_free                  0.259 
_refine_ls_shell.R_factor_R_free_error            ? 
_refine_ls_shell.percent_reflns_R_free            ? 
_refine_ls_shell.number_reflns_R_free             35 
_refine_ls_shell.number_reflns_all                ? 
_refine_ls_shell.R_factor_all                     ? 
_refine_ls_shell.pdbx_refine_id                   'X-RAY DIFFRACTION' 
_refine_ls_shell.redundancy_reflns_obs            ? 
_refine_ls_shell.number_reflns_obs                ? 
# 
loop_
_struct_ncs_dom.id 
_struct_ncs_dom.details 
_struct_ncs_dom.pdbx_ens_id 
1 A 1 
2 A 1 
1 B 2 
2 B 2 
# 
loop_
_struct_ncs_dom_lim.pdbx_ens_id 
_struct_ncs_dom_lim.dom_id 
_struct_ncs_dom_lim.pdbx_component_id 
_struct_ncs_dom_lim.beg_label_asym_id 
_struct_ncs_dom_lim.beg_label_comp_id 
_struct_ncs_dom_lim.beg_label_seq_id 
_struct_ncs_dom_lim.beg_label_alt_id 
_struct_ncs_dom_lim.end_label_asym_id 
_struct_ncs_dom_lim.end_label_comp_id 
_struct_ncs_dom_lim.end_label_seq_id 
_struct_ncs_dom_lim.end_label_alt_id 
_struct_ncs_dom_lim.beg_auth_asym_id 
_struct_ncs_dom_lim.beg_auth_comp_id 
_struct_ncs_dom_lim.beg_auth_seq_id 
_struct_ncs_dom_lim.end_auth_asym_id 
_struct_ncs_dom_lim.end_auth_comp_id 
_struct_ncs_dom_lim.end_auth_seq_id 
_struct_ncs_dom_lim.pdbx_refine_code 
_struct_ncs_dom_lim.selection_details 
1 1 1 A THR 2 . A VAL 84 . A THR 26 A VAL 108 6 ? 
1 2 1 A THR 2 . A VAL 84 . A THR 26 A VAL 108 6 ? 
2 1 1 B THR 1 . B SER 11 . B THR 1  B SER 11  6 ? 
2 2 1 B THR 1 . B SER 11 . B THR 1  B SER 11  6 ? 
# 
loop_
_struct_ncs_ens.id 
_struct_ncs_ens.details 
1 ? 
2 ? 
# 
_struct.entry_id                  3EQS 
_struct.title                     'Crystal structure of human MDM2 in complex with a 12-mer peptide inhibitor' 
_struct.pdbx_model_details        ? 
_struct.pdbx_CASP_flag            ? 
_struct.pdbx_model_type_details   ? 
# 
_struct_keywords.entry_id        3EQS 
_struct_keywords.pdbx_keywords   LIGASE 
_struct_keywords.text            
;MDM2, MDM2-peptide inhibitor complex, oncoprotein, Host-virus interaction, Ligase, Metal-binding, Nucleus, Phosphoprotein, Proto-oncogene, Ubl conjugation pathway, Zinc-finger
;
# 
loop_
_struct_asym.id 
_struct_asym.pdbx_blank_PDB_chainid_flag 
_struct_asym.pdbx_modified 
_struct_asym.entity_id 
_struct_asym.details 
A N N 1 ? 
B N N 2 ? 
C N N 3 ? 
D N N 4 ? 
E N N 4 ? 
# 
_struct_biol.id        1 
_struct_biol.details   ? 
# 
loop_
_struct_conf.conf_type_id 
_struct_conf.id 
_struct_conf.pdbx_PDB_helix_id 
_struct_conf.beg_label_comp_id 
_struct_conf.beg_label_asym_id 
_struct_conf.beg_label_seq_id 
_struct_conf.pdbx_beg_PDB_ins_code 
_struct_conf.end_label_comp_id 
_struct_conf.end_label_asym_id 
_struct_conf.end_label_seq_id 
_struct_conf.pdbx_end_PDB_ins_code 
_struct_conf.beg_auth_comp_id 
_struct_conf.beg_auth_asym_id 
_struct_conf.beg_auth_seq_id 
_struct_conf.end_auth_comp_id 
_struct_conf.end_auth_asym_id 
_struct_conf.end_auth_seq_id 
_struct_conf.pdbx_PDB_helix_class 
_struct_conf.details 
_struct_conf.pdbx_PDB_helix_length 
HELX_P HELX_P1 1 LYS A 7  ? VAL A 17 ? LYS A 31 VAL A 41  1 ? 11 
HELX_P HELX_P2 2 MET A 26 ? ARG A 41 ? MET A 50 ARG A 65  1 ? 16 
HELX_P HELX_P3 3 ASP A 56 ? GLY A 63 ? ASP A 80 GLY A 87  1 ? 8  
HELX_P HELX_P4 4 GLU A 71 ? ASN A 82 ? GLU A 95 ASN A 106 1 ? 12 
HELX_P HELX_P5 5 SER B 2  ? LEU B 9  ? SER B 2  LEU B 9   1 ? 8  
# 
_struct_conf_type.id          HELX_P 
_struct_conf_type.criteria    ? 
_struct_conf_type.reference   ? 
# 
loop_
_struct_sheet.id 
_struct_sheet.type 
_struct_sheet.number_strands 
_struct_sheet.details 
A ? 2 ? 
B ? 2 ? 
# 
loop_
_struct_sheet_order.sheet_id 
_struct_sheet_order.range_id_1 
_struct_sheet_order.range_id_2 
_struct_sheet_order.offset 
_struct_sheet_order.sense 
A 1 2 ? anti-parallel 
B 1 2 ? anti-parallel 
# 
loop_
_struct_sheet_range.sheet_id 
_struct_sheet_range.id 
_struct_sheet_range.beg_label_comp_id 
_struct_sheet_range.beg_label_asym_id 
_struct_sheet_range.beg_label_seq_id 
_struct_sheet_range.pdbx_beg_PDB_ins_code 
_struct_sheet_range.end_label_comp_id 
_struct_sheet_range.end_label_asym_id 
_struct_sheet_range.end_label_seq_id 
_struct_sheet_range.pdbx_end_PDB_ins_code 
_struct_sheet_range.beg_auth_comp_id 
_struct_sheet_range.beg_auth_asym_id 
_struct_sheet_range.beg_auth_seq_id 
_struct_sheet_range.end_auth_comp_id 
_struct_sheet_range.end_auth_asym_id 
_struct_sheet_range.end_auth_seq_id 
A 1 LEU A 3  ? VAL A 4  ? LEU A 27 VAL A 28 
A 2 TYR A 24 ? THR A 25 ? TYR A 48 THR A 49 
B 1 ILE A 50 ? TYR A 52 ? ILE A 74 TYR A 76 
B 2 SER A 66 ? SER A 68 ? SER A 90 SER A 92 
# 
loop_
_pdbx_struct_sheet_hbond.sheet_id 
_pdbx_struct_sheet_hbond.range_id_1 
_pdbx_struct_sheet_hbond.range_id_2 
_pdbx_struct_sheet_hbond.range_1_label_atom_id 
_pdbx_struct_sheet_hbond.range_1_label_comp_id 
_pdbx_struct_sheet_hbond.range_1_label_asym_id 
_pdbx_struct_sheet_hbond.range_1_label_seq_id 
_pdbx_struct_sheet_hbond.range_1_PDB_ins_code 
_pdbx_struct_sheet_hbond.range_1_auth_atom_id 
_pdbx_struct_sheet_hbond.range_1_auth_comp_id 
_pdbx_struct_sheet_hbond.range_1_auth_asym_id 
_pdbx_struct_sheet_hbond.range_1_auth_seq_id 
_pdbx_struct_sheet_hbond.range_2_label_atom_id 
_pdbx_struct_sheet_hbond.range_2_label_comp_id 
_pdbx_struct_sheet_hbond.range_2_label_asym_id 
_pdbx_struct_sheet_hbond.range_2_label_seq_id 
_pdbx_struct_sheet_hbond.range_2_PDB_ins_code 
_pdbx_struct_sheet_hbond.range_2_auth_atom_id 
_pdbx_struct_sheet_hbond.range_2_auth_comp_id 
_pdbx_struct_sheet_hbond.range_2_auth_asym_id 
_pdbx_struct_sheet_hbond.range_2_auth_seq_id 
A 1 2 N VAL A 4  ? N VAL A 28 O TYR A 24 ? O TYR A 48 
B 1 2 N VAL A 51 ? N VAL A 75 O PHE A 67 ? O PHE A 91 
# 
_struct_site.id                   AC1 
_struct_site.pdbx_evidence_code   Software 
_struct_site.pdbx_auth_asym_id    A 
_struct_site.pdbx_auth_comp_id    GAI 
_struct_site.pdbx_auth_seq_id     201 
_struct_site.pdbx_auth_ins_code   ? 
_struct_site.pdbx_num_residues    4 
_struct_site.details              'BINDING SITE FOR RESIDUE GAI A 201' 
# 
loop_
_struct_site_gen.id 
_struct_site_gen.site_id 
_struct_site_gen.pdbx_num_res 
_struct_site_gen.label_comp_id 
_struct_site_gen.label_asym_id 
_struct_site_gen.label_seq_id 
_struct_site_gen.pdbx_auth_ins_code 
_struct_site_gen.auth_comp_id 
_struct_site_gen.auth_asym_id 
_struct_site_gen.auth_seq_id 
_struct_site_gen.label_atom_id 
_struct_site_gen.label_alt_id 
_struct_site_gen.symmetry 
_struct_site_gen.details 
1 AC1 4 TYR A 52 ? TYR A 76  . ? 4_445 ? 
2 AC1 4 HIS A 72 ? HIS A 96  . ? 1_555 ? 
3 AC1 4 TYR A 76 ? TYR A 100 . ? 1_555 ? 
4 AC1 4 LEU B 10 ? LEU B 10  . ? 1_555 ? 
# 
_atom_sites.entry_id                    3EQS 
_atom_sites.fract_transf_matrix[1][1]   -0.00201600 
_atom_sites.fract_transf_matrix[1][2]   -0.01456755 
_atom_sites.fract_transf_matrix[1][3]   0.00528178 
_atom_sites.fract_transf_matrix[2][1]   -0.02062773 
_atom_sites.fract_transf_matrix[2][2]   -0.00090802 
_atom_sites.fract_transf_matrix[2][3]   -0.01037778 
_atom_sites.fract_transf_matrix[3][1]   0.01049162 
_atom_sites.fract_transf_matrix[3][2]   -0.02353821 
_atom_sites.fract_transf_matrix[3][3]   -0.01879451 
_atom_sites.fract_transf_vector[1]      -0.164652 
_atom_sites.fract_transf_vector[2]      0.012735 
_atom_sites.fract_transf_vector[3]      -0.127314 
# 
loop_
_atom_type.symbol 
C 
N 
O 
S 
# 
loop_
_atom_site.group_PDB 
_atom_site.id 
_atom_site.type_symbol 
_atom_site.label_atom_id 
_atom_site.label_alt_id 
_atom_site.label_comp_id 
_atom_site.label_asym_id 
_atom_site.label_entity_id 
_atom_site.label_seq_id 
_atom_site.pdbx_PDB_ins_code 
_atom_site.Cartn_x 
_atom_site.Cartn_y 
_atom_site.Cartn_z 
_atom_site.occupancy 
_atom_site.B_iso_or_equiv 
_atom_site.pdbx_formal_charge 
_atom_site.auth_seq_id 
_atom_site.auth_comp_id 
_atom_site.auth_asym_id 
_atom_site.auth_atom_id 
_atom_site.pdbx_PDB_model_num 
ATOM   1    N N   . THR A 1 2  ? 15.993  -2.523  8.979   1.00 25.59 ? 26  THR A N   1 
ATOM   2    C CA  . THR A 1 2  ? 15.837  -1.034  9.172   1.00 25.43 ? 26  THR A CA  1 
ATOM   3    C C   . THR A 1 2  ? 14.371  -0.706  9.476   1.00 24.04 ? 26  THR A C   1 
ATOM   4    O O   . THR A 1 2  ? 13.457  -1.071  8.705   1.00 23.94 ? 26  THR A O   1 
ATOM   5    C CB  . THR A 1 2  ? 16.247  -0.198  7.904   1.00 25.62 ? 26  THR A CB  1 
ATOM   6    O OG1 . THR A 1 2  ? 17.603  -0.472  7.535   1.00 29.21 ? 26  THR A OG1 1 
ATOM   7    C CG2 . THR A 1 2  ? 16.141  1.276   8.188   1.00 26.40 ? 26  THR A CG2 1 
ATOM   8    N N   . LEU A 1 3  ? 14.138  -0.031  10.601  1.00 22.21 ? 27  LEU A N   1 
ATOM   9    C CA  . LEU A 1 3  ? 12.793  0.457   10.882  1.00 21.06 ? 27  LEU A CA  1 
ATOM   10   C C   . LEU A 1 3  ? 12.542  1.743   10.117  1.00 20.12 ? 27  LEU A C   1 
ATOM   11   O O   . LEU A 1 3  ? 13.438  2.581   9.979   1.00 20.95 ? 27  LEU A O   1 
ATOM   12   C CB  . LEU A 1 3  ? 12.589  0.694   12.371  1.00 20.90 ? 27  LEU A CB  1 
ATOM   13   C CG  . LEU A 1 3  ? 12.601  -0.572  13.209  1.00 22.01 ? 27  LEU A CG  1 
ATOM   14   C CD1 . LEU A 1 3  ? 12.626  -0.204  14.672  1.00 24.09 ? 27  LEU A CD1 1 
ATOM   15   C CD2 . LEU A 1 3  ? 11.385  -1.456  12.891  1.00 23.96 ? 27  LEU A CD2 1 
ATOM   16   N N   . VAL A 1 4  ? 11.314  1.898   9.643   1.00 17.81 ? 28  VAL A N   1 
ATOM   17   C CA  . VAL A 1 4  ? 10.902  3.130   8.964   1.00 16.78 ? 28  VAL A CA  1 
ATOM   18   C C   . VAL A 1 4  ? 9.726   3.743   9.729   1.00 14.80 ? 28  VAL A C   1 
ATOM   19   O O   . VAL A 1 4  ? 9.074   3.064   10.527  1.00 13.94 ? 28  VAL A O   1 
ATOM   20   C CB  . VAL A 1 4  ? 10.522  2.876   7.498   1.00 17.18 ? 28  VAL A CB  1 
ATOM   21   C CG1 . VAL A 1 4  ? 11.724  2.230   6.751   1.00 18.08 ? 28  VAL A CG1 1 
ATOM   22   C CG2 . VAL A 1 4  ? 9.257   1.981   7.391   1.00 17.89 ? 28  VAL A CG2 1 
ATOM   23   N N   . ARG A 1 5  ? 9.484   5.023   9.508   1.00 13.99 ? 29  ARG A N   1 
ATOM   24   C CA  . ARG A 1 5  ? 8.515   5.762   10.339  1.00 13.34 ? 29  ARG A CA  1 
ATOM   25   C C   . ARG A 1 5  ? 7.527   6.464   9.420   1.00 13.11 ? 29  ARG A C   1 
ATOM   26   O O   . ARG A 1 5  ? 7.827   7.544   8.880   1.00 14.43 ? 29  ARG A O   1 
ATOM   27   C CB  . ARG A 1 5  ? 9.266   6.777   11.183  1.00 13.44 ? 29  ARG A CB  1 
ATOM   28   C CG  . ARG A 1 5  ? 8.353   7.579   12.110  1.00 13.47 ? 29  ARG A CG  1 
ATOM   29   C CD  . ARG A 1 5  ? 9.163   8.575   12.963  1.00 13.93 ? 29  ARG A CD  1 
ATOM   30   N NE  . ARG A 1 5  ? 10.011  7.872   13.930  1.00 14.68 ? 29  ARG A NE  1 
ATOM   31   C CZ  . ARG A 1 5  ? 9.594   7.435   15.113  1.00 15.80 ? 29  ARG A CZ  1 
ATOM   32   N NH1 . ARG A 1 5  ? 8.335   7.631   15.507  1.00 14.64 ? 29  ARG A NH1 1 
ATOM   33   N NH2 . ARG A 1 5  ? 10.448  6.775   15.899  1.00 15.81 ? 29  ARG A NH2 1 
ATOM   34   N N   . PRO A 1 6  ? 6.332   5.874   9.231   1.00 13.33 ? 30  PRO A N   1 
ATOM   35   C CA  . PRO A 1 6  ? 5.364   6.488   8.309   1.00 12.93 ? 30  PRO A CA  1 
ATOM   36   C C   . PRO A 1 6  ? 4.962   7.909   8.699   1.00 12.71 ? 30  PRO A C   1 
ATOM   37   O O   . PRO A 1 6  ? 4.852   8.226   9.892   1.00 13.16 ? 30  PRO A O   1 
ATOM   38   C CB  . PRO A 1 6  ? 4.147   5.543   8.372   1.00 13.27 ? 30  PRO A CB  1 
ATOM   39   C CG  . PRO A 1 6  ? 4.792   4.199   8.707   1.00 13.03 ? 30  PRO A CG  1 
ATOM   40   C CD  . PRO A 1 6  ? 5.890   4.545   9.700   1.00 12.58 ? 30  PRO A CD  1 
ATOM   41   N N   . LYS A 1 7  ? 4.793   8.771   7.698   1.00 11.85 ? 31  LYS A N   1 
ATOM   42   C CA  . LYS A 1 7  ? 4.172   10.063  7.905   1.00 13.05 ? 31  LYS A CA  1 
ATOM   43   C C   . LYS A 1 7  ? 2.672   9.861   8.245   1.00 13.25 ? 31  LYS A C   1 
ATOM   44   O O   . LYS A 1 7  ? 2.165   8.740   8.193   1.00 12.83 ? 31  LYS A O   1 
ATOM   45   C CB  . LYS A 1 7  ? 4.351   10.940  6.659   1.00 12.35 ? 31  LYS A CB  1 
ATOM   46   C CG  . LYS A 1 7  ? 5.819   11.395  6.528   1.00 15.27 ? 31  LYS A CG  1 
ATOM   47   C CD  . LYS A 1 7  ? 6.098   12.072  5.194   1.00 17.60 ? 31  LYS A CD  1 
ATOM   48   C CE  . LYS A 1 7  ? 7.539   12.592  5.278   1.00 21.42 ? 31  LYS A CE  1 
ATOM   49   N NZ  . LYS A 1 7  ? 8.090   12.997  3.946   1.00 26.97 ? 31  LYS A NZ  1 
ATOM   50   N N   . PRO A 1 8  ? 1.975   10.936  8.640   1.00 13.47 ? 32  PRO A N   1 
ATOM   51   C CA  . PRO A 1 8  ? 0.640   10.748  9.212   1.00 13.57 ? 32  PRO A CA  1 
ATOM   52   C C   . PRO A 1 8  ? -0.418  10.074  8.336   1.00 14.13 ? 32  PRO A C   1 
ATOM   53   O O   . PRO A 1 8  ? -1.160  9.227   8.834   1.00 12.92 ? 32  PRO A O   1 
ATOM   54   C CB  . PRO A 1 8  ? 0.229   12.184  9.569   1.00 14.15 ? 32  PRO A CB  1 
ATOM   55   C CG  . PRO A 1 8  ? 1.553   12.786  9.987   1.00 13.56 ? 32  PRO A CG  1 
ATOM   56   C CD  . PRO A 1 8  ? 2.475   12.303  8.901   1.00 13.52 ? 32  PRO A CD  1 
ATOM   57   N N   . LEU A 1 9  ? -0.521  10.446  7.065   1.00 13.55 ? 33  LEU A N   1 
ATOM   58   C CA  A LEU A 1 9  ? -1.534  9.832   6.220   0.70 14.25 ? 33  LEU A CA  1 
ATOM   59   C CA  B LEU A 1 9  ? -1.507  9.828   6.179   0.30 13.55 ? 33  LEU A CA  1 
ATOM   60   C C   . LEU A 1 9  ? -1.252  8.331   6.036   1.00 13.08 ? 33  LEU A C   1 
ATOM   61   O O   . LEU A 1 9  ? -2.184  7.481   6.127   1.00 12.65 ? 33  LEU A O   1 
ATOM   62   C CB  A LEU A 1 9  ? -1.645  10.554  4.874   0.70 14.91 ? 33  LEU A CB  1 
ATOM   63   C CB  B LEU A 1 9  ? -1.479  10.502  4.807   0.30 13.79 ? 33  LEU A CB  1 
ATOM   64   C CG  A LEU A 1 9  ? -2.923  10.211  4.114   0.70 17.31 ? 33  LEU A CG  1 
ATOM   65   C CG  B LEU A 1 9  ? -2.081  11.901  4.820   0.30 13.87 ? 33  LEU A CG  1 
ATOM   66   C CD1 A LEU A 1 9  ? -4.171  10.543  4.925   0.70 18.81 ? 33  LEU A CD1 1 
ATOM   67   C CD1 B LEU A 1 9  ? -1.884  12.583  3.476   0.30 16.57 ? 33  LEU A CD1 1 
ATOM   68   C CD2 A LEU A 1 9  ? -2.957  10.982  2.806   0.70 20.53 ? 33  LEU A CD2 1 
ATOM   69   C CD2 B LEU A 1 9  ? -3.550  11.804  5.165   0.30 13.73 ? 33  LEU A CD2 1 
ATOM   70   N N   . LEU A 1 10 ? 0.013   7.968   5.815   1.00 12.89 ? 34  LEU A N   1 
ATOM   71   C CA  . LEU A 1 10 ? 0.326   6.561   5.670   1.00 12.67 ? 34  LEU A CA  1 
ATOM   72   C C   . LEU A 1 10 ? 0.084   5.851   7.003   1.00 12.48 ? 34  LEU A C   1 
ATOM   73   O O   . LEU A 1 10 ? -0.392  4.701   7.030   1.00 12.06 ? 34  LEU A O   1 
ATOM   74   C CB  . LEU A 1 10 ? 1.775   6.347   5.192   1.00 12.83 ? 34  LEU A CB  1 
ATOM   75   C CG  . LEU A 1 10 ? 2.262   4.883   5.116   1.00 13.33 ? 34  LEU A CG  1 
ATOM   76   C CD1 . LEU A 1 10 ? 1.394   4.067   4.167   1.00 13.21 ? 34  LEU A CD1 1 
ATOM   77   C CD2 . LEU A 1 10 ? 3.743   4.845   4.702   1.00 13.82 ? 34  LEU A CD2 1 
ATOM   78   N N   . LEU A 1 11 ? 0.390   6.525   8.116   1.00 12.60 ? 35  LEU A N   1 
ATOM   79   C CA  . LEU A 1 11 ? 0.111   5.921   9.401   1.00 12.77 ? 35  LEU A CA  1 
ATOM   80   C C   . LEU A 1 11 ? -1.380  5.657   9.566   1.00 13.68 ? 35  LEU A C   1 
ATOM   81   O O   . LEU A 1 11 ? -1.755  4.597   10.077  1.00 13.79 ? 35  LEU A O   1 
ATOM   82   C CB  . LEU A 1 11 ? 0.731   6.796   10.533  1.00 14.88 ? 35  LEU A CB  1 
ATOM   83   C CG  . LEU A 1 11 ? 0.880   6.060   11.876  1.00 17.29 ? 35  LEU A CG  1 
ATOM   84   C CD1 . LEU A 1 11 ? 1.766   4.828   11.722  1.00 18.73 ? 35  LEU A CD1 1 
ATOM   85   C CD2 . LEU A 1 11 ? 1.396   7.056   13.007  1.00 19.53 ? 35  LEU A CD2 1 
ATOM   86   N N   . LYS A 1 12 ? -2.231  6.592   9.125   1.00 12.26 ? 36  LYS A N   1 
ATOM   87   C CA  . LYS A 1 12 ? -3.699  6.417   9.215   1.00 12.87 ? 36  LYS A CA  1 
ATOM   88   C C   . LYS A 1 12 ? -4.099  5.162   8.435   1.00 13.20 ? 36  LYS A C   1 
ATOM   89   O O   . LYS A 1 12 ? -4.929  4.376   8.894   1.00 13.86 ? 36  LYS A O   1 
ATOM   90   C CB  . LYS A 1 12 ? -4.451  7.645   8.680   1.00 13.15 ? 36  LYS A CB  1 
ATOM   91   C CG  . LYS A 1 12 ? -5.983  7.466   8.620   1.00 16.46 ? 36  LYS A CG  1 
ATOM   92   C CD  . LYS A 1 12 ? -6.769  8.774   8.313   1.00 23.78 ? 36  LYS A CD  1 
ATOM   93   C CE  . LYS A 1 12 ? -8.310  8.469   8.244   1.00 25.13 ? 36  LYS A CE  1 
ATOM   94   N NZ  . LYS A 1 12 ? -9.315  9.598   8.227   1.00 27.81 ? 36  LYS A NZ  1 
ATOM   95   N N   . LEU A 1 13 ? -3.523  4.994   7.247   1.00 12.18 ? 37  LEU A N   1 
ATOM   96   C CA  . LEU A 1 13 ? -3.833  3.802   6.430   1.00 11.83 ? 37  LEU A CA  1 
ATOM   97   C C   . LEU A 1 13 ? -3.457  2.511   7.203   1.00 12.57 ? 37  LEU A C   1 
ATOM   98   O O   . LEU A 1 13 ? -4.244  1.573   7.300   1.00 12.73 ? 37  LEU A O   1 
ATOM   99   C CB  . LEU A 1 13 ? -3.097  3.888   5.070   1.00 10.35 ? 37  LEU A CB  1 
ATOM   100  C CG  . LEU A 1 13 ? -3.377  2.704   4.117   1.00 11.33 ? 37  LEU A CG  1 
ATOM   101  C CD1 . LEU A 1 13 ? -3.176  3.119   2.673   1.00 14.51 ? 37  LEU A CD1 1 
ATOM   102  C CD2 . LEU A 1 13 ? -2.495  1.503   4.425   1.00 14.43 ? 37  LEU A CD2 1 
ATOM   103  N N   . LEU A 1 14 ? -2.241  2.457   7.754   1.00 12.28 ? 38  LEU A N   1 
ATOM   104  C CA  A LEU A 1 14 ? -1.836  1.266   8.523   0.70 13.31 ? 38  LEU A CA  1 
ATOM   105  C CA  B LEU A 1 14 ? -1.818  1.304   8.559   0.30 12.44 ? 38  LEU A CA  1 
ATOM   106  C C   . LEU A 1 14 ? -2.735  1.043   9.729   1.00 13.57 ? 38  LEU A C   1 
ATOM   107  O O   . LEU A 1 14 ? -3.157  -0.110  9.999   1.00 13.37 ? 38  LEU A O   1 
ATOM   108  C CB  A LEU A 1 14 ? -0.364  1.396   8.929   0.70 14.45 ? 38  LEU A CB  1 
ATOM   109  C CB  B LEU A 1 14 ? -0.414  1.548   9.088   0.30 12.27 ? 38  LEU A CB  1 
ATOM   110  C CG  A LEU A 1 14 ? 0.572   1.669   7.747   0.70 15.77 ? 38  LEU A CG  1 
ATOM   111  C CG  B LEU A 1 14 ? 0.638   0.824   8.267   0.30 9.50  ? 38  LEU A CG  1 
ATOM   112  C CD1 A LEU A 1 14 ? 1.941   2.045   8.263   0.70 16.46 ? 38  LEU A CD1 1 
ATOM   113  C CD1 B LEU A 1 14 ? 0.690   1.407   6.843   0.30 10.30 ? 38  LEU A CD1 1 
ATOM   114  C CD2 A LEU A 1 14 ? 0.675   0.521   6.717   0.70 17.01 ? 38  LEU A CD2 1 
ATOM   115  C CD2 B LEU A 1 14 ? 1.959   1.022   8.992   0.30 11.47 ? 38  LEU A CD2 1 
ATOM   116  N N   . LYS A 1 15 ? -3.078  2.099   10.459  1.00 13.75 ? 39  LYS A N   1 
ATOM   117  C CA  . LYS A 1 15 ? -3.971  1.914   11.608  1.00 14.23 ? 39  LYS A CA  1 
ATOM   118  C C   . LYS A 1 15 ? -5.343  1.374   11.201  1.00 13.92 ? 39  LYS A C   1 
ATOM   119  O O   . LYS A 1 15 ? -6.021  0.678   11.985  1.00 13.34 ? 39  LYS A O   1 
ATOM   120  C CB  . LYS A 1 15 ? -4.108  3.233   12.379  1.00 14.84 ? 39  LYS A CB  1 
ATOM   121  C CG  . LYS A 1 15 ? -2.874  3.595   13.183  1.00 19.19 ? 39  LYS A CG  1 
ATOM   122  C CD  . LYS A 1 15 ? -3.196  4.843   14.042  1.00 25.24 ? 39  LYS A CD  1 
ATOM   123  C CE  . LYS A 1 15 ? -1.952  5.315   14.780  1.00 29.69 ? 39  LYS A CE  1 
ATOM   124  N NZ  . LYS A 1 15 ? -1.092  4.167   15.217  1.00 30.78 ? 39  LYS A NZ  1 
ATOM   125  N N   . SER A 1 16 ? -5.766  1.676   9.970   1.00 12.16 ? 40  SER A N   1 
ATOM   126  C CA  . SER A 1 16 ? -7.116  1.310   9.544   1.00 13.06 ? 40  SER A CA  1 
ATOM   127  C C   . SER A 1 16 ? -7.264  -0.204  9.384   1.00 12.63 ? 40  SER A C   1 
ATOM   128  O O   . SER A 1 16 ? -8.399  -0.718  9.470   1.00 14.46 ? 40  SER A O   1 
ATOM   129  C CB  . SER A 1 16 ? -7.512  2.066   8.275   1.00 13.91 ? 40  SER A CB  1 
ATOM   130  O OG  . SER A 1 16 ? -6.935  1.454   7.148   1.00 14.92 ? 40  SER A OG  1 
ATOM   131  N N   . VAL A 1 17 ? -6.142  -0.919  9.190   1.00 12.48 ? 41  VAL A N   1 
ATOM   132  C CA  . VAL A 1 17 ? -6.189  -2.391  9.183   1.00 12.71 ? 41  VAL A CA  1 
ATOM   133  C C   . VAL A 1 17 ? -5.728  -3.014  10.508  1.00 12.59 ? 41  VAL A C   1 
ATOM   134  O O   . VAL A 1 17 ? -5.608  -4.230  10.615  1.00 12.68 ? 41  VAL A O   1 
ATOM   135  C CB  . VAL A 1 17 ? -5.407  -3.013  8.001   1.00 12.68 ? 41  VAL A CB  1 
ATOM   136  C CG1 . VAL A 1 17 ? -6.109  -2.696  6.659   1.00 14.54 ? 41  VAL A CG1 1 
ATOM   137  C CG2 . VAL A 1 17 ? -3.935  -2.535  8.017   1.00 15.01 ? 41  VAL A CG2 1 
ATOM   138  N N   . GLY A 1 18 ? -5.435  -2.165  11.487  1.00 11.83 ? 42  GLY A N   1 
ATOM   139  C CA  . GLY A 1 18 ? -5.085  -2.630  12.836  1.00 14.10 ? 42  GLY A CA  1 
ATOM   140  C C   . GLY A 1 18 ? -3.620  -2.636  13.175  1.00 16.23 ? 42  GLY A C   1 
ATOM   141  O O   . GLY A 1 18 ? -3.230  -3.210  14.197  1.00 17.29 ? 42  GLY A O   1 
ATOM   142  N N   . ALA A 1 19 ? -2.783  -1.991  12.384  1.00 16.17 ? 43  ALA A N   1 
ATOM   143  C CA  . ALA A 1 19 ? -1.390  -1.877  12.794  1.00 19.32 ? 43  ALA A CA  1 
ATOM   144  C C   . ALA A 1 19 ? -1.312  -0.990  14.051  1.00 22.08 ? 43  ALA A C   1 
ATOM   145  O O   . ALA A 1 19 ? -2.049  -0.046  14.207  1.00 24.44 ? 43  ALA A O   1 
ATOM   146  C CB  . ALA A 1 19 ? -0.532  -1.362  11.650  1.00 18.49 ? 43  ALA A CB  1 
ATOM   147  N N   . GLN A 1 20 ? -0.481  -1.361  14.995  1.00 24.78 ? 44  GLN A N   1 
ATOM   148  C CA  . GLN A 1 20 ? -0.530  -0.715  16.307  1.00 26.80 ? 44  GLN A CA  1 
ATOM   149  C C   . GLN A 1 20 ? 0.750   0.031   16.680  1.00 26.52 ? 44  GLN A C   1 
ATOM   150  O O   . GLN A 1 20 ? 0.964   0.356   17.862  1.00 27.68 ? 44  GLN A O   1 
ATOM   151  C CB  . GLN A 1 20 ? -0.889  -1.761  17.373  1.00 27.86 ? 44  GLN A CB  1 
ATOM   152  C CG  . GLN A 1 20 ? -2.397  -2.063  17.430  1.00 33.14 ? 44  GLN A CG  1 
ATOM   153  C CD  . GLN A 1 20 ? -2.846  -2.568  18.793  1.00 39.60 ? 44  GLN A CD  1 
ATOM   154  O OE1 . GLN A 1 20 ? -2.239  -2.235  19.822  1.00 43.32 ? 44  GLN A OE1 1 
ATOM   155  N NE2 . GLN A 1 20 ? -3.913  -3.376  18.815  1.00 40.09 ? 44  GLN A NE2 1 
ATOM   156  N N   . LYS A 1 21 ? 1.599   0.319   15.701  1.00 24.04 ? 45  LYS A N   1 
ATOM   157  C CA  . LYS A 1 21 ? 2.882   0.941   16.009  1.00 22.25 ? 45  LYS A CA  1 
ATOM   158  C C   . LYS A 1 21 ? 3.119   2.185   15.159  1.00 20.36 ? 45  LYS A C   1 
ATOM   159  O O   . LYS A 1 21 ? 2.434   2.416   14.142  1.00 20.18 ? 45  LYS A O   1 
ATOM   160  C CB  . LYS A 1 21 ? 4.041   -0.064  15.801  1.00 22.51 ? 45  LYS A CB  1 
ATOM   161  C CG  . LYS A 1 21 ? 3.924   -1.382  16.602  1.00 26.18 ? 45  LYS A CG  1 
ATOM   162  C CD  . LYS A 1 21 ? 5.234   -2.230  16.582  1.00 29.52 ? 45  LYS A CD  1 
ATOM   163  C CE  . LYS A 1 21 ? 5.774   -2.483  15.154  1.00 32.81 ? 45  LYS A CE  1 
ATOM   164  N NZ  . LYS A 1 21 ? 7.299   -2.368  15.040  1.00 31.65 ? 45  LYS A NZ  1 
ATOM   165  N N   . ASP A 1 22 ? 4.111   2.979   15.532  1.00 17.76 ? 46  ASP A N   1 
ATOM   166  C CA  . ASP A 1 22 ? 4.480   4.106   14.681  1.00 15.93 ? 46  ASP A CA  1 
ATOM   167  C C   . ASP A 1 22 ? 5.759   3.835   13.876  1.00 15.35 ? 46  ASP A C   1 
ATOM   168  O O   . ASP A 1 22 ? 6.133   4.646   13.067  1.00 14.42 ? 46  ASP A O   1 
ATOM   169  C CB  . ASP A 1 22 ? 4.501   5.485   15.413  1.00 16.45 ? 46  ASP A CB  1 
ATOM   170  C CG  . ASP A 1 22 ? 5.553   5.582   16.480  1.00 18.43 ? 46  ASP A CG  1 
ATOM   171  O OD1 . ASP A 1 22 ? 6.322   4.618   16.628  1.00 19.80 ? 46  ASP A OD1 1 
ATOM   172  O OD2 . ASP A 1 22 ? 5.623   6.617   17.210  1.00 19.51 ? 46  ASP A OD2 1 
ATOM   173  N N   . THR A 1 23 ? 6.408   2.698   14.110  1.00 14.26 ? 47  THR A N   1 
ATOM   174  C CA  . THR A 1 23 ? 7.542   2.266   13.252  1.00 13.90 ? 47  THR A CA  1 
ATOM   175  C C   . THR A 1 23 ? 7.400   0.789   12.871  1.00 13.29 ? 47  THR A C   1 
ATOM   176  O O   . THR A 1 23 ? 6.860   0.009   13.629  1.00 13.96 ? 47  THR A O   1 
ATOM   177  C CB  . THR A 1 23 ? 8.908   2.478   13.919  1.00 14.47 ? 47  THR A CB  1 
ATOM   178  O OG1 . THR A 1 23 ? 8.987   1.676   15.098  1.00 16.61 ? 47  THR A OG1 1 
ATOM   179  C CG2 . THR A 1 23 ? 9.058   3.962   14.285  1.00 13.96 ? 47  THR A CG2 1 
ATOM   180  N N   . TYR A 1 24 ? 7.904   0.455   11.688  1.00 13.52 ? 48  TYR A N   1 
ATOM   181  C CA  A TYR A 1 24 ? 7.766   -0.903  11.151  0.70 14.29 ? 48  TYR A CA  1 
ATOM   182  C CA  B TYR A 1 24 ? 7.700   -0.823  11.008  0.30 13.68 ? 48  TYR A CA  1 
ATOM   183  C C   . TYR A 1 24 ? 8.929   -1.116  10.180  1.00 14.29 ? 48  TYR A C   1 
ATOM   184  O O   . TYR A 1 24 ? 9.611   -0.179  9.769   1.00 15.11 ? 48  TYR A O   1 
ATOM   185  C CB  A TYR A 1 24 ? 6.406   -1.109  10.418  0.70 15.40 ? 48  TYR A CB  1 
ATOM   186  C CB  B TYR A 1 24 ? 6.567   -0.646  10.002  0.30 13.31 ? 48  TYR A CB  1 
ATOM   187  C CG  A TYR A 1 24 ? 5.188   -1.324  11.334  0.70 16.10 ? 48  TYR A CG  1 
ATOM   188  C CG  B TYR A 1 24 ? 5.284   -0.295  10.662  0.30 12.15 ? 48  TYR A CG  1 
ATOM   189  C CD1 A TYR A 1 24 ? 5.067   -2.469  12.116  0.70 17.91 ? 48  TYR A CD1 1 
ATOM   190  C CD1 B TYR A 1 24 ? 4.435   -1.299  11.114  0.30 12.18 ? 48  TYR A CD1 1 
ATOM   191  C CD2 A TYR A 1 24 ? 4.172   -0.367  11.412  0.70 19.40 ? 48  TYR A CD2 1 
ATOM   192  C CD2 B TYR A 1 24 ? 4.927   1.026   10.872  0.30 12.37 ? 48  TYR A CD2 1 
ATOM   193  C CE1 A TYR A 1 24 ? 3.958   -2.662  12.948  0.70 20.74 ? 48  TYR A CE1 1 
ATOM   194  C CE1 B TYR A 1 24 ? 3.261   -1.000  11.727  0.30 13.96 ? 48  TYR A CE1 1 
ATOM   195  C CE2 A TYR A 1 24 ? 3.084   -0.533  12.241  0.70 20.34 ? 48  TYR A CE2 1 
ATOM   196  C CE2 B TYR A 1 24 ? 3.748   1.341   11.507  0.30 13.62 ? 48  TYR A CE2 1 
ATOM   197  C CZ  A TYR A 1 24 ? 2.973   -1.691  13.000  0.70 20.66 ? 48  TYR A CZ  1 
ATOM   198  C CZ  B TYR A 1 24 ? 2.921   0.316   11.929  0.30 13.54 ? 48  TYR A CZ  1 
ATOM   199  O OH  A TYR A 1 24 ? 1.887   -1.873  13.829  0.70 21.48 ? 48  TYR A OH  1 
ATOM   200  O OH  B TYR A 1 24 ? 1.739   0.596   12.558  0.30 14.75 ? 48  TYR A OH  1 
ATOM   201  N N   . THR A 1 25 ? 9.172   -2.372  9.840   1.00 14.32 ? 49  THR A N   1 
ATOM   202  C CA  . THR A 1 25 ? 10.069  -2.613  8.730   1.00 14.24 ? 49  THR A CA  1 
ATOM   203  C C   . THR A 1 25 ? 9.361   -2.329  7.413   1.00 14.59 ? 49  THR A C   1 
ATOM   204  O O   . THR A 1 25 ? 8.122   -2.261  7.357   1.00 14.01 ? 49  THR A O   1 
ATOM   205  C CB  . THR A 1 25 ? 10.560  -4.071  8.686   1.00 15.11 ? 49  THR A CB  1 
ATOM   206  O OG1 . THR A 1 25 ? 9.447   -4.937  8.401   1.00 14.53 ? 49  THR A OG1 1 
ATOM   207  C CG2 . THR A 1 25 ? 11.186  -4.447  10.019  1.00 16.14 ? 49  THR A CG2 1 
ATOM   208  N N   . MET A 1 26 ? 10.134  -2.219  6.335   1.00 14.99 ? 50  MET A N   1 
ATOM   209  C CA  A MET A 1 26 ? 9.515   -1.968  5.037   0.70 15.78 ? 50  MET A CA  1 
ATOM   210  C CA  B MET A 1 26 ? 9.575   -2.002  5.011   0.30 15.25 ? 50  MET A CA  1 
ATOM   211  C C   . MET A 1 26 ? 8.666   -3.170  4.658   1.00 15.50 ? 50  MET A C   1 
ATOM   212  O O   . MET A 1 26 ? 7.583   -2.997  4.107   1.00 15.00 ? 50  MET A O   1 
ATOM   213  C CB  A MET A 1 26 ? 10.533  -1.659  3.931   0.70 16.57 ? 50  MET A CB  1 
ATOM   214  C CB  B MET A 1 26 ? 10.705  -1.897  3.989   0.30 15.35 ? 50  MET A CB  1 
ATOM   215  C CG  A MET A 1 26 ? 9.881   -1.563  2.561   0.70 19.44 ? 50  MET A CG  1 
ATOM   216  C CG  B MET A 1 26 ? 10.375  -1.012  2.824   0.30 15.66 ? 50  MET A CG  1 
ATOM   217  S SD  A MET A 1 26 ? 9.209   0.083   2.199   0.70 24.26 ? 50  MET A SD  1 
ATOM   218  S SD  B MET A 1 26 ? 10.188  0.713   3.312   0.30 13.62 ? 50  MET A SD  1 
ATOM   219  C CE  A MET A 1 26 ? 10.689  0.844   1.548   0.70 24.89 ? 50  MET A CE  1 
ATOM   220  C CE  B MET A 1 26 ? 9.781   1.440   1.714   0.30 15.32 ? 50  MET A CE  1 
ATOM   221  N N   . LYS A 1 27 ? 9.120   -4.364  4.993   1.00 15.93 ? 51  LYS A N   1 
ATOM   222  C CA  A LYS A 1 27 ? 8.315   -5.565  4.717   0.50 15.38 ? 51  LYS A CA  1 
ATOM   223  C CA  B LYS A 1 27 ? 8.324   -5.548  4.707   0.50 15.32 ? 51  LYS A CA  1 
ATOM   224  C C   . LYS A 1 27 ? 6.951   -5.471  5.392   1.00 14.76 ? 51  LYS A C   1 
ATOM   225  O O   . LYS A 1 27 ? 5.910   -5.793  4.791   1.00 14.66 ? 51  LYS A O   1 
ATOM   226  C CB  A LYS A 1 27 ? 9.025   -6.844  5.182   0.50 16.09 ? 51  LYS A CB  1 
ATOM   227  C CB  B LYS A 1 27 ? 9.077   -6.793  5.158   0.50 16.14 ? 51  LYS A CB  1 
ATOM   228  C CG  A LYS A 1 27 ? 9.853   -7.503  4.104   0.50 17.60 ? 51  LYS A CG  1 
ATOM   229  C CG  B LYS A 1 27 ? 8.282   -8.042  5.043   0.50 17.02 ? 51  LYS A CG  1 
ATOM   230  C CD  A LYS A 1 27 ? 10.712  -8.642  4.656   0.50 19.06 ? 51  LYS A CD  1 
ATOM   231  C CD  B LYS A 1 27 ? 9.180   -9.247  5.283   0.50 20.87 ? 51  LYS A CD  1 
ATOM   232  C CE  A LYS A 1 27 ? 11.781  -9.029  3.623   0.50 21.98 ? 51  LYS A CE  1 
ATOM   233  C CE  B LYS A 1 27 ? 10.191  -9.378  4.179   0.50 22.16 ? 51  LYS A CE  1 
ATOM   234  N NZ  A LYS A 1 27 ? 12.820  -9.950  4.140   0.50 21.16 ? 51  LYS A NZ  1 
ATOM   235  N NZ  B LYS A 1 27 ? 10.826  -10.736 4.204   0.50 24.74 ? 51  LYS A NZ  1 
ATOM   236  N N   . GLU A 1 28 ? 6.944   -5.009  6.631   1.00 13.62 ? 52  GLU A N   1 
ATOM   237  C CA  A GLU A 1 28 ? 5.689   -4.869  7.344   0.50 12.99 ? 52  GLU A CA  1 
ATOM   238  C CA  B GLU A 1 28 ? 5.701   -4.831  7.387   0.50 13.23 ? 52  GLU A CA  1 
ATOM   239  C C   . GLU A 1 28 ? 4.807   -3.801  6.713   1.00 12.50 ? 52  GLU A C   1 
ATOM   240  O O   . GLU A 1 28 ? 3.599   -3.994  6.547   1.00 12.33 ? 52  GLU A O   1 
ATOM   241  C CB  A GLU A 1 28 ? 5.942   -4.641  8.830   0.50 13.29 ? 52  GLU A CB  1 
ATOM   242  C CB  B GLU A 1 28 ? 5.984   -4.408  8.836   0.50 13.62 ? 52  GLU A CB  1 
ATOM   243  C CG  A GLU A 1 28 ? 6.636   -5.855  9.416   0.50 12.69 ? 52  GLU A CG  1 
ATOM   244  C CG  B GLU A 1 28 ? 6.291   -5.572  9.793   0.50 14.56 ? 52  GLU A CG  1 
ATOM   245  C CD  A GLU A 1 28 ? 7.223   -5.637  10.789  0.50 14.27 ? 52  GLU A CD  1 
ATOM   246  C CD  B GLU A 1 28 ? 6.630   -5.110  11.207  0.50 17.97 ? 52  GLU A CD  1 
ATOM   247  O OE1 A GLU A 1 28 ? 7.664   -4.507  11.117  0.50 15.71 ? 52  GLU A OE1 1 
ATOM   248  O OE1 B GLU A 1 28 ? 6.127   -5.722  12.177  0.50 19.01 ? 52  GLU A OE1 1 
ATOM   249  O OE2 A GLU A 1 28 ? 7.276   -6.628  11.537  0.50 15.44 ? 52  GLU A OE2 1 
ATOM   250  O OE2 B GLU A 1 28 ? 7.401   -4.130  11.367  0.50 18.32 ? 52  GLU A OE2 1 
ATOM   251  N N   . VAL A 1 29 ? 5.391   -2.674  6.334   1.00 12.21 ? 53  VAL A N   1 
ATOM   252  C CA  . VAL A 1 29 ? 4.598   -1.636  5.683   1.00 12.22 ? 53  VAL A CA  1 
ATOM   253  C C   . VAL A 1 29 ? 3.932   -2.243  4.426   1.00 11.40 ? 53  VAL A C   1 
ATOM   254  O O   . VAL A 1 29 ? 2.733   -2.009  4.151   1.00 12.59 ? 53  VAL A O   1 
ATOM   255  C CB  . VAL A 1 29 ? 5.481   -0.400  5.341   1.00 12.29 ? 53  VAL A CB  1 
ATOM   256  C CG1 . VAL A 1 29 ? 4.688   0.587   4.488   1.00 12.11 ? 53  VAL A CG1 1 
ATOM   257  C CG2 . VAL A 1 29 ? 5.945   0.305   6.633   1.00 15.29 ? 53  VAL A CG2 1 
ATOM   258  N N   . LEU A 1 30 ? 4.727   -2.968  3.633   1.00 12.53 ? 54  LEU A N   1 
ATOM   259  C CA  . LEU A 1 30 ? 4.160   -3.616  2.448   1.00 13.41 ? 54  LEU A CA  1 
ATOM   260  C C   . LEU A 1 30 ? 3.064   -4.606  2.803   1.00 12.18 ? 54  LEU A C   1 
ATOM   261  O O   . LEU A 1 30 ? 2.047   -4.635  2.131   1.00 11.94 ? 54  LEU A O   1 
ATOM   262  C CB  . LEU A 1 30 ? 5.258   -4.300  1.630   1.00 13.91 ? 54  LEU A CB  1 
ATOM   263  C CG  . LEU A 1 30 ? 6.145   -3.280  0.902   1.00 16.16 ? 54  LEU A CG  1 
ATOM   264  C CD1 . LEU A 1 30 ? 7.423   -3.994  0.429   1.00 17.38 ? 54  LEU A CD1 1 
ATOM   265  C CD2 . LEU A 1 30 ? 5.415   -2.641  -0.280  1.00 19.28 ? 54  LEU A CD2 1 
ATOM   266  N N   . PHE A 1 31 ? 3.264   -5.412  3.845   1.00 12.54 ? 55  PHE A N   1 
ATOM   267  C CA  . PHE A 1 31 ? 2.228   -6.356  4.248   1.00 12.24 ? 55  PHE A CA  1 
ATOM   268  C C   . PHE A 1 31 ? 0.917   -5.608  4.580   1.00 12.00 ? 55  PHE A C   1 
ATOM   269  O O   . PHE A 1 31 ? -0.149  -5.993  4.116   1.00 12.23 ? 55  PHE A O   1 
ATOM   270  C CB  . PHE A 1 31 ? 2.658   -7.222  5.437   1.00 12.55 ? 55  PHE A CB  1 
ATOM   271  C CG  . PHE A 1 31 ? 3.436   -8.485  5.060   1.00 14.83 ? 55  PHE A CG  1 
ATOM   272  C CD1 . PHE A 1 31 ? 2.887   -9.434  4.194   1.00 15.35 ? 55  PHE A CD1 1 
ATOM   273  C CD2 . PHE A 1 31 ? 4.679   -8.740  5.628   1.00 16.81 ? 55  PHE A CD2 1 
ATOM   274  C CE1 . PHE A 1 31 ? 3.601   -10.633 3.878   1.00 16.55 ? 55  PHE A CE1 1 
ATOM   275  C CE2 . PHE A 1 31 ? 5.372   -9.934  5.324   1.00 16.27 ? 55  PHE A CE2 1 
ATOM   276  C CZ  . PHE A 1 31 ? 4.829   -10.856 4.431   1.00 17.66 ? 55  PHE A CZ  1 
ATOM   277  N N   . TYR A 1 32 ? 1.005   -4.573  5.405   1.00 11.88 ? 56  TYR A N   1 
ATOM   278  C CA  . TYR A 1 32 ? -0.200  -3.826  5.778   1.00 11.32 ? 56  TYR A CA  1 
ATOM   279  C C   . TYR A 1 32 ? -0.866  -3.129  4.612   1.00 12.09 ? 56  TYR A C   1 
ATOM   280  O O   . TYR A 1 32 ? -2.107  -3.117  4.498   1.00 12.10 ? 56  TYR A O   1 
ATOM   281  C CB  . TYR A 1 32 ? 0.113   -2.808  6.870   1.00 11.93 ? 56  TYR A CB  1 
ATOM   282  C CG  . TYR A 1 32 ? 0.476   -3.454  8.181   1.00 10.99 ? 56  TYR A CG  1 
ATOM   283  C CD1 . TYR A 1 32 ? -0.417  -4.348  8.796   1.00 11.93 ? 56  TYR A CD1 1 
ATOM   284  C CD2 . TYR A 1 32 ? 1.688   -3.118  8.839   1.00 12.52 ? 56  TYR A CD2 1 
ATOM   285  C CE1 . TYR A 1 32 ? -0.100  -4.955  10.038  1.00 14.55 ? 56  TYR A CE1 1 
ATOM   286  C CE2 . TYR A 1 32 ? 2.027   -3.701  10.066  1.00 13.20 ? 56  TYR A CE2 1 
ATOM   287  C CZ  . TYR A 1 32 ? 1.131   -4.602  10.659  1.00 14.48 ? 56  TYR A CZ  1 
ATOM   288  O OH  . TYR A 1 32 ? 1.434   -5.190  11.873  1.00 15.81 ? 56  TYR A OH  1 
ATOM   289  N N   . LEU A 1 33 ? -0.074  -2.544  3.732   1.00 11.52 ? 57  LEU A N   1 
ATOM   290  C CA  A LEU A 1 33 ? -0.619  -1.941  2.519   0.50 11.64 ? 57  LEU A CA  1 
ATOM   291  C CA  B LEU A 1 33 ? -0.628  -1.944  2.534   0.50 11.61 ? 57  LEU A CA  1 
ATOM   292  C C   . LEU A 1 33 ? -1.385  -2.961  1.667   1.00 11.41 ? 57  LEU A C   1 
ATOM   293  O O   . LEU A 1 33 ? -2.470  -2.672  1.143   1.00 11.82 ? 57  LEU A O   1 
ATOM   294  C CB  A LEU A 1 33 ? 0.494   -1.306  1.683   0.50 11.82 ? 57  LEU A CB  1 
ATOM   295  C CB  B LEU A 1 33 ? 0.494   -1.323  1.730   0.50 12.03 ? 57  LEU A CB  1 
ATOM   296  C CG  A LEU A 1 33 ? 0.977   0.104   2.057   0.50 11.85 ? 57  LEU A CG  1 
ATOM   297  C CG  B LEU A 1 33 ? 0.108   -0.530  0.493   0.50 11.29 ? 57  LEU A CG  1 
ATOM   298  C CD1 A LEU A 1 33 ? 2.226   0.426   1.291   0.50 12.05 ? 57  LEU A CD1 1 
ATOM   299  C CD1 B LEU A 1 33 ? -0.988  0.534   0.696   0.50 15.19 ? 57  LEU A CD1 1 
ATOM   300  C CD2 A LEU A 1 33 ? -0.117  1.129   1.693   0.50 12.00 ? 57  LEU A CD2 1 
ATOM   301  C CD2 B LEU A 1 33 ? 1.366   0.131   -0.101  0.50 15.06 ? 57  LEU A CD2 1 
ATOM   302  N N   . GLY A 1 34 ? -0.841  -4.166  1.534   1.00 11.86 ? 58  GLY A N   1 
ATOM   303  C CA  . GLY A 1 34 ? -1.529  -5.240  0.784   1.00 12.06 ? 58  GLY A CA  1 
ATOM   304  C C   . GLY A 1 34 ? -2.835  -5.606  1.487   1.00 12.02 ? 58  GLY A C   1 
ATOM   305  O O   . GLY A 1 34 ? -3.844  -5.828  0.838   1.00 11.97 ? 58  GLY A O   1 
ATOM   306  N N   . GLN A 1 35 ? -2.819  -5.692  2.813   1.00 11.58 ? 59  GLN A N   1 
ATOM   307  C CA  . GLN A 1 35 ? -4.059  -5.968  3.557   1.00 11.61 ? 59  GLN A CA  1 
ATOM   308  C C   . GLN A 1 35 ? -5.091  -4.888  3.313   1.00 11.32 ? 59  GLN A C   1 
ATOM   309  O O   . GLN A 1 35 ? -6.272  -5.167  3.154   1.00 11.79 ? 59  GLN A O   1 
ATOM   310  C CB  . GLN A 1 35 ? -3.786  -5.989  5.057   1.00 11.56 ? 59  GLN A CB  1 
ATOM   311  C CG  . GLN A 1 35 ? -2.985  -7.191  5.519   1.00 12.08 ? 59  GLN A CG  1 
ATOM   312  C CD  . GLN A 1 35 ? -2.807  -7.138  6.988   1.00 13.44 ? 59  GLN A CD  1 
ATOM   313  O OE1 . GLN A 1 35 ? -2.999  -6.078  7.632   1.00 13.44 ? 59  GLN A OE1 1 
ATOM   314  N NE2 . GLN A 1 35 ? -2.487  -8.307  7.583   1.00 16.66 ? 59  GLN A NE2 1 
ATOM   315  N N   . TYR A 1 36 ? -4.644  -3.629  3.271   1.00 11.39 ? 60  TYR A N   1 
ATOM   316  C CA  . TYR A 1 36 ? -5.560  -2.512  3.016   1.00 11.12 ? 60  TYR A CA  1 
ATOM   317  C C   . TYR A 1 36 ? -6.201  -2.607  1.628   1.00 12.05 ? 60  TYR A C   1 
ATOM   318  O O   . TYR A 1 36 ? -7.425  -2.453  1.463   1.00 11.93 ? 60  TYR A O   1 
ATOM   319  C CB  . TYR A 1 36 ? -4.815  -1.180  3.202   1.00 10.58 ? 60  TYR A CB  1 
ATOM   320  C CG  . TYR A 1 36 ? -5.659  0.026   2.909   1.00 11.11 ? 60  TYR A CG  1 
ATOM   321  C CD1 . TYR A 1 36 ? -6.366  0.641   3.916   1.00 10.45 ? 60  TYR A CD1 1 
ATOM   322  C CD2 . TYR A 1 36 ? -5.714  0.578   1.626   1.00 13.77 ? 60  TYR A CD2 1 
ATOM   323  C CE1 . TYR A 1 36 ? -7.142  1.753   3.677   1.00 11.78 ? 60  TYR A CE1 1 
ATOM   324  C CE2 . TYR A 1 36 ? -6.512  1.709   1.361   1.00 11.72 ? 60  TYR A CE2 1 
ATOM   325  C CZ  . TYR A 1 36 ? -7.204  2.282   2.411   1.00 12.87 ? 60  TYR A CZ  1 
ATOM   326  O OH  . TYR A 1 36 ? -7.996  3.392   2.181   1.00 14.18 ? 60  TYR A OH  1 
ATOM   327  N N   . ILE A 1 37 ? -5.367  -2.838  0.617   1.00 11.80 ? 61  ILE A N   1 
ATOM   328  C CA  . ILE A 1 37 ? -5.901  -2.960  -0.747  1.00 12.05 ? 61  ILE A CA  1 
ATOM   329  C C   . ILE A 1 37 ? -6.903  -4.113  -0.838  1.00 11.98 ? 61  ILE A C   1 
ATOM   330  O O   . ILE A 1 37 ? -7.941  -3.986  -1.499  1.00 11.92 ? 61  ILE A O   1 
ATOM   331  C CB  . ILE A 1 37 ? -4.743  -3.117  -1.755  1.00 12.09 ? 61  ILE A CB  1 
ATOM   332  C CG1 . ILE A 1 37 ? -3.942  -1.816  -1.821  1.00 11.96 ? 61  ILE A CG1 1 
ATOM   333  C CG2 . ILE A 1 37 ? -5.283  -3.522  -3.155  1.00 13.23 ? 61  ILE A CG2 1 
ATOM   334  C CD1 . ILE A 1 37 ? -2.545  -1.970  -2.447  1.00 13.50 ? 61  ILE A CD1 1 
ATOM   335  N N   A MET A 1 38 ? -6.605  -5.248  -0.213  0.50 11.98 ? 62  MET A N   1 
ATOM   336  N N   B MET A 1 38 ? -6.596  -5.215  -0.147  0.50 12.16 ? 62  MET A N   1 
ATOM   337  C CA  A MET A 1 38 ? -7.564  -6.353  -0.314  0.50 11.45 ? 62  MET A CA  1 
ATOM   338  C CA  B MET A 1 38 ? -7.442  -6.432  -0.163  0.50 12.03 ? 62  MET A CA  1 
ATOM   339  C C   A MET A 1 38 ? -8.849  -5.981  0.429   0.50 11.74 ? 62  MET A C   1 
ATOM   340  C C   B MET A 1 38 ? -8.759  -6.231  0.589   0.50 11.95 ? 62  MET A C   1 
ATOM   341  O O   A MET A 1 38 ? -9.951  -6.159  -0.114  0.50 11.41 ? 62  MET A O   1 
ATOM   342  O O   B MET A 1 38 ? -9.799  -6.789  0.219   0.50 11.75 ? 62  MET A O   1 
ATOM   343  C CB  A MET A 1 38 ? -6.978  -7.683  0.168   0.50 12.57 ? 62  MET A CB  1 
ATOM   344  C CB  B MET A 1 38 ? -6.668  -7.610  0.440   0.50 13.18 ? 62  MET A CB  1 
ATOM   345  C CG  A MET A 1 38 ? -5.815  -8.167  -0.691  0.50 11.34 ? 62  MET A CG  1 
ATOM   346  C CG  B MET A 1 38 ? -5.394  -7.894  -0.316  0.50 14.35 ? 62  MET A CG  1 
ATOM   347  S SD  A MET A 1 38 ? -5.364  -9.868  -0.317  0.50 15.06 ? 62  MET A SD  1 
ATOM   348  S SD  B MET A 1 38 ? -4.579  -9.410  0.219   0.50 19.05 ? 62  MET A SD  1 
ATOM   349  C CE  A MET A 1 38 ? -6.756  -10.691 -1.045  0.50 12.13 ? 62  MET A CE  1 
ATOM   350  C CE  B MET A 1 38 ? -3.768  -8.983  1.797   0.50 17.20 ? 62  MET A CE  1 
ATOM   351  N N   . THR A 1 39 ? -8.695  -5.409  1.629   1.00 11.66 ? 63  THR A N   1 
ATOM   352  C CA  . THR A 1 39 ? -9.845  -5.104  2.474   1.00 12.09 ? 63  THR A CA  1 
ATOM   353  C C   . THR A 1 39 ? -10.813 -4.206  1.740   1.00 12.54 ? 63  THR A C   1 
ATOM   354  O O   . THR A 1 39 ? -12.035 -4.438  1.755   1.00 13.55 ? 63  THR A O   1 
ATOM   355  C CB  . THR A 1 39 ? -9.393  -4.414  3.770   1.00 11.92 ? 63  THR A CB  1 
ATOM   356  O OG1 . THR A 1 39 ? -8.613  -5.339  4.539   1.00 12.12 ? 63  THR A OG1 1 
ATOM   357  C CG2 . THR A 1 39 ? -10.596 -4.014  4.620   1.00 12.05 ? 63  THR A CG2 1 
ATOM   358  N N   . LYS A 1 40 ? -10.252 -3.193  1.089   1.00 12.90 ? 64  LYS A N   1 
ATOM   359  C CA  . LYS A 1 40 ? -11.064 -2.218  0.333   1.00 14.42 ? 64  LYS A CA  1 
ATOM   360  C C   . LYS A 1 40 ? -11.410 -2.658  -1.098  1.00 14.10 ? 64  LYS A C   1 
ATOM   361  O O   . LYS A 1 40 ? -12.169 -1.963  -1.773  1.00 16.00 ? 64  LYS A O   1 
ATOM   362  C CB  . LYS A 1 40 ? -10.353 -0.871  0.358   1.00 13.90 ? 64  LYS A CB  1 
ATOM   363  C CG  . LYS A 1 40 ? -10.248 -0.322  1.771   1.00 16.65 ? 64  LYS A CG  1 
ATOM   364  C CD  . LYS A 1 40 ? -10.099 1.129   1.708   1.00 20.48 ? 64  LYS A CD  1 
ATOM   365  C CE  . LYS A 1 40 ? -11.461 1.786   1.584   1.00 19.48 ? 64  LYS A CE  1 
ATOM   366  N NZ  . LYS A 1 40 ? -11.320 3.290   1.682   1.00 20.26 ? 64  LYS A NZ  1 
ATOM   367  N N   . ARG A 1 41 ? -10.883 -3.815  -1.508  1.00 14.70 ? 65  ARG A N   1 
ATOM   368  C CA  A ARG A 1 41 ? -11.121 -4.428  -2.822  0.50 14.83 ? 65  ARG A CA  1 
ATOM   369  C CA  B ARG A 1 41 ? -11.218 -4.394  -2.810  0.50 15.08 ? 65  ARG A CA  1 
ATOM   370  C C   . ARG A 1 41 ? -10.837 -3.404  -3.908  1.00 14.44 ? 65  ARG A C   1 
ATOM   371  O O   . ARG A 1 41 ? -11.624 -3.172  -4.831  1.00 15.71 ? 65  ARG A O   1 
ATOM   372  C CB  A ARG A 1 41 ? -12.517 -5.090  -2.935  0.50 15.60 ? 65  ARG A CB  1 
ATOM   373  C CB  B ARG A 1 41 ? -12.729 -4.732  -2.892  0.50 15.78 ? 65  ARG A CB  1 
ATOM   374  C CG  A ARG A 1 41 ? -12.546 -6.463  -2.276  0.50 16.77 ? 65  ARG A CG  1 
ATOM   375  C CG  B ARG A 1 41 ? -13.232 -5.590  -1.727  0.50 18.44 ? 65  ARG A CG  1 
ATOM   376  C CD  A ARG A 1 41 ? -13.942 -7.008  -2.086  0.50 23.37 ? 65  ARG A CD  1 
ATOM   377  C CD  B ARG A 1 41 ? -14.732 -5.386  -1.494  0.50 24.94 ? 65  ARG A CD  1 
ATOM   378  N NE  A ARG A 1 41 ? -13.905 -8.046  -1.061  0.50 26.19 ? 65  ARG A NE  1 
ATOM   379  N NE  B ARG A 1 41 ? -15.042 -5.099  -0.085  0.50 29.09 ? 65  ARG A NE  1 
ATOM   380  C CZ  A ARG A 1 41 ? -14.969 -8.657  -0.561  0.50 28.34 ? 65  ARG A CZ  1 
ATOM   381  C CZ  B ARG A 1 41 ? -14.887 -3.904  0.488   0.50 30.74 ? 65  ARG A CZ  1 
ATOM   382  N NH1 A ARG A 1 41 ? -16.185 -8.339  -0.984  0.50 29.49 ? 65  ARG A NH1 1 
ATOM   383  N NH1 B ARG A 1 41 ? -14.428 -2.884  -0.221  0.50 32.39 ? 65  ARG A NH1 1 
ATOM   384  N NH2 A ARG A 1 41 ? -14.810 -9.580  0.374   0.50 30.66 ? 65  ARG A NH2 1 
ATOM   385  N NH2 B ARG A 1 41 ? -15.194 -3.724  1.766   0.50 31.59 ? 65  ARG A NH2 1 
ATOM   386  N N   . LEU A 1 42 ? -9.653  -2.808  -3.799  1.00 14.13 ? 66  LEU A N   1 
ATOM   387  C CA  . LEU A 1 42 ? -9.266  -1.786  -4.782  1.00 12.94 ? 66  LEU A CA  1 
ATOM   388  C C   . LEU A 1 42 ? -8.609  -2.411  -6.028  1.00 14.22 ? 66  LEU A C   1 
ATOM   389  O O   . LEU A 1 42 ? -8.374  -1.709  -7.006  1.00 15.18 ? 66  LEU A O   1 
ATOM   390  C CB  . LEU A 1 42 ? -8.290  -0.774  -4.165  1.00 13.30 ? 66  LEU A CB  1 
ATOM   391  C CG  . LEU A 1 42 ? -8.872  -0.066  -2.943  1.00 12.96 ? 66  LEU A CG  1 
ATOM   392  C CD1 . LEU A 1 42 ? -7.768  0.872   -2.405  1.00 14.09 ? 66  LEU A CD1 1 
ATOM   393  C CD2 . LEU A 1 42 ? -10.065 0.730   -3.340  1.00 13.60 ? 66  LEU A CD2 1 
ATOM   394  N N   . TYR A 1 43 ? -8.365  -3.719  -6.003  1.00 13.43 ? 67  TYR A N   1 
ATOM   395  C CA  . TYR A 1 43 ? -7.781  -4.409  -7.156  1.00 13.17 ? 67  TYR A CA  1 
ATOM   396  C C   . TYR A 1 43 ? -8.890  -4.971  -8.036  1.00 13.93 ? 67  TYR A C   1 
ATOM   397  O O   . TYR A 1 43 ? -10.016 -5.286  -7.549  1.00 14.36 ? 67  TYR A O   1 
ATOM   398  C CB  . TYR A 1 43 ? -6.816  -5.503  -6.686  1.00 13.19 ? 67  TYR A CB  1 
ATOM   399  C CG  . TYR A 1 43 ? -7.481  -6.650  -5.947  1.00 14.64 ? 67  TYR A CG  1 
ATOM   400  C CD1 . TYR A 1 43 ? -8.045  -7.728  -6.634  1.00 15.61 ? 67  TYR A CD1 1 
ATOM   401  C CD2 . TYR A 1 43 ? -7.573  -6.635  -4.560  1.00 17.12 ? 67  TYR A CD2 1 
ATOM   402  C CE1 . TYR A 1 43 ? -8.671  -8.749  -5.962  1.00 18.16 ? 67  TYR A CE1 1 
ATOM   403  C CE2 . TYR A 1 43 ? -8.191  -7.645  -3.886  1.00 18.99 ? 67  TYR A CE2 1 
ATOM   404  C CZ  . TYR A 1 43 ? -8.749  -8.700  -4.586  1.00 21.25 ? 67  TYR A CZ  1 
ATOM   405  O OH  . TYR A 1 43 ? -9.372  -9.715  -3.887  1.00 22.27 ? 67  TYR A OH  1 
ATOM   406  N N   . ASP A 1 44 ? -8.597  -5.117  -9.325  1.00 12.93 ? 68  ASP A N   1 
ATOM   407  C CA  . ASP A 1 44 ? -9.542  -5.710  -10.278 1.00 13.78 ? 68  ASP A CA  1 
ATOM   408  C C   . ASP A 1 44 ? -9.654  -7.216  -10.052 1.00 13.48 ? 68  ASP A C   1 
ATOM   409  O O   . ASP A 1 44 ? -8.637  -7.899  -10.008 1.00 12.89 ? 68  ASP A O   1 
ATOM   410  C CB  . ASP A 1 44 ? -9.036  -5.460  -11.694 1.00 13.22 ? 68  ASP A CB  1 
ATOM   411  C CG  . ASP A 1 44 ? -9.886  -6.114  -12.734 1.00 15.09 ? 68  ASP A CG  1 
ATOM   412  O OD1 . ASP A 1 44 ? -11.114 -6.190  -12.535 1.00 14.88 ? 68  ASP A OD1 1 
ATOM   413  O OD2 . ASP A 1 44 ? -9.312  -6.515  -13.749 1.00 15.16 ? 68  ASP A OD2 1 
ATOM   414  N N   . GLU A 1 45 ? -10.869 -7.728  -9.893  1.00 13.68 ? 69  GLU A N   1 
ATOM   415  C CA  A GLU A 1 45 ? -11.083 -9.157  -9.673  0.70 14.67 ? 69  GLU A CA  1 
ATOM   416  C CA  B GLU A 1 45 ? -10.995 -9.162  -9.626  0.30 14.37 ? 69  GLU A CA  1 
ATOM   417  C C   . GLU A 1 45 ? -10.539 -9.985  -10.830 1.00 14.98 ? 69  GLU A C   1 
ATOM   418  O O   . GLU A 1 45 ? -10.077 -11.111 -10.647 1.00 15.43 ? 69  GLU A O   1 
ATOM   419  C CB  A GLU A 1 45 ? -12.578 -9.432  -9.545  0.70 15.61 ? 69  GLU A CB  1 
ATOM   420  C CB  B GLU A 1 45 ? -12.410 -9.571  -9.188  0.30 14.92 ? 69  GLU A CB  1 
ATOM   421  C CG  A GLU A 1 45 ? -12.895 -10.882 -9.355  0.70 18.92 ? 69  GLU A CG  1 
ATOM   422  C CG  B GLU A 1 45 ? -12.989 -8.757  -8.031  0.30 15.79 ? 69  GLU A CG  1 
ATOM   423  C CD  A GLU A 1 45 ? -12.428 -11.442 -8.012  0.70 23.91 ? 69  GLU A CD  1 
ATOM   424  C CD  B GLU A 1 45 ? -12.562 -9.205  -6.632  0.30 19.13 ? 69  GLU A CD  1 
ATOM   425  O OE1 A GLU A 1 45 ? -12.136 -10.659 -7.086  0.70 24.31 ? 69  GLU A OE1 1 
ATOM   426  O OE1 B GLU A 1 45 ? -11.687 -10.080 -6.480  0.30 19.40 ? 69  GLU A OE1 1 
ATOM   427  O OE2 A GLU A 1 45 ? -12.388 -12.689 -7.877  0.70 27.52 ? 69  GLU A OE2 1 
ATOM   428  O OE2 B GLU A 1 45 ? -13.107 -8.642  -5.661  0.30 21.11 ? 69  GLU A OE2 1 
ATOM   429  N N   . LYS A 1 46 ? -10.636 -9.447  -12.049 1.00 13.56 ? 70  LYS A N   1 
ATOM   430  C CA  A LYS A 1 46 ? -10.222 -10.202 -13.243 0.50 14.16 ? 70  LYS A CA  1 
ATOM   431  C CA  B LYS A 1 46 ? -10.218 -10.227 -13.223 0.50 14.63 ? 70  LYS A CA  1 
ATOM   432  C C   . LYS A 1 46 ? -8.709  -10.298 -13.447 1.00 14.95 ? 70  LYS A C   1 
ATOM   433  O O   . LYS A 1 46 ? -8.148  -11.397 -13.582 1.00 16.83 ? 70  LYS A O   1 
ATOM   434  C CB  A LYS A 1 46 ? -10.857 -9.598  -14.491 0.50 13.75 ? 70  LYS A CB  1 
ATOM   435  C CB  B LYS A 1 46 ? -10.915 -9.735  -14.490 0.50 14.38 ? 70  LYS A CB  1 
ATOM   436  C CG  A LYS A 1 46 ? -10.631 -10.415 -15.731 0.50 14.74 ? 70  LYS A CG  1 
ATOM   437  C CG  B LYS A 1 46 ? -12.274 -10.378 -14.720 0.50 18.12 ? 70  LYS A CG  1 
ATOM   438  C CD  A LYS A 1 46 ? -11.406 -9.828  -16.898 0.50 19.25 ? 70  LYS A CD  1 
ATOM   439  C CD  B LYS A 1 46 ? -12.832 -9.886  -16.046 0.50 19.42 ? 70  LYS A CD  1 
ATOM   440  C CE  A LYS A 1 46 ? -11.188 -10.633 -18.171 0.50 22.09 ? 70  LYS A CE  1 
ATOM   441  C CE  B LYS A 1 46 ? -14.138 -10.584 -16.421 0.50 22.89 ? 70  LYS A CE  1 
ATOM   442  N NZ  A LYS A 1 46 ? -12.256 -11.653 -18.391 0.50 26.52 ? 70  LYS A NZ  1 
ATOM   443  N NZ  B LYS A 1 46 ? -15.210 -10.298 -15.443 0.50 25.12 ? 70  LYS A NZ  1 
ATOM   444  N N   . GLN A 1 47 ? -8.047  -9.143  -13.482 1.00 13.20 ? 71  GLN A N   1 
ATOM   445  C CA  . GLN A 1 47 ? -6.577  -9.064  -13.605 1.00 12.22 ? 71  GLN A CA  1 
ATOM   446  C C   . GLN A 1 47 ? -6.072  -8.360  -12.368 1.00 12.00 ? 71  GLN A C   1 
ATOM   447  O O   . GLN A 1 47 ? -6.130  -7.119  -12.236 1.00 12.41 ? 71  GLN A O   1 
ATOM   448  C CB  . GLN A 1 47 ? -6.185  -8.307  -14.859 1.00 12.82 ? 71  GLN A CB  1 
ATOM   449  C CG  . GLN A 1 47 ? -6.302  -9.113  -16.123 1.00 15.73 ? 71  GLN A CG  1 
ATOM   450  C CD  . GLN A 1 47 ? -5.646  -8.362  -17.295 1.00 17.11 ? 71  GLN A CD  1 
ATOM   451  O OE1 . GLN A 1 47 ? -4.629  -7.670  -17.114 1.00 22.33 ? 71  GLN A OE1 1 
ATOM   452  N NE2 . GLN A 1 47 ? -6.210  -8.504  -18.470 1.00 23.00 ? 71  GLN A NE2 1 
ATOM   453  N N   . GLN A 1 48 ? -5.625  -9.184  -11.419 1.00 11.93 ? 72  GLN A N   1 
ATOM   454  C CA  . GLN A 1 48 ? -5.512  -8.727  -10.027 1.00 11.76 ? 72  GLN A CA  1 
ATOM   455  C C   . GLN A 1 48 ? -4.264  -7.905  -9.701  1.00 11.59 ? 72  GLN A C   1 
ATOM   456  O O   . GLN A 1 48 ? -4.059  -7.568  -8.558  1.00 13.31 ? 72  GLN A O   1 
ATOM   457  C CB  . GLN A 1 48 ? -5.642  -9.920  -9.072  1.00 11.72 ? 72  GLN A CB  1 
ATOM   458  C CG  . GLN A 1 48 ? -7.014  -10.616 -9.282  1.00 12.93 ? 72  GLN A CG  1 
ATOM   459  C CD  . GLN A 1 48 ? -7.480  -11.462 -8.081  1.00 12.32 ? 72  GLN A CD  1 
ATOM   460  O OE1 . GLN A 1 48 ? -6.738  -11.688 -7.105  1.00 12.42 ? 72  GLN A OE1 1 
ATOM   461  N NE2 . GLN A 1 48 ? -8.703  -11.974 -8.183  1.00 15.21 ? 72  GLN A NE2 1 
ATOM   462  N N   . HIS A 1 49 ? -3.481  -7.543  -10.716 1.00 11.58 ? 73  HIS A N   1 
ATOM   463  C CA  . HIS A 1 49 ? -2.381  -6.610  -10.520 1.00 12.14 ? 73  HIS A CA  1 
ATOM   464  C C   . HIS A 1 49 ? -2.897  -5.183  -10.707 1.00 12.49 ? 73  HIS A C   1 
ATOM   465  O O   . HIS A 1 49 ? -2.177  -4.229  -10.410 1.00 12.83 ? 73  HIS A O   1 
ATOM   466  C CB  . HIS A 1 49 ? -1.255  -6.846  -11.536 1.00 11.75 ? 73  HIS A CB  1 
ATOM   467  C CG  . HIS A 1 49 ? -1.680  -6.655  -12.962 1.00 14.79 ? 73  HIS A CG  1 
ATOM   468  N ND1 . HIS A 1 49 ? -1.514  -5.465  -13.650 1.00 15.02 ? 73  HIS A ND1 1 
ATOM   469  C CD2 . HIS A 1 49 ? -2.305  -7.497  -13.814 1.00 14.86 ? 73  HIS A CD2 1 
ATOM   470  C CE1 . HIS A 1 49 ? -1.985  -5.613  -14.882 1.00 14.48 ? 73  HIS A CE1 1 
ATOM   471  N NE2 . HIS A 1 49 ? -2.483  -6.829  -14.998 1.00 15.12 ? 73  HIS A NE2 1 
ATOM   472  N N   . ILE A 1 50 ? -4.108  -5.008  -11.233 1.00 10.85 ? 74  ILE A N   1 
ATOM   473  C CA  . ILE A 1 50 ? -4.606  -3.640  -11.493 1.00 11.37 ? 74  ILE A CA  1 
ATOM   474  C C   . ILE A 1 50 ? -5.240  -3.025  -10.243 1.00 11.49 ? 74  ILE A C   1 
ATOM   475  O O   . ILE A 1 50 ? -6.156  -3.619  -9.677  1.00 12.58 ? 74  ILE A O   1 
ATOM   476  C CB  . ILE A 1 50 ? -5.682  -3.670  -12.608 1.00 11.84 ? 74  ILE A CB  1 
ATOM   477  C CG1 . ILE A 1 50 ? -5.093  -4.279  -13.882 1.00 12.25 ? 74  ILE A CG1 1 
ATOM   478  C CG2 . ILE A 1 50 ? -6.286  -2.245  -12.863 1.00 12.13 ? 74  ILE A CG2 1 
ATOM   479  C CD1 . ILE A 1 50 ? -6.205  -4.559  -14.904 1.00 13.05 ? 74  ILE A CD1 1 
ATOM   480  N N   . VAL A 1 51 ? -4.743  -1.872  -9.794  1.00 11.03 ? 75  VAL A N   1 
ATOM   481  C CA  . VAL A 1 51 ? -5.354  -1.246  -8.613  1.00 11.79 ? 75  VAL A CA  1 
ATOM   482  C C   . VAL A 1 51 ? -5.904  0.099   -8.997  1.00 12.13 ? 75  VAL A C   1 
ATOM   483  O O   . VAL A 1 51 ? -5.192  0.889   -9.627  1.00 13.65 ? 75  VAL A O   1 
ATOM   484  C CB  . VAL A 1 51 ? -4.296  -1.082  -7.519  1.00 11.90 ? 75  VAL A CB  1 
ATOM   485  C CG1 . VAL A 1 51 ? -4.857  -0.291  -6.299  1.00 13.09 ? 75  VAL A CG1 1 
ATOM   486  C CG2 . VAL A 1 51 ? -3.745  -2.436  -7.075  1.00 14.18 ? 75  VAL A CG2 1 
ATOM   487  N N   . TYR A 1 52 ? -7.162  0.363   -8.643  1.00 12.28 ? 76  TYR A N   1 
ATOM   488  C CA  . TYR A 1 52 ? -7.777  1.673   -8.888  1.00 13.32 ? 76  TYR A CA  1 
ATOM   489  C C   . TYR A 1 52 ? -8.030  2.347   -7.541  1.00 13.51 ? 76  TYR A C   1 
ATOM   490  O O   . TYR A 1 52 ? -8.760  1.813   -6.713  1.00 14.68 ? 76  TYR A O   1 
ATOM   491  C CB  . TYR A 1 52 ? -9.077  1.561   -9.689  1.00 12.95 ? 76  TYR A CB  1 
ATOM   492  C CG  . TYR A 1 52 ? -9.601  2.925   -10.100 1.00 13.08 ? 76  TYR A CG  1 
ATOM   493  C CD1 . TYR A 1 52 ? -9.132  3.568   -11.245 1.00 13.02 ? 76  TYR A CD1 1 
ATOM   494  C CD2 . TYR A 1 52 ? -10.533 3.595   -9.320  1.00 13.48 ? 76  TYR A CD2 1 
ATOM   495  C CE1 . TYR A 1 52 ? -9.593  4.806   -11.585 1.00 12.59 ? 76  TYR A CE1 1 
ATOM   496  C CE2 . TYR A 1 52 ? -11.015 4.853   -9.684  1.00 12.85 ? 76  TYR A CE2 1 
ATOM   497  C CZ  . TYR A 1 52 ? -10.552 5.441   -10.824 1.00 14.45 ? 76  TYR A CZ  1 
ATOM   498  O OH  . TYR A 1 52 ? -10.995 6.695   -11.206 1.00 15.25 ? 76  TYR A OH  1 
ATOM   499  N N   . CYS A 1 53 ? -7.388  3.485   -7.312  1.00 14.54 ? 77  CYS A N   1 
ATOM   500  C CA  . CYS A 1 53 ? -7.328  4.071   -5.987  1.00 13.99 ? 77  CYS A CA  1 
ATOM   501  C C   . CYS A 1 53 ? -7.788  5.541   -5.968  1.00 14.72 ? 77  CYS A C   1 
ATOM   502  O O   . CYS A 1 53 ? -7.619  6.229   -4.952  1.00 13.86 ? 77  CYS A O   1 
ATOM   503  C CB  . CYS A 1 53 ? -5.906  3.908   -5.411  1.00 15.15 ? 77  CYS A CB  1 
ATOM   504  S SG  . CYS A 1 53 ? -4.564  4.459   -6.418  1.00 17.49 ? 77  CYS A SG  1 
ATOM   505  N N   . SER A 1 54 ? -8.356  6.031   -7.079  1.00 12.60 ? 78  SER A N   1 
ATOM   506  C CA  . SER A 1 54 ? -8.800  7.424   -7.120  1.00 14.54 ? 78  SER A CA  1 
ATOM   507  C C   . SER A 1 54 ? -9.831  7.672   -6.041  1.00 15.49 ? 78  SER A C   1 
ATOM   508  O O   . SER A 1 54 ? -10.722 6.853   -5.827  1.00 16.98 ? 78  SER A O   1 
ATOM   509  C CB  . SER A 1 54 ? -9.395  7.786   -8.483  1.00 14.94 ? 78  SER A CB  1 
ATOM   510  O OG  . SER A 1 54 ? -9.594  9.201   -8.571  1.00 17.30 ? 78  SER A OG  1 
ATOM   511  N N   . ASN A 1 55 ? -9.714  8.808   -5.366  1.00 16.09 ? 79  ASN A N   1 
ATOM   512  C CA  A ASN A 1 55 ? -10.631 9.214   -4.290  0.70 16.85 ? 79  ASN A CA  1 
ATOM   513  C CA  B ASN A 1 55 ? -10.710 9.142   -4.348  0.30 16.13 ? 79  ASN A CA  1 
ATOM   514  C C   . ASN A 1 55 ? -10.596 8.283   -3.095  1.00 16.26 ? 79  ASN A C   1 
ATOM   515  O O   . ASN A 1 55 ? -11.478 8.326   -2.247  1.00 15.85 ? 79  ASN A O   1 
ATOM   516  C CB  A ASN A 1 55 ? -12.065 9.418   -4.782  0.70 17.61 ? 79  ASN A CB  1 
ATOM   517  C CB  B ASN A 1 55 ? -12.128 8.966   -4.902  0.30 16.43 ? 79  ASN A CB  1 
ATOM   518  C CG  A ASN A 1 55 ? -12.237 10.712  -5.557  0.70 19.93 ? 79  ASN A CG  1 
ATOM   519  C CG  B ASN A 1 55 ? -12.301 9.568   -6.284  0.30 16.34 ? 79  ASN A CG  1 
ATOM   520  O OD1 A ASN A 1 55 ? -11.660 11.752  -5.215  0.70 25.44 ? 79  ASN A OD1 1 
ATOM   521  O OD1 B ASN A 1 55 ? -11.731 10.614  -6.599  0.30 18.34 ? 79  ASN A OD1 1 
ATOM   522  N ND2 A ASN A 1 55 ? -13.020 10.651  -6.621  0.70 26.11 ? 79  ASN A ND2 1 
ATOM   523  N ND2 B ASN A 1 55 ? -13.105 8.917   -7.110  0.30 16.31 ? 79  ASN A ND2 1 
ATOM   524  N N   . ASP A 1 56 ? -9.554  7.466   -3.012  1.00 15.48 ? 80  ASP A N   1 
ATOM   525  C CA  . ASP A 1 56 ? -9.321  6.691   -1.791  1.00 13.87 ? 80  ASP A CA  1 
ATOM   526  C C   . ASP A 1 56 ? -8.118  7.327   -1.114  1.00 14.06 ? 80  ASP A C   1 
ATOM   527  O O   . ASP A 1 56 ? -7.269  7.932   -1.777  1.00 14.39 ? 80  ASP A O   1 
ATOM   528  C CB  . ASP A 1 56 ? -8.968  5.235   -2.139  1.00 13.99 ? 80  ASP A CB  1 
ATOM   529  C CG  . ASP A 1 56 ? -8.957  4.335   -0.937  1.00 15.00 ? 80  ASP A CG  1 
ATOM   530  O OD1 . ASP A 1 56 ? -10.042 3.831   -0.610  1.00 17.87 ? 80  ASP A OD1 1 
ATOM   531  O OD2 . ASP A 1 56 ? -7.900  4.166   -0.320  1.00 15.51 ? 80  ASP A OD2 1 
ATOM   532  N N   . LEU A 1 57 ? -8.031  7.169   0.213   1.00 13.73 ? 81  LEU A N   1 
ATOM   533  C CA  A LEU A 1 57 ? -6.829  7.509   0.972   0.70 14.40 ? 81  LEU A CA  1 
ATOM   534  C CA  B LEU A 1 57 ? -6.837  7.562   0.938   0.30 13.92 ? 81  LEU A CA  1 
ATOM   535  C C   . LEU A 1 57 ? -5.567  7.039   0.253   1.00 14.14 ? 81  LEU A C   1 
ATOM   536  O O   . LEU A 1 57 ? -4.549  7.730   0.172   1.00 14.94 ? 81  LEU A O   1 
ATOM   537  C CB  A LEU A 1 57 ? -6.931  6.865   2.363   0.70 15.18 ? 81  LEU A CB  1 
ATOM   538  C CB  B LEU A 1 57 ? -6.944  7.080   2.383   0.30 14.01 ? 81  LEU A CB  1 
ATOM   539  C CG  A LEU A 1 57 ? -5.718  6.926   3.296   0.70 16.48 ? 81  LEU A CG  1 
ATOM   540  C CG  B LEU A 1 57 ? -5.822  7.461   3.338   0.30 13.65 ? 81  LEU A CG  1 
ATOM   541  C CD1 A LEU A 1 57 ? -5.392  8.372   3.640   0.70 17.71 ? 81  LEU A CD1 1 
ATOM   542  C CD1 B LEU A 1 57 ? -6.350  7.434   4.760   0.30 12.57 ? 81  LEU A CD1 1 
ATOM   543  C CD2 A LEU A 1 57 ? -5.993  6.114   4.586   0.70 15.53 ? 81  LEU A CD2 1 
ATOM   544  C CD2 B LEU A 1 57 ? -4.658  6.505   3.177   0.30 11.79 ? 81  LEU A CD2 1 
ATOM   545  N N   . LEU A 1 58 ? -5.606  5.825   -0.296  1.00 12.85 ? 82  LEU A N   1 
ATOM   546  C CA  . LEU A 1 58 ? -4.427  5.309   -0.978  1.00 13.28 ? 82  LEU A CA  1 
ATOM   547  C C   . LEU A 1 58 ? -4.059  6.153   -2.222  1.00 13.40 ? 82  LEU A C   1 
ATOM   548  O O   . LEU A 1 58 ? -2.880  6.381   -2.503  1.00 14.35 ? 82  LEU A O   1 
ATOM   549  C CB  . LEU A 1 58 ? -4.673  3.852   -1.377  1.00 12.20 ? 82  LEU A CB  1 
ATOM   550  C CG  . LEU A 1 58 ? -3.479  3.250   -2.122  1.00 13.64 ? 82  LEU A CG  1 
ATOM   551  C CD1 . LEU A 1 58 ? -2.220  3.328   -1.215  1.00 16.57 ? 82  LEU A CD1 1 
ATOM   552  C CD2 . LEU A 1 58 ? -3.825  1.781   -2.526  1.00 14.51 ? 82  LEU A CD2 1 
ATOM   553  N N   . GLY A 1 59 ? -5.069  6.576   -2.973  1.00 13.33 ? 83  GLY A N   1 
ATOM   554  C CA  . GLY A 1 59 ? -4.848  7.465   -4.108  1.00 13.66 ? 83  GLY A CA  1 
ATOM   555  C C   . GLY A 1 59 ? -4.234  8.797   -3.678  1.00 15.10 ? 83  GLY A C   1 
ATOM   556  O O   . GLY A 1 59 ? -3.397  9.350   -4.388  1.00 16.19 ? 83  GLY A O   1 
ATOM   557  N N   . ASP A 1 60 ? -4.642  9.328   -2.535  1.00 15.60 ? 84  ASP A N   1 
ATOM   558  C CA  . ASP A 1 60 ? -4.010  10.554  -2.029  1.00 17.57 ? 84  ASP A CA  1 
ATOM   559  C C   . ASP A 1 60 ? -2.524  10.343  -1.691  1.00 19.13 ? 84  ASP A C   1 
ATOM   560  O O   . ASP A 1 60 ? -1.696  11.219  -1.968  1.00 19.08 ? 84  ASP A O   1 
ATOM   561  C CB  . ASP A 1 60 ? -4.731  11.057  -0.781  1.00 18.48 ? 84  ASP A CB  1 
ATOM   562  C CG  . ASP A 1 60 ? -6.187  11.366  -1.029  1.00 21.70 ? 84  ASP A CG  1 
ATOM   563  O OD1 . ASP A 1 60 ? -6.621  11.459  -2.196  1.00 24.63 ? 84  ASP A OD1 1 
ATOM   564  O OD2 . ASP A 1 60 ? -6.921  11.497  -0.025  1.00 29.00 ? 84  ASP A OD2 1 
ATOM   565  N N   . LEU A 1 61 ? -2.172  9.204   -1.078  1.00 19.45 ? 85  LEU A N   1 
ATOM   566  C CA  A LEU A 1 61 ? -0.760  8.872   -0.804  0.50 19.91 ? 85  LEU A CA  1 
ATOM   567  C CA  B LEU A 1 61 ? -0.763  8.856   -0.805  0.50 20.44 ? 85  LEU A CA  1 
ATOM   568  C C   . LEU A 1 61 ? 0.091   8.792   -2.055  1.00 20.93 ? 85  LEU A C   1 
ATOM   569  O O   . LEU A 1 61 ? 1.215   9.304   -2.086  1.00 21.30 ? 85  LEU A O   1 
ATOM   570  C CB  A LEU A 1 61 ? -0.639  7.528   -0.076  0.50 19.69 ? 85  LEU A CB  1 
ATOM   571  C CB  B LEU A 1 61 ? -0.675  7.501   -0.088  0.50 20.80 ? 85  LEU A CB  1 
ATOM   572  C CG  A LEU A 1 61 ? -1.067  7.418   1.375   0.50 18.32 ? 85  LEU A CG  1 
ATOM   573  C CG  B LEU A 1 61 ? -1.054  7.546   1.385   0.50 21.31 ? 85  LEU A CG  1 
ATOM   574  C CD1 A LEU A 1 61 ? -0.927  5.942   1.769   0.50 15.91 ? 85  LEU A CD1 1 
ATOM   575  C CD1 B LEU A 1 61 ? -1.782  8.817   1.676   0.50 24.07 ? 85  LEU A CD1 1 
ATOM   576  C CD2 A LEU A 1 61 ? -0.191  8.307   2.276   0.50 15.80 ? 85  LEU A CD2 1 
ATOM   577  C CD2 B LEU A 1 61 ? -1.848  6.310   1.823   0.50 21.83 ? 85  LEU A CD2 1 
ATOM   578  N N   . PHE A 1 62 ? -0.428  8.119   -3.077  1.00 19.63 ? 86  PHE A N   1 
ATOM   579  C CA  . PHE A 1 62 ? 0.252   7.943   -4.345  1.00 20.60 ? 86  PHE A CA  1 
ATOM   580  C C   . PHE A 1 62 ? 0.265   9.187   -5.209  1.00 19.41 ? 86  PHE A C   1 
ATOM   581  O O   . PHE A 1 62 ? 1.181   9.407   -5.974  1.00 20.22 ? 86  PHE A O   1 
ATOM   582  C CB  . PHE A 1 62 ? -0.417  6.816   -5.179  1.00 21.10 ? 86  PHE A CB  1 
ATOM   583  C CG  . PHE A 1 62 ? 0.230   5.466   -5.055  1.00 24.21 ? 86  PHE A CG  1 
ATOM   584  C CD1 . PHE A 1 62 ? 1.267   5.083   -5.913  1.00 25.62 ? 86  PHE A CD1 1 
ATOM   585  C CD2 . PHE A 1 62 ? -0.232  4.548   -4.110  1.00 21.81 ? 86  PHE A CD2 1 
ATOM   586  C CE1 . PHE A 1 62 ? 1.860   3.810   -5.796  1.00 26.11 ? 86  PHE A CE1 1 
ATOM   587  C CE2 . PHE A 1 62 ? 0.357   3.304   -3.977  1.00 22.09 ? 86  PHE A CE2 1 
ATOM   588  C CZ  . PHE A 1 62 ? 1.381   2.919   -4.811  1.00 24.69 ? 86  PHE A CZ  1 
ATOM   589  N N   . GLY A 1 63 ? -0.789  9.993   -5.135  1.00 17.76 ? 87  GLY A N   1 
ATOM   590  C CA  . GLY A 1 63 ? -0.955  11.077  -6.059  1.00 18.13 ? 87  GLY A CA  1 
ATOM   591  C C   . GLY A 1 63 ? -1.343  10.640  -7.473  1.00 17.68 ? 87  GLY A C   1 
ATOM   592  O O   . GLY A 1 63 ? -1.155  11.410  -8.406  1.00 19.59 ? 87  GLY A O   1 
ATOM   593  N N   . VAL A 1 64 ? -1.898  9.437   -7.608  1.00 17.68 ? 88  VAL A N   1 
ATOM   594  C CA  . VAL A 1 64 ? -2.300  8.849   -8.889  1.00 17.79 ? 88  VAL A CA  1 
ATOM   595  C C   . VAL A 1 64 ? -3.659  8.139   -8.711  1.00 15.65 ? 88  VAL A C   1 
ATOM   596  O O   . VAL A 1 64 ? -4.010  7.682   -7.633  1.00 15.29 ? 88  VAL A O   1 
ATOM   597  C CB  . VAL A 1 64 ? -1.248  7.789   -9.404  1.00 19.03 ? 88  VAL A CB  1 
ATOM   598  C CG1 . VAL A 1 64 ? 0.133   8.399   -9.451  1.00 22.51 ? 88  VAL A CG1 1 
ATOM   599  C CG2 . VAL A 1 64 ? -1.216  6.604   -8.521  1.00 21.19 ? 88  VAL A CG2 1 
ATOM   600  N N   . PRO A 1 65 ? -4.437  8.045   -9.796  1.00 14.71 ? 89  PRO A N   1 
ATOM   601  C CA  . PRO A 1 65 ? -5.734  7.368   -9.682  1.00 13.87 ? 89  PRO A CA  1 
ATOM   602  C C   . PRO A 1 65 ? -5.646  5.846   -9.770  1.00 13.29 ? 89  PRO A C   1 
ATOM   603  O O   . PRO A 1 65 ? -6.607  5.170   -9.429  1.00 13.79 ? 89  PRO A O   1 
ATOM   604  C CB  . PRO A 1 65 ? -6.503  7.897   -10.902 1.00 13.91 ? 89  PRO A CB  1 
ATOM   605  C CG  . PRO A 1 65 ? -5.368  8.140   -11.951 1.00 14.35 ? 89  PRO A CG  1 
ATOM   606  C CD  . PRO A 1 65 ? -4.243  8.717   -11.099 1.00 14.29 ? 89  PRO A CD  1 
ATOM   607  N N   . SER A 1 66 ? -4.496  5.311   -10.200 1.00 12.42 ? 90  SER A N   1 
ATOM   608  C CA  . SER A 1 66 ? -4.411  3.894   -10.518 1.00 13.06 ? 90  SER A CA  1 
ATOM   609  C C   . SER A 1 66 ? -2.945  3.542   -10.677 1.00 12.43 ? 90  SER A C   1 
ATOM   610  O O   . SER A 1 66 ? -2.079  4.428   -10.913 1.00 13.23 ? 90  SER A O   1 
ATOM   611  C CB  . SER A 1 66 ? -5.149  3.640   -11.843 1.00 12.57 ? 90  SER A CB  1 
ATOM   612  O OG  . SER A 1 66 ? -4.565  4.389   -12.885 1.00 15.86 ? 90  SER A OG  1 
ATOM   613  N N   . PHE A 1 67 ? -2.673  2.253   -10.568 1.00 12.76 ? 91  PHE A N   1 
ATOM   614  C CA  . PHE A 1 67 ? -1.319  1.720   -10.812 1.00 12.11 ? 91  PHE A CA  1 
ATOM   615  C C   . PHE A 1 67 ? -1.428  0.235   -10.977 1.00 12.70 ? 91  PHE A C   1 
ATOM   616  O O   . PHE A 1 67 ? -2.426  -0.370  -10.572 1.00 13.13 ? 91  PHE A O   1 
ATOM   617  C CB  . PHE A 1 67 ? -0.314  2.073   -9.697  1.00 12.95 ? 91  PHE A CB  1 
ATOM   618  C CG  . PHE A 1 67 ? -0.658  1.501   -8.347  1.00 11.92 ? 91  PHE A CG  1 
ATOM   619  C CD1 . PHE A 1 67 ? -0.112  0.278   -7.928  1.00 12.72 ? 91  PHE A CD1 1 
ATOM   620  C CD2 . PHE A 1 67 ? -1.517  2.200   -7.485  1.00 12.16 ? 91  PHE A CD2 1 
ATOM   621  C CE1 . PHE A 1 67 ? -0.441  -0.237  -6.626  1.00 14.09 ? 91  PHE A CE1 1 
ATOM   622  C CE2 . PHE A 1 67 ? -1.848  1.690   -6.247  1.00 14.94 ? 91  PHE A CE2 1 
ATOM   623  C CZ  . PHE A 1 67 ? -1.305  0.458   -5.814  1.00 14.14 ? 91  PHE A CZ  1 
ATOM   624  N N   . SER A 1 68 ? -0.409  -0.372  -11.555 1.00 12.21 ? 92  SER A N   1 
ATOM   625  C CA  . SER A 1 68 ? -0.327  -1.830  -11.558 1.00 12.17 ? 92  SER A CA  1 
ATOM   626  C C   . SER A 1 68 ? 0.650   -2.240  -10.439 1.00 12.75 ? 92  SER A C   1 
ATOM   627  O O   . SER A 1 68 ? 1.676   -1.584  -10.226 1.00 12.57 ? 92  SER A O   1 
ATOM   628  C CB  . SER A 1 68 ? 0.230   -2.293  -12.913 1.00 12.84 ? 92  SER A CB  1 
ATOM   629  O OG  . SER A 1 68 ? 0.567   -3.686  -12.863 1.00 13.30 ? 92  SER A OG  1 
ATOM   630  N N   . VAL A 1 69 ? 0.341   -3.330  -9.762  1.00 12.58 ? 93  VAL A N   1 
ATOM   631  C CA  . VAL A 1 69 ? 1.253   -3.920  -8.773  1.00 12.15 ? 93  VAL A CA  1 
ATOM   632  C C   . VAL A 1 69 ? 2.621   -4.273  -9.394  1.00 13.82 ? 93  VAL A C   1 
ATOM   633  O O   . VAL A 1 69 ? 3.619   -4.313  -8.684  1.00 14.98 ? 93  VAL A O   1 
ATOM   634  C CB  . VAL A 1 69 ? 0.602   -5.180  -8.119  1.00 11.68 ? 93  VAL A CB  1 
ATOM   635  C CG1 . VAL A 1 69 ? 1.594   -5.856  -7.129  1.00 11.79 ? 93  VAL A CG1 1 
ATOM   636  C CG2 . VAL A 1 69 ? -0.681  -4.745  -7.403  1.00 12.85 ? 93  VAL A CG2 1 
ATOM   637  N N   . LYS A 1 70 ? 2.678   -4.457  -10.709 1.00 12.35 ? 94  LYS A N   1 
ATOM   638  C CA  . LYS A 1 70 ? 3.969   -4.687  -11.364 1.00 13.31 ? 94  LYS A CA  1 
ATOM   639  C C   . LYS A 1 70 ? 4.915   -3.463  -11.369 1.00 13.08 ? 94  LYS A C   1 
ATOM   640  O O   . LYS A 1 70 ? 6.104   -3.630  -11.700 1.00 13.47 ? 94  LYS A O   1 
ATOM   641  C CB  . LYS A 1 70 ? 3.727   -5.180  -12.777 1.00 13.78 ? 94  LYS A CB  1 
ATOM   642  C CG  . LYS A 1 70 ? 2.934   -6.446  -12.801 1.00 16.01 ? 94  LYS A CG  1 
ATOM   643  C CD  . LYS A 1 70 ? 2.933   -6.929  -14.239 1.00 24.82 ? 94  LYS A CD  1 
ATOM   644  C CE  . LYS A 1 70 ? 1.568   -7.446  -14.629 1.00 30.32 ? 94  LYS A CE  1 
ATOM   645  N NZ  . LYS A 1 70 ? 1.551   -8.136  -15.968 1.00 36.20 ? 94  LYS A NZ  1 
ATOM   646  N N   . GLU A 1 71 ? 4.388   -2.267  -11.071 1.00 12.84 ? 95  GLU A N   1 
ATOM   647  C CA  . GLU A 1 71 ? 5.185   -1.003  -11.100 1.00 12.85 ? 95  GLU A CA  1 
ATOM   648  C C   . GLU A 1 71 ? 5.927   -0.820  -9.792  1.00 12.33 ? 95  GLU A C   1 
ATOM   649  O O   . GLU A 1 71 ? 5.569   0.004   -8.959  1.00 13.49 ? 95  GLU A O   1 
ATOM   650  C CB  . GLU A 1 71 ? 4.257   0.183   -11.362 1.00 13.86 ? 95  GLU A CB  1 
ATOM   651  C CG  . GLU A 1 71 ? 3.554   0.043   -12.727 1.00 14.89 ? 95  GLU A CG  1 
ATOM   652  C CD  . GLU A 1 71 ? 2.751   1.278   -13.005 1.00 17.82 ? 95  GLU A CD  1 
ATOM   653  O OE1 . GLU A 1 71 ? 1.557   1.278   -12.733 1.00 15.26 ? 95  GLU A OE1 1 
ATOM   654  O OE2 . GLU A 1 71 ? 3.316   2.318   -13.452 1.00 20.50 ? 95  GLU A OE2 1 
ATOM   655  N N   . HIS A 1 72 ? 6.972   -1.629  -9.605  1.00 13.17 ? 96  HIS A N   1 
ATOM   656  C CA  . HIS A 1 72 ? 7.642   -1.679  -8.290  1.00 13.26 ? 96  HIS A CA  1 
ATOM   657  C C   . HIS A 1 72 ? 8.352   -0.358  -7.961  1.00 12.78 ? 96  HIS A C   1 
ATOM   658  O O   . HIS A 1 72 ? 8.277   0.118   -6.827  1.00 12.90 ? 96  HIS A O   1 
ATOM   659  C CB  . HIS A 1 72 ? 8.636   -2.818  -8.287  1.00 13.12 ? 96  HIS A CB  1 
ATOM   660  C CG  . HIS A 1 72 ? 7.976   -4.159  -8.333  1.00 15.10 ? 96  HIS A CG  1 
ATOM   661  N ND1 . HIS A 1 72 ? 8.687   -5.340  -8.221  1.00 18.21 ? 96  HIS A ND1 1 
ATOM   662  C CD2 . HIS A 1 72 ? 6.671   -4.506  -8.465  1.00 17.15 ? 96  HIS A CD2 1 
ATOM   663  C CE1 . HIS A 1 72 ? 7.840   -6.357  -8.310  1.00 19.58 ? 96  HIS A CE1 1 
ATOM   664  N NE2 . HIS A 1 72 ? 6.613   -5.877  -8.433  1.00 17.25 ? 96  HIS A NE2 1 
ATOM   665  N N   . ARG A 1 73 ? 8.978   0.277   -8.948  1.00 13.68 ? 97  ARG A N   1 
ATOM   666  C CA  . ARG A 1 73 ? 9.612   1.573   -8.682  1.00 14.27 ? 97  ARG A CA  1 
ATOM   667  C C   . ARG A 1 73 ? 8.583   2.576   -8.187  1.00 14.44 ? 97  ARG A C   1 
ATOM   668  O O   . ARG A 1 73 ? 8.786   3.287   -7.205  1.00 14.61 ? 97  ARG A O   1 
ATOM   669  C CB  . ARG A 1 73 ? 10.308  2.122   -9.932  1.00 14.55 ? 97  ARG A CB  1 
ATOM   670  C CG  . ARG A 1 73 ? 10.883  3.510   -9.663  1.00 15.19 ? 97  ARG A CG  1 
ATOM   671  C CD  . ARG A 1 73 ? 11.845  3.981   -10.712 1.00 18.84 ? 97  ARG A CD  1 
ATOM   672  N NE  . ARG A 1 73 ? 12.374  5.316   -10.332 1.00 20.21 ? 97  ARG A NE  1 
ATOM   673  C CZ  . ARG A 1 73 ? 13.337  5.986   -10.986 1.00 21.41 ? 97  ARG A CZ  1 
ATOM   674  N NH1 . ARG A 1 73 ? 13.942  5.447   -12.049 1.00 22.91 ? 97  ARG A NH1 1 
ATOM   675  N NH2 . ARG A 1 73 ? 13.711  7.201   -10.571 1.00 19.71 ? 97  ARG A NH2 1 
ATOM   676  N N   . LYS A 1 74 ? 7.443   2.642   -8.871  1.00 14.83 ? 98  LYS A N   1 
ATOM   677  C CA  . LYS A 1 74 ? 6.393   3.581   -8.456  1.00 15.93 ? 98  LYS A CA  1 
ATOM   678  C C   . LYS A 1 74 ? 5.876   3.347   -7.020  1.00 15.43 ? 98  LYS A C   1 
ATOM   679  O O   . LYS A 1 74 ? 5.670   4.292   -6.216  1.00 14.87 ? 98  LYS A O   1 
ATOM   680  C CB  . LYS A 1 74 ? 5.241   3.533   -9.488  1.00 16.71 ? 98  LYS A CB  1 
ATOM   681  C CG  . LYS A 1 74 ? 4.112   4.546   -9.268  1.00 21.96 ? 98  LYS A CG  1 
ATOM   682  C CD  . LYS A 1 74 ? 3.049   4.491   -10.405 1.00 24.56 ? 98  LYS A CD  1 
ATOM   683  C CE  . LYS A 1 74 ? 3.628   4.982   -11.748 1.00 27.13 ? 98  LYS A CE  1 
ATOM   684  N NZ  . LYS A 1 74 ? 2.604   4.964   -12.859 1.00 25.62 ? 98  LYS A NZ  1 
ATOM   685  N N   . ILE A 1 75 ? 5.649   2.076   -6.689  1.00 14.69 ? 99  ILE A N   1 
ATOM   686  C CA  . ILE A 1 75 ? 5.141   1.724   -5.376  1.00 14.17 ? 99  ILE A CA  1 
ATOM   687  C C   . ILE A 1 75 ? 6.175   2.012   -4.279  1.00 14.15 ? 99  ILE A C   1 
ATOM   688  O O   . ILE A 1 75 ? 5.857   2.614   -3.261  1.00 14.06 ? 99  ILE A O   1 
ATOM   689  C CB  . ILE A 1 75 ? 4.663   0.254   -5.387  1.00 14.54 ? 99  ILE A CB  1 
ATOM   690  C CG1 . ILE A 1 75 ? 3.492   0.135   -6.377  1.00 12.58 ? 99  ILE A CG1 1 
ATOM   691  C CG2 . ILE A 1 75 ? 4.319   -0.230  -3.980  1.00 15.51 ? 99  ILE A CG2 1 
ATOM   692  C CD1 . ILE A 1 75 ? 3.139   -1.351  -6.807  1.00 13.48 ? 99  ILE A CD1 1 
ATOM   693  N N   . TYR A 1 76 ? 7.424   1.575   -4.488  1.00 13.95 ? 100 TYR A N   1 
ATOM   694  C CA  . TYR A 1 76 ? 8.454   1.876   -3.513  1.00 13.52 ? 100 TYR A CA  1 
ATOM   695  C C   . TYR A 1 76 ? 8.611   3.382   -3.348  1.00 13.66 ? 100 TYR A C   1 
ATOM   696  O O   . TYR A 1 76 ? 8.779   3.872   -2.222  1.00 13.06 ? 100 TYR A O   1 
ATOM   697  C CB  . TYR A 1 76 ? 9.824   1.279   -3.915  1.00 13.73 ? 100 TYR A CB  1 
ATOM   698  C CG  . TYR A 1 76 ? 10.067  -0.100  -3.347  1.00 15.70 ? 100 TYR A CG  1 
ATOM   699  C CD1 . TYR A 1 76 ? 9.363   -1.187  -3.811  1.00 14.61 ? 100 TYR A CD1 1 
ATOM   700  C CD2 . TYR A 1 76 ? 11.071  -0.311  -2.395  1.00 17.41 ? 100 TYR A CD2 1 
ATOM   701  C CE1 . TYR A 1 76 ? 9.594   -2.483  -3.285  1.00 17.01 ? 100 TYR A CE1 1 
ATOM   702  C CE2 . TYR A 1 76 ? 11.313  -1.578  -1.861  1.00 17.42 ? 100 TYR A CE2 1 
ATOM   703  C CZ  . TYR A 1 76 ? 10.554  -2.653  -2.304  1.00 18.43 ? 100 TYR A CZ  1 
ATOM   704  O OH  . TYR A 1 76 ? 10.770  -3.895  -1.781  1.00 18.50 ? 100 TYR A OH  1 
ATOM   705  N N   . THR A 1 77 ? 8.583   4.126   -4.453  1.00 13.02 ? 101 THR A N   1 
ATOM   706  C CA  . THR A 1 77 ? 8.753   5.574   -4.366  1.00 13.74 ? 101 THR A CA  1 
ATOM   707  C C   . THR A 1 77 ? 7.622   6.236   -3.578  1.00 13.40 ? 101 THR A C   1 
ATOM   708  O O   . THR A 1 77 ? 7.877   7.108   -2.744  1.00 13.39 ? 101 THR A O   1 
ATOM   709  C CB  . THR A 1 77 ? 8.816   6.174   -5.782  1.00 12.83 ? 101 THR A CB  1 
ATOM   710  O OG1 . THR A 1 77 ? 9.945   5.636   -6.475  1.00 15.98 ? 101 THR A OG1 1 
ATOM   711  C CG2 . THR A 1 77 ? 8.975   7.701   -5.670  1.00 15.16 ? 101 THR A CG2 1 
ATOM   712  N N   . MET A 1 78 ? 6.366   5.847   -3.839  1.00 15.41 ? 102 MET A N   1 
ATOM   713  C CA  A MET A 1 78 ? 5.213   6.278   -2.993  0.50 15.87 ? 102 MET A CA  1 
ATOM   714  C CA  B MET A 1 78 ? 5.253   6.361   -3.011  0.50 16.90 ? 102 MET A CA  1 
ATOM   715  C C   . MET A 1 78 ? 5.453   6.085   -1.515  1.00 16.33 ? 102 MET A C   1 
ATOM   716  O O   . MET A 1 78 ? 5.208   6.979   -0.673  1.00 16.87 ? 102 MET A O   1 
ATOM   717  C CB  A MET A 1 78 ? 3.957   5.460   -3.314  0.50 15.31 ? 102 MET A CB  1 
ATOM   718  C CB  B MET A 1 78 ? 3.883   5.820   -3.459  0.50 17.30 ? 102 MET A CB  1 
ATOM   719  C CG  A MET A 1 78 ? 2.749   5.790   -2.383  0.50 15.11 ? 102 MET A CG  1 
ATOM   720  C CG  B MET A 1 78 ? 2.716   6.388   -2.568  0.50 21.76 ? 102 MET A CG  1 
ATOM   721  S SD  A MET A 1 78 ? 2.607   5.082   -0.714  0.50 14.25 ? 102 MET A SD  1 
ATOM   722  S SD  B MET A 1 78 ? 1.198   5.392   -2.360  0.50 30.40 ? 102 MET A SD  1 
ATOM   723  C CE  A MET A 1 78 ? 1.968   3.480   -1.227  0.50 18.87 ? 102 MET A CE  1 
ATOM   724  C CE  B MET A 1 78 ? 1.821   4.016   -1.419  0.50 26.06 ? 102 MET A CE  1 
ATOM   725  N N   . ILE A 1 79 ? 5.908   4.884   -1.158  1.00 15.88 ? 103 ILE A N   1 
ATOM   726  C CA  . ILE A 1 79 ? 6.149   4.595   0.237   1.00 16.85 ? 103 ILE A CA  1 
ATOM   727  C C   . ILE A 1 79 ? 7.202   5.527   0.785   1.00 15.45 ? 103 ILE A C   1 
ATOM   728  O O   . ILE A 1 79 ? 7.007   6.157   1.803   1.00 15.90 ? 103 ILE A O   1 
ATOM   729  C CB  . ILE A 1 79 ? 6.476   3.096   0.460   1.00 17.86 ? 103 ILE A CB  1 
ATOM   730  C CG1 . ILE A 1 79 ? 5.289   2.291   -0.099  1.00 19.56 ? 103 ILE A CG1 1 
ATOM   731  C CG2 . ILE A 1 79 ? 6.815   2.859   1.915   1.00 18.99 ? 103 ILE A CG2 1 
ATOM   732  C CD1 . ILE A 1 79 ? 5.461   0.705   -0.099  1.00 23.33 ? 103 ILE A CD1 1 
ATOM   733  N N   . TYR A 1 80 ? 8.349   5.642   0.122   1.00 14.70 ? 104 TYR A N   1 
ATOM   734  C CA  . TYR A 1 80 ? 9.395   6.514   0.649   1.00 14.72 ? 104 TYR A CA  1 
ATOM   735  C C   . TYR A 1 80 ? 8.951   7.981   0.795   1.00 13.73 ? 104 TYR A C   1 
ATOM   736  O O   . TYR A 1 80 ? 9.367   8.668   1.712   1.00 13.54 ? 104 TYR A O   1 
ATOM   737  C CB  . TYR A 1 80 ? 10.664  6.475   -0.231  1.00 14.70 ? 104 TYR A CB  1 
ATOM   738  C CG  . TYR A 1 80 ? 11.650  5.353   0.034   1.00 14.65 ? 104 TYR A CG  1 
ATOM   739  C CD1 . TYR A 1 80 ? 11.441  4.086   -0.516  1.00 16.55 ? 104 TYR A CD1 1 
ATOM   740  C CD2 . TYR A 1 80 ? 12.775  5.559   0.792   1.00 14.71 ? 104 TYR A CD2 1 
ATOM   741  C CE1 . TYR A 1 80 ? 12.355  3.051   -0.294  1.00 16.87 ? 104 TYR A CE1 1 
ATOM   742  C CE2 . TYR A 1 80 ? 13.685  4.540   1.011   1.00 13.48 ? 104 TYR A CE2 1 
ATOM   743  C CZ  . TYR A 1 80 ? 13.462  3.287   0.453   1.00 12.96 ? 104 TYR A CZ  1 
ATOM   744  O OH  . TYR A 1 80 ? 14.350  2.239   0.652   1.00 13.26 ? 104 TYR A OH  1 
ATOM   745  N N   . ARG A 1 81 ? 8.128   8.454   -0.145  1.00 13.25 ? 105 ARG A N   1 
ATOM   746  C CA  . ARG A 1 81 ? 7.650   9.829   -0.082  1.00 13.61 ? 105 ARG A CA  1 
ATOM   747  C C   . ARG A 1 81 ? 6.819   10.025  1.187   1.00 14.39 ? 105 ARG A C   1 
ATOM   748  O O   . ARG A 1 81 ? 6.675   11.143  1.682   1.00 14.63 ? 105 ARG A O   1 
ATOM   749  C CB  . ARG A 1 81 ? 6.768   10.096  -1.268  1.00 13.44 ? 105 ARG A CB  1 
ATOM   750  C CG  . ARG A 1 81 ? 7.522   10.345  -2.560  1.00 14.13 ? 105 ARG A CG  1 
ATOM   751  C CD  . ARG A 1 81 ? 6.527   10.680  -3.674  1.00 16.97 ? 105 ARG A CD  1 
ATOM   752  N NE  . ARG A 1 81 ? 7.134   10.792  -4.985  1.00 14.65 ? 105 ARG A NE  1 
ATOM   753  C CZ  . ARG A 1 81 ? 6.423   10.792  -6.106  1.00 19.82 ? 105 ARG A CZ  1 
ATOM   754  N NH1 . ARG A 1 81 ? 5.069   10.700  -6.020  1.00 19.80 ? 105 ARG A NH1 1 
ATOM   755  N NH2 . ARG A 1 81 ? 7.026   10.891  -7.285  1.00 17.96 ? 105 ARG A NH2 1 
ATOM   756  N N   . ASN A 1 82 ? 6.311   8.909   1.707   1.00 13.80 ? 106 ASN A N   1 
ATOM   757  C CA  . ASN A 1 82 ? 5.426   8.943   2.870   1.00 14.06 ? 106 ASN A CA  1 
ATOM   758  C C   . ASN A 1 82 ? 6.100   8.405   4.130   1.00 14.66 ? 106 ASN A C   1 
ATOM   759  O O   . ASN A 1 82 ? 5.421   7.952   5.044   1.00 15.14 ? 106 ASN A O   1 
ATOM   760  C CB  . ASN A 1 82 ? 4.143   8.191   2.547   1.00 13.74 ? 106 ASN A CB  1 
ATOM   761  C CG  . ASN A 1 82 ? 3.224   9.000   1.616   1.00 14.48 ? 106 ASN A CG  1 
ATOM   762  O OD1 . ASN A 1 82 ? 2.592   9.992   2.037   1.00 15.86 ? 106 ASN A OD1 1 
ATOM   763  N ND2 . ASN A 1 82 ? 3.215   8.629   0.327   1.00 15.02 ? 106 ASN A ND2 1 
ATOM   764  N N   . LEU A 1 83 ? 7.436   8.436   4.170   1.00 13.91 ? 107 LEU A N   1 
ATOM   765  C CA  . LEU A 1 83 ? 8.221   8.062   5.385   1.00 14.41 ? 107 LEU A CA  1 
ATOM   766  C C   . LEU A 1 83 ? 8.959   9.248   5.946   1.00 16.39 ? 107 LEU A C   1 
ATOM   767  O O   . LEU A 1 83 ? 9.378   10.131  5.183   1.00 17.05 ? 107 LEU A O   1 
ATOM   768  C CB  . LEU A 1 83 ? 9.253   6.967   5.096   1.00 14.99 ? 107 LEU A CB  1 
ATOM   769  C CG  . LEU A 1 83 ? 8.780   5.647   4.545   1.00 16.39 ? 107 LEU A CG  1 
ATOM   770  C CD1 . LEU A 1 83 ? 10.042  4.814   4.277   1.00 18.81 ? 107 LEU A CD1 1 
ATOM   771  C CD2 . LEU A 1 83 ? 7.859   4.961   5.565   1.00 17.33 ? 107 LEU A CD2 1 
ATOM   772  N N   . VAL A 1 84 ? 9.133   9.272   7.269   1.00 16.68 ? 108 VAL A N   1 
ATOM   773  C CA  . VAL A 1 84 ? 10.015  10.237  7.939   1.00 18.98 ? 108 VAL A CA  1 
ATOM   774  C C   . VAL A 1 84 ? 11.410  9.656   7.953   1.00 20.62 ? 108 VAL A C   1 
ATOM   775  O O   . VAL A 1 84 ? 11.750  8.827   8.810   1.00 20.95 ? 108 VAL A O   1 
ATOM   776  C CB  . VAL A 1 84 ? 9.619   10.506  9.384   1.00 18.60 ? 108 VAL A CB  1 
ATOM   777  C CG1 . VAL A 1 84 ? 10.606  11.512  10.002  1.00 19.05 ? 108 VAL A CG1 1 
ATOM   778  C CG2 . VAL A 1 84 ? 8.158   10.986  9.493   1.00 17.35 ? 108 VAL A CG2 1 
ATOM   779  N N   . VAL A 1 85 ? 12.232  10.096  7.014   1.00 22.99 ? 109 VAL A N   1 
ATOM   780  C CA  . VAL A 1 85 ? 13.574  9.535   6.885   1.00 25.24 ? 109 VAL A CA  1 
ATOM   781  C C   . VAL A 1 85 ? 14.656  10.349  7.565   1.00 26.73 ? 109 VAL A C   1 
ATOM   782  O O   . VAL A 1 85 ? 14.734  11.601  7.478   1.00 26.49 ? 109 VAL A O   1 
ATOM   783  C CB  . VAL A 1 85 ? 13.967  9.263   5.412   1.00 26.00 ? 109 VAL A CB  1 
ATOM   784  C CG1 . VAL A 1 85 ? 15.309  8.532   5.362   1.00 27.25 ? 109 VAL A CG1 1 
ATOM   785  C CG2 . VAL A 1 85 ? 12.879  8.442   4.724   1.00 23.92 ? 109 VAL A CG2 1 
ATOM   786  O OXT . VAL A 1 85 ? 15.489  9.710   8.244   1.00 28.60 ? 109 VAL A OXT 1 
ATOM   787  N N   . THR B 2 1  ? -2.922  -15.573 -11.595 1.00 14.59 ? 1   THR B N   1 
ATOM   788  C CA  . THR B 2 1  ? -2.099  -14.954 -10.517 1.00 14.20 ? 1   THR B CA  1 
ATOM   789  C C   . THR B 2 1  ? -2.976  -14.064 -9.613  1.00 14.54 ? 1   THR B C   1 
ATOM   790  O O   . THR B 2 1  ? -3.664  -13.162 -10.087 1.00 15.79 ? 1   THR B O   1 
ATOM   791  C CB  . THR B 2 1  ? -0.970  -14.125 -11.129 1.00 14.54 ? 1   THR B CB  1 
ATOM   792  O OG1 . THR B 2 1  ? -0.246  -14.969 -12.054 1.00 14.59 ? 1   THR B OG1 1 
ATOM   793  C CG2 . THR B 2 1  ? -0.030  -13.623 -10.024 1.00 14.83 ? 1   THR B CG2 1 
ATOM   794  N N   . SER B 2 2  ? -2.977  -14.336 -8.313  1.00 12.66 ? 2   SER B N   1 
ATOM   795  C CA  . SER B 2 2  ? -3.812  -13.542 -7.399  1.00 12.83 ? 2   SER B CA  1 
ATOM   796  C C   . SER B 2 2  ? -3.145  -12.219 -7.032  1.00 12.95 ? 2   SER B C   1 
ATOM   797  O O   . SER B 2 2  ? -1.938  -12.042 -7.197  1.00 12.83 ? 2   SER B O   1 
ATOM   798  C CB  . SER B 2 2  ? -4.067  -14.324 -6.099  1.00 13.46 ? 2   SER B CB  1 
ATOM   799  O OG  . SER B 2 2  ? -2.842  -14.451 -5.364  1.00 12.70 ? 2   SER B OG  1 
ATOM   800  N N   . PHE B 2 3  ? -3.932  -11.280 -6.509  1.00 12.05 ? 3   PHE B N   1 
ATOM   801  C CA  . PHE B 2 3  ? -3.373  -10.065 -5.974  1.00 12.18 ? 3   PHE B CA  1 
ATOM   802  C C   . PHE B 2 3  ? -2.222  -10.335 -5.017  1.00 12.69 ? 3   PHE B C   1 
ATOM   803  O O   . PHE B 2 3  ? -1.153  -9.712  -5.150  1.00 13.11 ? 3   PHE B O   1 
ATOM   804  C CB  . PHE B 2 3  ? -4.444  -9.215  -5.288  1.00 12.44 ? 3   PHE B CB  1 
ATOM   805  C CG  . PHE B 2 3  ? -3.855  -8.038  -4.576  1.00 11.26 ? 3   PHE B CG  1 
ATOM   806  C CD1 . PHE B 2 3  ? -3.549  -6.868  -5.288  1.00 12.53 ? 3   PHE B CD1 1 
ATOM   807  C CD2 . PHE B 2 3  ? -3.503  -8.114  -3.221  1.00 12.90 ? 3   PHE B CD2 1 
ATOM   808  C CE1 . PHE B 2 3  ? -2.923  -5.801  -4.625  1.00 13.81 ? 3   PHE B CE1 1 
ATOM   809  C CE2 . PHE B 2 3  ? -2.888  -7.040  -2.570  1.00 14.86 ? 3   PHE B CE2 1 
ATOM   810  C CZ  . PHE B 2 3  ? -2.599  -5.877  -3.270  1.00 15.02 ? 3   PHE B CZ  1 
ATOM   811  N N   . ALA B 2 4  ? -2.404  -11.271 -4.081  1.00 12.59 ? 4   ALA B N   1 
ATOM   812  C CA  . ALA B 2 4  ? -1.361  -11.488 -3.085  1.00 12.67 ? 4   ALA B CA  1 
ATOM   813  C C   . ALA B 2 4  ? -0.098  -11.977 -3.787  1.00 13.32 ? 4   ALA B C   1 
ATOM   814  O O   . ALA B 2 4  ? 1.021   -11.627 -3.385  1.00 13.00 ? 4   ALA B O   1 
ATOM   815  C CB  . ALA B 2 4  ? -1.834  -12.489 -2.061  1.00 13.20 ? 4   ALA B CB  1 
ATOM   816  N N   . GLU B 2 5  ? -0.258  -12.818 -4.819  1.00 12.88 ? 5   GLU B N   1 
ATOM   817  C CA  . GLU B 2 5  ? 0.922   -13.301 -5.556  1.00 13.62 ? 5   GLU B CA  1 
ATOM   818  C C   . GLU B 2 5  ? 1.661   -12.152 -6.188  1.00 13.27 ? 5   GLU B C   1 
ATOM   819  O O   . GLU B 2 5  ? 2.900   -12.089 -6.081  1.00 14.74 ? 5   GLU B O   1 
ATOM   820  C CB  . GLU B 2 5  ? 0.543   -14.346 -6.595  1.00 12.59 ? 5   GLU B CB  1 
ATOM   821  C CG  . GLU B 2 5  ? 0.213   -15.693 -5.950  1.00 13.27 ? 5   GLU B CG  1 
ATOM   822  C CD  . GLU B 2 5  ? -0.252  -16.681 -6.971  1.00 15.39 ? 5   GLU B CD  1 
ATOM   823  O OE1 . GLU B 2 5  ? -1.379  -16.510 -7.452  1.00 16.23 ? 5   GLU B OE1 1 
ATOM   824  O OE2 . GLU B 2 5  ? 0.477   -17.656 -7.265  1.00 17.85 ? 5   GLU B OE2 1 
ATOM   825  N N   . TYR B 2 6  ? 0.942   -11.240 -6.835  1.00 13.34 ? 6   TYR B N   1 
ATOM   826  C CA  . TYR B 2 6  ? 1.624   -10.084 -7.431  1.00 12.83 ? 6   TYR B CA  1 
ATOM   827  C C   . TYR B 2 6  ? 2.258   -9.215  -6.346  1.00 12.47 ? 6   TYR B C   1 
ATOM   828  O O   . TYR B 2 6  ? 3.404   -8.756  -6.461  1.00 13.87 ? 6   TYR B O   1 
ATOM   829  C CB  . TYR B 2 6  ? 0.621   -9.209  -8.163  1.00 13.24 ? 6   TYR B CB  1 
ATOM   830  C CG  . TYR B 2 6  ? 0.238   -9.751  -9.535  1.00 12.48 ? 6   TYR B CG  1 
ATOM   831  C CD1 . TYR B 2 6  ? 1.166   -9.831  -10.563 1.00 13.53 ? 6   TYR B CD1 1 
ATOM   832  C CD2 . TYR B 2 6  ? -1.094  -10.089 -9.811  1.00 13.77 ? 6   TYR B CD2 1 
ATOM   833  C CE1 . TYR B 2 6  ? 0.792   -10.301 -11.852 1.00 14.58 ? 6   TYR B CE1 1 
ATOM   834  C CE2 . TYR B 2 6  ? -1.475  -10.561 -11.076 1.00 13.45 ? 6   TYR B CE2 1 
ATOM   835  C CZ  . TYR B 2 6  ? -0.528  -10.646 -12.089 1.00 15.51 ? 6   TYR B CZ  1 
ATOM   836  O OH  . TYR B 2 6  ? -0.899  -11.092 -13.337 1.00 14.57 ? 6   TYR B OH  1 
ATOM   837  N N   . TRP B 2 7  ? 1.517   -9.013  -5.270  1.00 13.28 ? 7   TRP B N   1 
ATOM   838  C CA  . TRP B 2 7  ? 1.965   -8.065  -4.236  1.00 12.60 ? 7   TRP B CA  1 
ATOM   839  C C   . TRP B 2 7  ? 3.238   -8.579  -3.529  1.00 12.54 ? 7   TRP B C   1 
ATOM   840  O O   . TRP B 2 7  ? 4.143   -7.792  -3.169  1.00 13.21 ? 7   TRP B O   1 
ATOM   841  C CB  . TRP B 2 7  ? 0.837   -7.857  -3.194  1.00 13.60 ? 7   TRP B CB  1 
ATOM   842  C CG  . TRP B 2 7  ? 1.118   -6.716  -2.279  1.00 14.11 ? 7   TRP B CG  1 
ATOM   843  C CD1 . TRP B 2 7  ? 1.557   -6.772  -0.958  1.00 14.41 ? 7   TRP B CD1 1 
ATOM   844  C CD2 . TRP B 2 7  ? 1.051   -5.320  -2.616  1.00 14.65 ? 7   TRP B CD2 1 
ATOM   845  N NE1 . TRP B 2 7  ? 1.746   -5.498  -0.476  1.00 12.42 ? 7   TRP B NE1 1 
ATOM   846  C CE2 . TRP B 2 7  ? 1.453   -4.591  -1.467  1.00 13.38 ? 7   TRP B CE2 1 
ATOM   847  C CE3 . TRP B 2 7  ? 0.650   -4.612  -3.772  1.00 15.22 ? 7   TRP B CE3 1 
ATOM   848  C CZ2 . TRP B 2 7  ? 1.485   -3.199  -1.439  1.00 15.64 ? 7   TRP B CZ2 1 
ATOM   849  C CZ3 . TRP B 2 7  ? 0.714   -3.212  -3.760  1.00 15.43 ? 7   TRP B CZ3 1 
ATOM   850  C CH2 . TRP B 2 7  ? 1.142   -2.517  -2.592  1.00 14.44 ? 7   TRP B CH2 1 
ATOM   851  N N   . ASN B 2 8  ? 3.310   -9.889  -3.327  1.00 11.97 ? 8   ASN B N   1 
ATOM   852  C CA  . ASN B 2 8  ? 4.445   -10.461 -2.618  1.00 12.07 ? 8   ASN B CA  1 
ATOM   853  C C   . ASN B 2 8  ? 5.737   -10.369 -3.396  1.00 12.41 ? 8   ASN B C   1 
ATOM   854  O O   . ASN B 2 8  ? 6.815   -10.481 -2.813  1.00 15.07 ? 8   ASN B O   1 
ATOM   855  C CB  . ASN B 2 8  ? 4.115   -11.870 -2.156  1.00 12.71 ? 8   ASN B CB  1 
ATOM   856  C CG  . ASN B 2 8  ? 3.209   -11.870 -0.930  1.00 13.60 ? 8   ASN B CG  1 
ATOM   857  O OD1 . ASN B 2 8  ? 3.300   -10.967 -0.085  1.00 15.82 ? 8   ASN B OD1 1 
ATOM   858  N ND2 . ASN B 2 8  ? 2.361   -12.895 -0.801  1.00 12.14 ? 8   ASN B ND2 1 
ATOM   859  N N   . LEU B 2 9  ? 5.649   -10.152 -4.711  1.00 12.10 ? 9   LEU B N   1 
ATOM   860  C CA  . LEU B 2 9  ? 6.872   -9.923  -5.486  1.00 12.26 ? 9   LEU B CA  1 
ATOM   861  C C   . LEU B 2 9  ? 7.561   -8.589  -5.128  1.00 13.00 ? 9   LEU B C   1 
ATOM   862  O O   . LEU B 2 9  ? 8.685   -8.358  -5.558  1.00 12.61 ? 9   LEU B O   1 
ATOM   863  C CB  . LEU B 2 9  ? 6.565   -9.968  -6.990  1.00 13.53 ? 9   LEU B CB  1 
ATOM   864  C CG  . LEU B 2 9  ? 6.162   -11.366 -7.428  1.00 13.63 ? 9   LEU B CG  1 
ATOM   865  C CD1 . LEU B 2 9  ? 5.544   -11.297 -8.817  1.00 18.07 ? 9   LEU B CD1 1 
ATOM   866  C CD2 . LEU B 2 9  ? 7.330   -12.272 -7.429  1.00 14.95 ? 9   LEU B CD2 1 
ATOM   867  N N   . LEU B 2 10 ? 6.883   -7.698  -4.388  1.00 14.24 ? 10  LEU B N   1 
ATOM   868  C CA  . LEU B 2 10 ? 7.509   -6.432  -3.985  1.00 14.56 ? 10  LEU B CA  1 
ATOM   869  C C   . LEU B 2 10 ? 8.564   -6.633  -2.942  1.00 16.64 ? 10  LEU B C   1 
ATOM   870  O O   . LEU B 2 10 ? 9.445   -5.783  -2.778  1.00 18.12 ? 10  LEU B O   1 
ATOM   871  C CB  . LEU B 2 10 ? 6.483   -5.464  -3.410  1.00 14.18 ? 10  LEU B CB  1 
ATOM   872  C CG  . LEU B 2 10 ? 5.556   -4.822  -4.436  1.00 13.39 ? 10  LEU B CG  1 
ATOM   873  C CD1 . LEU B 2 10 ? 4.271   -4.375  -3.774  1.00 15.29 ? 10  LEU B CD1 1 
ATOM   874  C CD2 . LEU B 2 10 ? 6.304   -3.644  -5.094  1.00 16.19 ? 10  LEU B CD2 1 
ATOM   875  N N   . SER B 2 11 ? 8.486   -7.728  -2.203  1.00 17.97 ? 11  SER B N   1 
ATOM   876  C CA  . SER B 2 11 ? 9.438   -7.924  -1.134  1.00 21.82 ? 11  SER B CA  1 
ATOM   877  C C   . SER B 2 11 ? 10.468  -8.950  -1.571  1.00 23.45 ? 11  SER B C   1 
ATOM   878  O O   . SER B 2 11 ? 10.166  -10.131 -1.616  1.00 24.27 ? 11  SER B O   1 
ATOM   879  C CB  . SER B 2 11 ? 8.730   -8.401  0.148   1.00 23.68 ? 11  SER B CB  1 
ATOM   880  O OG  . SER B 2 11 ? 7.632   -7.556  0.558   1.00 26.89 ? 11  SER B OG  1 
HETATM 881  C C   . GAI C 3 .  ? 11.702  -5.582  -6.145  1.00 35.03 ? 201 GAI A C   1 
HETATM 882  N N1  . GAI C 3 .  ? 12.319  -6.511  -5.543  1.00 35.45 ? 201 GAI A N1  1 
HETATM 883  N N2  . GAI C 3 .  ? 11.425  -5.662  -7.452  1.00 33.08 ? 201 GAI A N2  1 
HETATM 884  N N3  . GAI C 3 .  ? 11.318  -4.500  -5.479  1.00 35.38 ? 201 GAI A N3  1 
HETATM 885  O O   . HOH D 4 .  ? 4.475   -7.488  -8.785  1.00 14.37 ? 1   HOH A O   1 
HETATM 886  O O   . HOH D 4 .  ? 1.139   12.643  5.586   1.00 17.24 ? 2   HOH A O   1 
HETATM 887  O O   . HOH D 4 .  ? -9.971  -7.295  5.962   1.00 13.35 ? 3   HOH A O   1 
HETATM 888  O O   . HOH D 4 .  ? 4.946   7.049   12.370  1.00 13.83 ? 4   HOH A O   1 
HETATM 889  O O   . HOH D 4 .  ? -10.396 6.314   1.630   1.00 17.17 ? 6   HOH A O   1 
HETATM 890  O O   . HOH D 4 .  ? 1.866   9.956   4.737   1.00 15.70 ? 7   HOH A O   1 
HETATM 891  O O   . HOH D 4 .  ? 7.338   1.463   -11.624 1.00 15.94 ? 8   HOH A O   1 
HETATM 892  O O   . HOH D 4 .  ? -13.674 6.675   -2.000  1.00 20.29 ? 9   HOH A O   1 
HETATM 893  O O   . HOH D 4 .  ? -11.256 8.919   0.483   1.00 15.53 ? 10  HOH A O   1 
HETATM 894  O O   . HOH D 4 .  ? 11.596  6.286   8.104   1.00 19.69 ? 11  HOH A O   1 
HETATM 895  O O   . HOH D 4 .  ? -9.918  -2.465  8.070   1.00 20.24 ? 12  HOH A O   1 
HETATM 896  O O   . HOH D 4 .  ? -9.707  4.710   3.962   1.00 25.44 ? 13  HOH A O   1 
HETATM 897  O O   . HOH D 4 .  ? 9.518   -0.787  -11.686 1.00 21.67 ? 14  HOH A O   1 
HETATM 898  O O   . HOH D 4 .  ? 5.953   2.550   -13.738 1.00 24.98 ? 15  HOH A O   1 
HETATM 899  O O   . HOH D 4 .  ? -13.170 7.568   -9.814  1.00 23.52 ? 16  HOH A O   1 
HETATM 900  O O   . HOH D 4 .  ? -12.853 -4.426  -11.654 1.00 23.28 ? 17  HOH A O   1 
HETATM 901  O O   . HOH D 4 .  ? -7.453  -12.175 -4.522  1.00 21.40 ? 18  HOH A O   1 
HETATM 902  O O   . HOH D 4 .  ? 4.038   10.642  11.280  1.00 19.30 ? 19  HOH A O   1 
HETATM 903  O O   . HOH D 4 .  ? -2.088  -10.463 5.813   1.00 24.84 ? 20  HOH A O   1 
HETATM 904  O O   . HOH D 4 .  ? -0.192  5.614   -12.483 1.00 22.94 ? 21  HOH A O   1 
HETATM 905  O O   . HOH D 4 .  ? -6.955  4.797   10.637  1.00 23.30 ? 22  HOH A O   1 
HETATM 906  O O   . HOH D 4 .  ? -1.994  13.331  -3.469  1.00 28.22 ? 24  HOH A O   1 
HETATM 907  O O   . HOH D 4 .  ? 12.039  -4.980  5.590   1.00 20.08 ? 110 HOH A O   1 
HETATM 908  O O   . HOH D 4 .  ? -13.237 -5.894  -9.396  1.00 31.00 ? 111 HOH A O   1 
HETATM 909  O O   . HOH D 4 .  ? 0.042   10.863  13.180  1.00 26.23 ? 112 HOH A O   1 
HETATM 910  O O   . HOH D 4 .  ? -11.483 -6.439  -5.578  1.00 37.23 ? 113 HOH A O   1 
HETATM 911  O O   . HOH D 4 .  ? 5.711   -8.424  -10.942 1.00 24.55 ? 114 HOH A O   1 
HETATM 912  O O   . HOH D 4 .  ? -12.258 4.230   -2.049  1.00 24.66 ? 115 HOH A O   1 
HETATM 913  O O   . HOH D 4 .  ? 7.182   -6.151  -12.005 1.00 24.85 ? 116 HOH A O   1 
HETATM 914  O O   . HOH D 4 .  ? -10.910 4.178   -5.168  1.00 25.99 ? 117 HOH A O   1 
HETATM 915  O O   . HOH D 4 .  ? 3.719   8.592   -10.045 1.00 45.24 ? 118 HOH A O   1 
HETATM 916  O O   . HOH D 4 .  ? -1.861  9.579   11.529  1.00 22.47 ? 119 HOH A O   1 
HETATM 917  O O   . HOH D 4 .  ? 10.210  -7.413  8.493   1.00 18.49 ? 120 HOH A O   1 
HETATM 918  O O   . HOH D 4 .  ? 11.358  7.041   -8.514  1.00 21.30 ? 121 HOH A O   1 
HETATM 919  O O   . HOH D 4 .  ? 11.827  12.099  5.141   1.00 34.00 ? 122 HOH A O   1 
HETATM 920  O O   . HOH D 4 .  ? -14.553 -0.887  1.942   1.00 40.94 ? 123 HOH A O   1 
HETATM 921  O O   . HOH D 4 .  ? -4.866  -3.827  16.350  1.00 25.76 ? 124 HOH A O   1 
HETATM 922  O O   . HOH D 4 .  ? -0.548  -9.928  -17.021 1.00 48.44 ? 125 HOH A O   1 
HETATM 923  O O   . HOH D 4 .  ? -7.325  10.180  -4.802  1.00 32.55 ? 126 HOH A O   1 
HETATM 924  O O   . HOH D 4 .  ? 12.638  -7.019  7.283   1.00 27.31 ? 127 HOH A O   1 
HETATM 925  O O   . HOH D 4 .  ? -13.776 4.424   1.520   1.00 30.49 ? 128 HOH A O   1 
HETATM 926  O O   . HOH D 4 .  ? -2.632  -6.174  -18.223 1.00 25.65 ? 129 HOH A O   1 
HETATM 927  O O   . HOH D 4 .  ? -9.275  -0.457  5.962   1.00 33.22 ? 130 HOH A O   1 
HETATM 928  O O   . HOH D 4 .  ? -0.117  -6.748  13.098  1.00 30.46 ? 131 HOH A O   1 
HETATM 929  O O   . HOH D 4 .  ? -5.890  7.226   12.316  1.00 38.55 ? 132 HOH A O   1 
HETATM 930  O O   . HOH D 4 .  ? 4.803   2.406   18.397  1.00 26.91 ? 133 HOH A O   1 
HETATM 931  O O   . HOH D 4 .  ? 6.942   7.498   -8.892  1.00 28.62 ? 134 HOH A O   1 
HETATM 932  O O   . HOH D 4 .  ? -8.223  11.307  6.107   1.00 26.83 ? 135 HOH A O   1 
HETATM 933  O O   . HOH D 4 .  ? -9.971  -9.169  -1.143  1.00 36.29 ? 136 HOH A O   1 
HETATM 934  O O   . HOH D 4 .  ? 10.294  14.036  7.343   1.00 34.06 ? 137 HOH A O   1 
HETATM 935  O O   . HOH D 4 .  ? 15.868  2.365   2.675   1.00 17.35 ? 138 HOH A O   1 
HETATM 936  O O   . HOH D 4 .  ? 12.988  -2.391  6.476   1.00 20.02 ? 139 HOH A O   1 
HETATM 937  O O   . HOH D 4 .  ? 14.128  12.819  10.163  1.00 28.30 ? 140 HOH A O   1 
HETATM 938  O O   . HOH D 4 .  ? -10.707 0.821   10.417  1.00 26.82 ? 141 HOH A O   1 
HETATM 939  O O   . HOH D 4 .  ? 12.172  0.135   18.322  1.00 37.95 ? 142 HOH A O   1 
HETATM 940  O O   . HOH D 4 .  ? -3.802  13.291  -5.507  1.00 44.97 ? 143 HOH A O   1 
HETATM 941  O O   . HOH D 4 .  ? 5.355   7.083   -6.585  1.00 35.32 ? 144 HOH A O   1 
HETATM 942  O O   . HOH D 4 .  ? 13.963  5.171   8.190   1.00 34.65 ? 145 HOH A O   1 
HETATM 943  O O   . HOH D 4 .  ? 3.007   7.712   -7.614  1.00 26.76 ? 146 HOH A O   1 
HETATM 944  O O   . HOH D 4 .  ? 11.223  2.133   16.893  1.00 26.31 ? 147 HOH A O   1 
HETATM 945  O O   . HOH D 4 .  ? -5.623  10.438  -6.591  1.00 37.67 ? 148 HOH A O   1 
HETATM 946  O O   . HOH D 4 .  ? -2.897  7.613   12.682  1.00 44.77 ? 149 HOH A O   1 
HETATM 947  O O   . HOH D 4 .  ? -4.759  0.425   15.281  1.00 35.70 ? 150 HOH A O   1 
HETATM 948  O O   . HOH D 4 .  ? -0.492  13.792  12.727  1.00 34.56 ? 151 HOH A O   1 
HETATM 949  O O   . HOH D 4 .  ? 14.562  2.342   -11.825 1.00 41.80 ? 152 HOH A O   1 
HETATM 950  O O   . HOH D 4 .  ? 2.739   14.847  6.287   1.00 40.18 ? 153 HOH A O   1 
HETATM 951  O O   . HOH D 4 .  ? 9.978   15.238  5.250   1.00 38.34 ? 154 HOH A O   1 
HETATM 952  O O   . HOH D 4 .  ? -9.308  -13.664 -11.518 1.00 32.76 ? 155 HOH A O   1 
HETATM 953  O O   . HOH D 4 .  ? 8.975   -4.120  13.415  1.00 26.05 ? 156 HOH A O   1 
HETATM 954  O O   . HOH D 4 .  ? -13.681 0.121   -0.826  1.00 41.33 ? 157 HOH A O   1 
HETATM 955  O O   . HOH D 4 .  ? 2.592   11.442  -7.647  1.00 37.13 ? 158 HOH A O   1 
HETATM 956  O O   . HOH D 4 .  ? 10.094  16.145  2.164   1.00 54.20 ? 159 HOH A O   1 
HETATM 957  O O   . HOH D 4 .  ? -8.050  -0.381  13.441  1.00 36.14 ? 160 HOH A O   1 
HETATM 958  O O   . HOH D 4 .  ? 3.143   10.746  -3.570  1.00 34.66 ? 161 HOH A O   1 
HETATM 959  O O   . HOH D 4 .  ? -6.826  10.569  -8.555  1.00 30.74 ? 162 HOH A O   1 
HETATM 960  O O   . HOH D 4 .  ? 1.842   15.169  13.306  1.00 34.09 ? 163 HOH A O   1 
HETATM 961  O O   . HOH D 4 .  ? 16.173  0.719   12.542  1.00 34.94 ? 164 HOH A O   1 
HETATM 962  O O   . HOH D 4 .  ? 15.196  6.272   -14.640 1.00 30.20 ? 165 HOH A O   1 
HETATM 963  O O   . HOH D 4 .  ? -13.771 6.199   -6.757  1.00 42.49 ? 166 HOH A O   1 
HETATM 964  O O   . HOH D 4 .  ? -8.473  3.181   12.550  1.00 38.95 ? 167 HOH A O   1 
HETATM 965  O O   . HOH D 4 .  ? -13.307 -6.641  2.447   1.00 32.65 ? 168 HOH A O   1 
HETATM 966  O O   . HOH D 4 .  ? 7.329   -9.069  10.015  0.50 18.63 ? 169 HOH A O   1 
HETATM 967  O O   . HOH D 4 .  ? -8.972  4.151   6.318   1.00 37.00 ? 170 HOH A O   1 
HETATM 968  O O   . HOH D 4 .  ? 12.228  14.660  9.176   1.00 27.23 ? 171 HOH A O   1 
HETATM 969  O O   . HOH D 4 .  ? 1.581   12.156  0.982   1.00 41.30 ? 172 HOH A O   1 
HETATM 970  O O   . HOH D 4 .  ? -2.601  12.200  -11.010 1.00 37.81 ? 173 HOH A O   1 
HETATM 971  O O   . HOH D 4 .  ? -10.513 -13.490 -6.403  1.00 37.01 ? 174 HOH A O   1 
HETATM 972  O O   . HOH D 4 .  ? 2.343   13.069  -5.238  1.00 40.50 ? 175 HOH A O   1 
HETATM 973  O O   . HOH D 4 .  ? 1.321   -3.852  14.971  1.00 31.82 ? 176 HOH A O   1 
HETATM 974  O O   . HOH D 4 .  ? -10.549 2.518   6.098   1.00 46.24 ? 177 HOH A O   1 
HETATM 975  O O   . HOH D 4 .  ? -6.714  2.833   15.139  1.00 32.66 ? 178 HOH A O   1 
HETATM 976  O O   . HOH D 4 .  ? 3.725   -6.537  12.543  1.00 29.67 ? 179 HOH A O   1 
HETATM 977  O O   . HOH D 4 .  ? 13.403  3.270   16.174  1.00 30.82 ? 180 HOH A O   1 
HETATM 978  O O   . HOH D 4 .  ? -7.196  -12.964 -15.508 1.00 42.79 ? 181 HOH A O   1 
HETATM 979  O O   . HOH D 4 .  ? 7.708   3.303   18.630  1.00 38.16 ? 182 HOH A O   1 
HETATM 980  O O   . HOH D 4 .  ? 7.024   1.340   17.081  1.00 31.60 ? 183 HOH A O   1 
HETATM 981  O O   . HOH D 4 .  ? 5.770   14.444  2.619   1.00 36.84 ? 184 HOH A O   1 
HETATM 982  O O   . HOH D 4 .  ? -5.166  -12.012 -11.982 1.00 14.14 ? 185 HOH A O   1 
HETATM 983  O O   . HOH D 4 .  ? 5.979   -7.898  2.553   1.00 31.47 ? 186 HOH A O   1 
HETATM 984  O O   . HOH E 4 .  ? -3.502  -10.885 -14.237 1.00 22.55 ? 23  HOH B O   1 
HETATM 985  O O   . HOH E 4 .  ? 10.694  -9.737  -6.617  1.00 23.98 ? 28  HOH B O   1 
HETATM 986  O O   . HOH E 4 .  ? 3.722   -8.210  1.196   1.00 32.16 ? 33  HOH B O   1 
HETATM 987  O O   . HOH E 4 .  ? -0.928  -14.558 -14.675 1.00 22.02 ? 38  HOH B O   1 
HETATM 988  O O   . HOH E 4 .  ? -2.995  -18.263 -8.409  1.00 34.43 ? 49  HOH B O   1 
HETATM 989  O O   . HOH E 4 .  ? -5.037  -16.563 -10.066 1.00 31.77 ? 51  HOH B O   1 
HETATM 990  O O   . HOH E 4 .  ? -3.172  -14.139 -13.918 1.00 32.52 ? 57  HOH B O   1 
HETATM 991  O O   . HOH E 4 .  ? -6.575  -14.825 -9.083  1.00 36.67 ? 61  HOH B O   1 
HETATM 992  O O   . HOH E 4 .  ? 4.297   -14.490 -6.605  1.00 27.06 ? 66  HOH B O   1 
HETATM 993  O O   . HOH E 4 .  ? 7.633   -9.647  2.292   1.00 30.26 ? 68  HOH B O   1 
HETATM 994  O O   . HOH E 4 .  ? 0.791   -10.661 -15.321 1.00 37.79 ? 74  HOH B O   1 
HETATM 995  O O   . HOH E 4 .  ? -7.509  -15.531 -6.502  1.00 39.18 ? 79  HOH B O   1 
HETATM 996  O O   . HOH E 4 .  ? -4.768  -18.362 -6.020  1.00 37.06 ? 86  HOH B O   1 
HETATM 997  O O   . HOH E 4 .  ? 5.243   -7.246  -0.611  1.00 37.10 ? 89  HOH B O   1 
HETATM 998  O O   . HOH E 4 .  ? 10.781  -12.933 -6.681  1.00 32.86 ? 99  HOH B O   1 
HETATM 999  O O   . HOH E 4 .  ? 12.633  -10.576 -0.080  1.00 32.08 ? 115 HOH B O   1 
HETATM 1000 O O   . HOH E 4 .  ? 9.210   -9.337  -9.691  1.00 33.90 ? 126 HOH B O   1 
HETATM 1001 O O   . HOH E 4 .  ? 10.335  -5.765  1.379   1.00 48.86 ? 163 HOH B O   1 
# 
loop_
_pdbx_poly_seq_scheme.asym_id 
_pdbx_poly_seq_scheme.entity_id 
_pdbx_poly_seq_scheme.seq_id 
_pdbx_poly_seq_scheme.mon_id 
_pdbx_poly_seq_scheme.ndb_seq_num 
_pdbx_poly_seq_scheme.pdb_seq_num 
_pdbx_poly_seq_scheme.auth_seq_num 
_pdbx_poly_seq_scheme.pdb_mon_id 
_pdbx_poly_seq_scheme.auth_mon_id 
_pdbx_poly_seq_scheme.pdb_strand_id 
_pdbx_poly_seq_scheme.pdb_ins_code 
_pdbx_poly_seq_scheme.hetero 
A 1 1  GLU 1  25  ?   ?   ?   A . n 
A 1 2  THR 2  26  26  THR THR A . n 
A 1 3  LEU 3  27  27  LEU LEU A . n 
A 1 4  VAL 4  28  28  VAL VAL A . n 
A 1 5  ARG 5  29  29  ARG ARG A . n 
A 1 6  PRO 6  30  30  PRO PRO A . n 
A 1 7  LYS 7  31  31  LYS LYS A . n 
A 1 8  PRO 8  32  32  PRO PRO A . n 
A 1 9  LEU 9  33  33  LEU LEU A . n 
A 1 10 LEU 10 34  34  LEU LEU A . n 
A 1 11 LEU 11 35  35  LEU LEU A . n 
A 1 12 LYS 12 36  36  LYS LYS A . n 
A 1 13 LEU 13 37  37  LEU LEU A . n 
A 1 14 LEU 14 38  38  LEU LEU A . n 
A 1 15 LYS 15 39  39  LYS LYS A . n 
A 1 16 SER 16 40  40  SER SER A . n 
A 1 17 VAL 17 41  41  VAL VAL A . n 
A 1 18 GLY 18 42  42  GLY GLY A . n 
A 1 19 ALA 19 43  43  ALA ALA A . n 
A 1 20 GLN 20 44  44  GLN GLN A . n 
A 1 21 LYS 21 45  45  LYS LYS A . n 
A 1 22 ASP 22 46  46  ASP ASP A . n 
A 1 23 THR 23 47  47  THR THR A . n 
A 1 24 TYR 24 48  48  TYR TYR A . n 
A 1 25 THR 25 49  49  THR THR A . n 
A 1 26 MET 26 50  50  MET MET A . n 
A 1 27 LYS 27 51  51  LYS LYS A . n 
A 1 28 GLU 28 52  52  GLU GLU A . n 
A 1 29 VAL 29 53  53  VAL VAL A . n 
A 1 30 LEU 30 54  54  LEU LEU A . n 
A 1 31 PHE 31 55  55  PHE PHE A . n 
A 1 32 TYR 32 56  56  TYR TYR A . n 
A 1 33 LEU 33 57  57  LEU LEU A . n 
A 1 34 GLY 34 58  58  GLY GLY A . n 
A 1 35 GLN 35 59  59  GLN GLN A . n 
A 1 36 TYR 36 60  60  TYR TYR A . n 
A 1 37 ILE 37 61  61  ILE ILE A . n 
A 1 38 MET 38 62  62  MET MET A . n 
A 1 39 THR 39 63  63  THR THR A . n 
A 1 40 LYS 40 64  64  LYS LYS A . n 
A 1 41 ARG 41 65  65  ARG ARG A . n 
A 1 42 LEU 42 66  66  LEU LEU A . n 
A 1 43 TYR 43 67  67  TYR TYR A . n 
A 1 44 ASP 44 68  68  ASP ASP A . n 
A 1 45 GLU 45 69  69  GLU GLU A . n 
A 1 46 LYS 46 70  70  LYS LYS A . n 
A 1 47 GLN 47 71  71  GLN GLN A . n 
A 1 48 GLN 48 72  72  GLN GLN A . n 
A 1 49 HIS 49 73  73  HIS HIS A . n 
A 1 50 ILE 50 74  74  ILE ILE A . n 
A 1 51 VAL 51 75  75  VAL VAL A . n 
A 1 52 TYR 52 76  76  TYR TYR A . n 
A 1 53 CYS 53 77  77  CYS CYS A . n 
A 1 54 SER 54 78  78  SER SER A . n 
A 1 55 ASN 55 79  79  ASN ASN A . n 
A 1 56 ASP 56 80  80  ASP ASP A . n 
A 1 57 LEU 57 81  81  LEU LEU A . n 
A 1 58 LEU 58 82  82  LEU LEU A . n 
A 1 59 GLY 59 83  83  GLY GLY A . n 
A 1 60 ASP 60 84  84  ASP ASP A . n 
A 1 61 LEU 61 85  85  LEU LEU A . n 
A 1 62 PHE 62 86  86  PHE PHE A . n 
A 1 63 GLY 63 87  87  GLY GLY A . n 
A 1 64 VAL 64 88  88  VAL VAL A . n 
A 1 65 PRO 65 89  89  PRO PRO A . n 
A 1 66 SER 66 90  90  SER SER A . n 
A 1 67 PHE 67 91  91  PHE PHE A . n 
A 1 68 SER 68 92  92  SER SER A . n 
A 1 69 VAL 69 93  93  VAL VAL A . n 
A 1 70 LYS 70 94  94  LYS LYS A . n 
A 1 71 GLU 71 95  95  GLU GLU A . n 
A 1 72 HIS 72 96  96  HIS HIS A . n 
A 1 73 ARG 73 97  97  ARG ARG A . n 
A 1 74 LYS 74 98  98  LYS LYS A . n 
A 1 75 ILE 75 99  99  ILE ILE A . n 
A 1 76 TYR 76 100 100 TYR TYR A . n 
A 1 77 THR 77 101 101 THR THR A . n 
A 1 78 MET 78 102 102 MET MET A . n 
A 1 79 ILE 79 103 103 ILE ILE A . n 
A 1 80 TYR 80 104 104 TYR TYR A . n 
A 1 81 ARG 81 105 105 ARG ARG A . n 
A 1 82 ASN 82 106 106 ASN ASN A . n 
A 1 83 LEU 83 107 107 LEU LEU A . n 
A 1 84 VAL 84 108 108 VAL VAL A . n 
A 1 85 VAL 85 109 109 VAL VAL A . n 
B 2 1  THR 1  1   1   THR THR B . n 
B 2 2  SER 2  2   2   SER SER B . n 
B 2 3  PHE 3  3   3   PHE PHE B . n 
B 2 4  ALA 4  4   4   ALA ALA B . n 
B 2 5  GLU 5  5   5   GLU GLU B . n 
B 2 6  TYR 6  6   6   TYR TYR B . n 
B 2 7  TRP 7  7   7   TRP TRP B . n 
B 2 8  ASN 8  8   8   ASN ASN B . n 
B 2 9  LEU 9  9   9   LEU LEU B . n 
B 2 10 LEU 10 10  10  LEU LEU B . n 
B 2 11 SER 11 11  11  SER SER B . n 
B 2 12 PRO 12 12  ?   ?   ?   B . n 
# 
loop_
_pdbx_nonpoly_scheme.asym_id 
_pdbx_nonpoly_scheme.entity_id 
_pdbx_nonpoly_scheme.mon_id 
_pdbx_nonpoly_scheme.ndb_seq_num 
_pdbx_nonpoly_scheme.pdb_seq_num 
_pdbx_nonpoly_scheme.auth_seq_num 
_pdbx_nonpoly_scheme.pdb_mon_id 
_pdbx_nonpoly_scheme.auth_mon_id 
_pdbx_nonpoly_scheme.pdb_strand_id 
_pdbx_nonpoly_scheme.pdb_ins_code 
C 3 GAI 1  201 201 GAI GAI A . 
D 4 HOH 1  1   1   HOH HOH A . 
D 4 HOH 2  2   2   HOH HOH A . 
D 4 HOH 3  3   3   HOH HOH A . 
D 4 HOH 4  4   4   HOH HOH A . 
D 4 HOH 5  6   6   HOH HOH A . 
D 4 HOH 6  7   7   HOH HOH A . 
D 4 HOH 7  8   8   HOH HOH A . 
D 4 HOH 8  9   9   HOH HOH A . 
D 4 HOH 9  10  10  HOH HOH A . 
D 4 HOH 10 11  11  HOH HOH A . 
D 4 HOH 11 12  12  HOH HOH A . 
D 4 HOH 12 13  13  HOH HOH A . 
D 4 HOH 13 14  14  HOH HOH A . 
D 4 HOH 14 15  15  HOH HOH A . 
D 4 HOH 15 16  16  HOH HOH A . 
D 4 HOH 16 17  17  HOH HOH A . 
D 4 HOH 17 18  18  HOH HOH A . 
D 4 HOH 18 19  19  HOH HOH A . 
D 4 HOH 19 20  20  HOH HOH A . 
D 4 HOH 20 21  21  HOH HOH A . 
D 4 HOH 21 22  22  HOH HOH A . 
D 4 HOH 22 24  24  HOH HOH A . 
D 4 HOH 23 110 110 HOH HOH A . 
D 4 HOH 24 111 111 HOH HOH A . 
D 4 HOH 25 112 25  HOH HOH A . 
D 4 HOH 26 113 113 HOH HOH A . 
D 4 HOH 27 114 26  HOH HOH A . 
D 4 HOH 28 115 27  HOH HOH A . 
D 4 HOH 29 116 29  HOH HOH A . 
D 4 HOH 30 117 30  HOH HOH A . 
D 4 HOH 31 118 118 HOH HOH A . 
D 4 HOH 32 119 31  HOH HOH A . 
D 4 HOH 33 120 120 HOH HOH A . 
D 4 HOH 34 121 32  HOH HOH A . 
D 4 HOH 35 122 34  HOH HOH A . 
D 4 HOH 36 123 123 HOH HOH A . 
D 4 HOH 37 124 35  HOH HOH A . 
D 4 HOH 38 125 125 HOH HOH A . 
D 4 HOH 39 126 36  HOH HOH A . 
D 4 HOH 40 127 127 HOH HOH A . 
D 4 HOH 41 128 37  HOH HOH A . 
D 4 HOH 42 129 39  HOH HOH A . 
D 4 HOH 43 130 40  HOH HOH A . 
D 4 HOH 44 131 41  HOH HOH A . 
D 4 HOH 45 132 132 HOH HOH A . 
D 4 HOH 46 133 42  HOH HOH A . 
D 4 HOH 47 134 43  HOH HOH A . 
D 4 HOH 48 135 135 HOH HOH A . 
D 4 HOH 49 136 44  HOH HOH A . 
D 4 HOH 50 137 45  HOH HOH A . 
D 4 HOH 51 138 46  HOH HOH A . 
D 4 HOH 52 139 47  HOH HOH A . 
D 4 HOH 53 140 48  HOH HOH A . 
D 4 HOH 54 141 50  HOH HOH A . 
D 4 HOH 55 142 142 HOH HOH A . 
D 4 HOH 56 143 54  HOH HOH A . 
D 4 HOH 57 144 55  HOH HOH A . 
D 4 HOH 58 145 145 HOH HOH A . 
D 4 HOH 59 146 58  HOH HOH A . 
D 4 HOH 60 147 59  HOH HOH A . 
D 4 HOH 61 148 60  HOH HOH A . 
D 4 HOH 62 149 149 HOH HOH A . 
D 4 HOH 63 150 150 HOH HOH A . 
D 4 HOH 64 151 62  HOH HOH A . 
D 4 HOH 65 152 63  HOH HOH A . 
D 4 HOH 66 153 64  HOH HOH A . 
D 4 HOH 67 154 65  HOH HOH A . 
D 4 HOH 68 155 69  HOH HOH A . 
D 4 HOH 69 156 70  HOH HOH A . 
D 4 HOH 70 157 157 HOH HOH A . 
D 4 HOH 71 158 71  HOH HOH A . 
D 4 HOH 72 159 72  HOH HOH A . 
D 4 HOH 73 160 160 HOH HOH A . 
D 4 HOH 74 161 161 HOH HOH A . 
D 4 HOH 75 162 73  HOH HOH A . 
D 4 HOH 76 163 76  HOH HOH A . 
D 4 HOH 77 164 77  HOH HOH A . 
D 4 HOH 78 165 80  HOH HOH A . 
D 4 HOH 79 166 81  HOH HOH A . 
D 4 HOH 80 167 82  HOH HOH A . 
D 4 HOH 81 168 83  HOH HOH A . 
D 4 HOH 82 169 87  HOH HOH A . 
D 4 HOH 83 170 88  HOH HOH A . 
D 4 HOH 84 171 90  HOH HOH A . 
D 4 HOH 85 172 91  HOH HOH A . 
D 4 HOH 86 173 93  HOH HOH A . 
D 4 HOH 87 174 94  HOH HOH A . 
D 4 HOH 88 175 95  HOH HOH A . 
D 4 HOH 89 176 96  HOH HOH A . 
D 4 HOH 90 177 97  HOH HOH A . 
D 4 HOH 91 178 98  HOH HOH A . 
D 4 HOH 92 179 102 HOH HOH A . 
D 4 HOH 93 180 103 HOH HOH A . 
D 4 HOH 94 181 105 HOH HOH A . 
D 4 HOH 95 182 106 HOH HOH A . 
D 4 HOH 96 183 108 HOH HOH A . 
D 4 HOH 97 184 109 HOH HOH A . 
D 4 HOH 98 185 5   HOH HOH A . 
D 4 HOH 99 186 67  HOH HOH A . 
E 4 HOH 1  23  23  HOH HOH B . 
E 4 HOH 2  28  28  HOH HOH B . 
E 4 HOH 3  33  33  HOH HOH B . 
E 4 HOH 4  38  38  HOH HOH B . 
E 4 HOH 5  49  49  HOH HOH B . 
E 4 HOH 6  51  51  HOH HOH B . 
E 4 HOH 7  57  57  HOH HOH B . 
E 4 HOH 8  61  61  HOH HOH B . 
E 4 HOH 9  66  66  HOH HOH B . 
E 4 HOH 10 68  68  HOH HOH B . 
E 4 HOH 11 74  74  HOH HOH B . 
E 4 HOH 12 79  79  HOH HOH B . 
E 4 HOH 13 86  86  HOH HOH B . 
E 4 HOH 14 89  89  HOH HOH B . 
E 4 HOH 15 99  99  HOH HOH B . 
E 4 HOH 16 115 115 HOH HOH B . 
E 4 HOH 17 126 126 HOH HOH B . 
E 4 HOH 18 163 163 HOH HOH B . 
# 
loop_
_pdbx_struct_assembly.id 
_pdbx_struct_assembly.details 
_pdbx_struct_assembly.method_details 
_pdbx_struct_assembly.oligomeric_details 
_pdbx_struct_assembly.oligomeric_count 
1 software_defined_assembly            PISA tetrameric 4 
2 author_and_software_defined_assembly PISA dimeric    2 
# 
loop_
_pdbx_struct_assembly_gen.assembly_id 
_pdbx_struct_assembly_gen.oper_expression 
_pdbx_struct_assembly_gen.asym_id_list 
1 1,2 A,B,C,D,E 
2 1   A,B,C,D,E 
# 
loop_
_pdbx_struct_assembly_prop.biol_id 
_pdbx_struct_assembly_prop.type 
_pdbx_struct_assembly_prop.value 
_pdbx_struct_assembly_prop.details 
1 'ABSA (A^2)' 4320 ? 
1 MORE         -30  ? 
1 'SSA (A^2)'  9920 ? 
2 'ABSA (A^2)' 1240 ? 
2 MORE         -11  ? 
2 'SSA (A^2)'  5880 ? 
# 
loop_
_pdbx_struct_oper_list.id 
_pdbx_struct_oper_list.type 
_pdbx_struct_oper_list.name 
_pdbx_struct_oper_list.symmetry_operation 
_pdbx_struct_oper_list.matrix[1][1] 
_pdbx_struct_oper_list.matrix[1][2] 
_pdbx_struct_oper_list.matrix[1][3] 
_pdbx_struct_oper_list.vector[1] 
_pdbx_struct_oper_list.matrix[2][1] 
_pdbx_struct_oper_list.matrix[2][2] 
_pdbx_struct_oper_list.matrix[2][3] 
_pdbx_struct_oper_list.vector[2] 
_pdbx_struct_oper_list.matrix[3][1] 
_pdbx_struct_oper_list.matrix[3][2] 
_pdbx_struct_oper_list.matrix[3][3] 
_pdbx_struct_oper_list.vector[3] 
1 'identity operation'         1_555 x,y,z   1.0000000000 0.0000000000 0.0000000000 0.0000000000  0.0000000000 1.0000000000  0.0000000000 0.0000000000   0.0000000000 0.0000000000 1.0000000000  0.0000000000 
2 'crystal symmetry operation' 2_555 -x,y,-z 0.5935675961 0.0701476818 0.8017211557 -3.4060771625 0.0701476818 -0.9969121503 0.0352911798 -19.0742006373 0.8017211557 0.0352911798 -0.5966554458 8.4391251301 
# 
loop_
_pdbx_audit_revision_history.ordinal 
_pdbx_audit_revision_history.data_content_type 
_pdbx_audit_revision_history.major_revision 
_pdbx_audit_revision_history.minor_revision 
_pdbx_audit_revision_history.revision_date 
1 'Structure model' 1 0 2009-03-17 
2 'Structure model' 1 1 2011-07-13 
3 'Structure model' 1 2 2023-09-06 
# 
_pdbx_audit_revision_details.ordinal             1 
_pdbx_audit_revision_details.revision_ordinal    1 
_pdbx_audit_revision_details.data_content_type   'Structure model' 
_pdbx_audit_revision_details.provider            repository 
_pdbx_audit_revision_details.type                'Initial release' 
_pdbx_audit_revision_details.description         ? 
_pdbx_audit_revision_details.details             ? 
# 
loop_
_pdbx_audit_revision_group.ordinal 
_pdbx_audit_revision_group.revision_ordinal 
_pdbx_audit_revision_group.data_content_type 
_pdbx_audit_revision_group.group 
1 2 'Structure model' Advisory                    
2 2 'Structure model' 'Version format compliance' 
3 3 'Structure model' 'Data collection'           
4 3 'Structure model' 'Database references'       
5 3 'Structure model' 'Derived calculations'      
6 3 'Structure model' 'Refinement description'    
# 
loop_
_pdbx_audit_revision_category.ordinal 
_pdbx_audit_revision_category.revision_ordinal 
_pdbx_audit_revision_category.data_content_type 
_pdbx_audit_revision_category.category 
1 3 'Structure model' chem_comp_atom                
2 3 'Structure model' chem_comp_bond                
3 3 'Structure model' database_2                    
4 3 'Structure model' pdbx_initial_refinement_model 
5 3 'Structure model' struct_ncs_dom_lim            
6 3 'Structure model' struct_site                   
# 
loop_
_pdbx_audit_revision_item.ordinal 
_pdbx_audit_revision_item.revision_ordinal 
_pdbx_audit_revision_item.data_content_type 
_pdbx_audit_revision_item.item 
1  3 'Structure model' '_database_2.pdbx_DOI'                  
2  3 'Structure model' '_database_2.pdbx_database_accession'   
3  3 'Structure model' '_struct_ncs_dom_lim.beg_auth_comp_id'  
4  3 'Structure model' '_struct_ncs_dom_lim.beg_label_comp_id' 
5  3 'Structure model' '_struct_ncs_dom_lim.beg_label_seq_id'  
6  3 'Structure model' '_struct_ncs_dom_lim.end_auth_comp_id'  
7  3 'Structure model' '_struct_ncs_dom_lim.end_label_comp_id' 
8  3 'Structure model' '_struct_ncs_dom_lim.end_label_seq_id'  
9  3 'Structure model' '_struct_site.pdbx_auth_asym_id'        
10 3 'Structure model' '_struct_site.pdbx_auth_comp_id'        
11 3 'Structure model' '_struct_site.pdbx_auth_seq_id'         
# 
loop_
_pdbx_refine_tls.pdbx_refine_id 
_pdbx_refine_tls.id 
_pdbx_refine_tls.details 
_pdbx_refine_tls.method 
_pdbx_refine_tls.origin_x 
_pdbx_refine_tls.origin_y 
_pdbx_refine_tls.origin_z 
_pdbx_refine_tls.T[1][1] 
_pdbx_refine_tls.T[2][2] 
_pdbx_refine_tls.T[3][3] 
_pdbx_refine_tls.T[1][2] 
_pdbx_refine_tls.T[1][3] 
_pdbx_refine_tls.T[2][3] 
_pdbx_refine_tls.L[1][1] 
_pdbx_refine_tls.L[2][2] 
_pdbx_refine_tls.L[3][3] 
_pdbx_refine_tls.L[1][2] 
_pdbx_refine_tls.L[1][3] 
_pdbx_refine_tls.L[2][3] 
_pdbx_refine_tls.S[1][1] 
_pdbx_refine_tls.S[2][2] 
_pdbx_refine_tls.S[3][3] 
_pdbx_refine_tls.S[1][2] 
_pdbx_refine_tls.S[1][3] 
_pdbx_refine_tls.S[2][3] 
_pdbx_refine_tls.S[2][1] 
_pdbx_refine_tls.S[3][1] 
_pdbx_refine_tls.S[3][2] 
'X-RAY DIFFRACTION' 1 ? refined 0.2587 1.1535   0.4701  0.0183 0.0218 0.0368 0.0005 0.0074 -0.0032 0.5742 1.0087 1.4317 0.1489 0.1762  0.3076 0.0339 0.0255  -0.0594 -0.0411 0.0564  -0.0517 0.0317  -0.0465 0.0015 
'X-RAY DIFFRACTION' 2 ? refined 1.7874 -10.3461 -5.5537 0.0181 0.0290 0.0124 0.0063 0.0120 0.0097  5.6933 5.7379 1.8863 1.2983 -0.1551 0.7788 0.1132 -0.0510 -0.0623 -0.1134 -0.2194 -0.3432 -0.1418 0.1220  0.1401 
# 
loop_
_pdbx_refine_tls_group.pdbx_refine_id 
_pdbx_refine_tls_group.id 
_pdbx_refine_tls_group.refine_tls_id 
_pdbx_refine_tls_group.beg_auth_asym_id 
_pdbx_refine_tls_group.beg_auth_seq_id 
_pdbx_refine_tls_group.end_auth_asym_id 
_pdbx_refine_tls_group.end_auth_seq_id 
_pdbx_refine_tls_group.selection_details 
_pdbx_refine_tls_group.beg_label_asym_id 
_pdbx_refine_tls_group.beg_label_seq_id 
_pdbx_refine_tls_group.end_label_asym_id 
_pdbx_refine_tls_group.end_label_seq_id 
_pdbx_refine_tls_group.selection 
'X-RAY DIFFRACTION' 1 1 A 25 A 108 ? . . . . ? 
'X-RAY DIFFRACTION' 2 2 B 1  B 12  ? . . . . ? 
# 
loop_
_software.name 
_software.classification 
_software.version 
_software.citation_id 
_software.pdbx_ordinal 
HKL-2000  'data collection' .        ? 1 
PHASER    phasing           .        ? 2 
REFMAC    refinement        5.4.0077 ? 3 
DENZO     'data reduction'  .        ? 4 
SCALEPACK 'data scaling'    .        ? 5 
# 
loop_
_pdbx_unobs_or_zero_occ_residues.id 
_pdbx_unobs_or_zero_occ_residues.PDB_model_num 
_pdbx_unobs_or_zero_occ_residues.polymer_flag 
_pdbx_unobs_or_zero_occ_residues.occupancy_flag 
_pdbx_unobs_or_zero_occ_residues.auth_asym_id 
_pdbx_unobs_or_zero_occ_residues.auth_comp_id 
_pdbx_unobs_or_zero_occ_residues.auth_seq_id 
_pdbx_unobs_or_zero_occ_residues.PDB_ins_code 
_pdbx_unobs_or_zero_occ_residues.label_asym_id 
_pdbx_unobs_or_zero_occ_residues.label_comp_id 
_pdbx_unobs_or_zero_occ_residues.label_seq_id 
1 1 Y 1 A GLU 25 ? A GLU 1  
2 1 Y 1 B PRO 12 ? B PRO 12 
# 
loop_
_chem_comp_atom.comp_id 
_chem_comp_atom.atom_id 
_chem_comp_atom.type_symbol 
_chem_comp_atom.pdbx_aromatic_flag 
_chem_comp_atom.pdbx_stereo_config 
_chem_comp_atom.pdbx_ordinal 
ALA N    N N N 1   
ALA CA   C N S 2   
ALA C    C N N 3   
ALA O    O N N 4   
ALA CB   C N N 5   
ALA OXT  O N N 6   
ALA H    H N N 7   
ALA H2   H N N 8   
ALA HA   H N N 9   
ALA HB1  H N N 10  
ALA HB2  H N N 11  
ALA HB3  H N N 12  
ALA HXT  H N N 13  
ARG N    N N N 14  
ARG CA   C N S 15  
ARG C    C N N 16  
ARG O    O N N 17  
ARG CB   C N N 18  
ARG CG   C N N 19  
ARG CD   C N N 20  
ARG NE   N N N 21  
ARG CZ   C N N 22  
ARG NH1  N N N 23  
ARG NH2  N N N 24  
ARG OXT  O N N 25  
ARG H    H N N 26  
ARG H2   H N N 27  
ARG HA   H N N 28  
ARG HB2  H N N 29  
ARG HB3  H N N 30  
ARG HG2  H N N 31  
ARG HG3  H N N 32  
ARG HD2  H N N 33  
ARG HD3  H N N 34  
ARG HE   H N N 35  
ARG HH11 H N N 36  
ARG HH12 H N N 37  
ARG HH21 H N N 38  
ARG HH22 H N N 39  
ARG HXT  H N N 40  
ASN N    N N N 41  
ASN CA   C N S 42  
ASN C    C N N 43  
ASN O    O N N 44  
ASN CB   C N N 45  
ASN CG   C N N 46  
ASN OD1  O N N 47  
ASN ND2  N N N 48  
ASN OXT  O N N 49  
ASN H    H N N 50  
ASN H2   H N N 51  
ASN HA   H N N 52  
ASN HB2  H N N 53  
ASN HB3  H N N 54  
ASN HD21 H N N 55  
ASN HD22 H N N 56  
ASN HXT  H N N 57  
ASP N    N N N 58  
ASP CA   C N S 59  
ASP C    C N N 60  
ASP O    O N N 61  
ASP CB   C N N 62  
ASP CG   C N N 63  
ASP OD1  O N N 64  
ASP OD2  O N N 65  
ASP OXT  O N N 66  
ASP H    H N N 67  
ASP H2   H N N 68  
ASP HA   H N N 69  
ASP HB2  H N N 70  
ASP HB3  H N N 71  
ASP HD2  H N N 72  
ASP HXT  H N N 73  
CYS N    N N N 74  
CYS CA   C N R 75  
CYS C    C N N 76  
CYS O    O N N 77  
CYS CB   C N N 78  
CYS SG   S N N 79  
CYS OXT  O N N 80  
CYS H    H N N 81  
CYS H2   H N N 82  
CYS HA   H N N 83  
CYS HB2  H N N 84  
CYS HB3  H N N 85  
CYS HG   H N N 86  
CYS HXT  H N N 87  
GAI C    C N N 88  
GAI N1   N N N 89  
GAI N2   N N N 90  
GAI N3   N N N 91  
GAI HN1  H N N 92  
GAI HN21 H N N 93  
GAI HN22 H N N 94  
GAI HN31 H N N 95  
GAI HN32 H N N 96  
GLN N    N N N 97  
GLN CA   C N S 98  
GLN C    C N N 99  
GLN O    O N N 100 
GLN CB   C N N 101 
GLN CG   C N N 102 
GLN CD   C N N 103 
GLN OE1  O N N 104 
GLN NE2  N N N 105 
GLN OXT  O N N 106 
GLN H    H N N 107 
GLN H2   H N N 108 
GLN HA   H N N 109 
GLN HB2  H N N 110 
GLN HB3  H N N 111 
GLN HG2  H N N 112 
GLN HG3  H N N 113 
GLN HE21 H N N 114 
GLN HE22 H N N 115 
GLN HXT  H N N 116 
GLU N    N N N 117 
GLU CA   C N S 118 
GLU C    C N N 119 
GLU O    O N N 120 
GLU CB   C N N 121 
GLU CG   C N N 122 
GLU CD   C N N 123 
GLU OE1  O N N 124 
GLU OE2  O N N 125 
GLU OXT  O N N 126 
GLU H    H N N 127 
GLU H2   H N N 128 
GLU HA   H N N 129 
GLU HB2  H N N 130 
GLU HB3  H N N 131 
GLU HG2  H N N 132 
GLU HG3  H N N 133 
GLU HE2  H N N 134 
GLU HXT  H N N 135 
GLY N    N N N 136 
GLY CA   C N N 137 
GLY C    C N N 138 
GLY O    O N N 139 
GLY OXT  O N N 140 
GLY H    H N N 141 
GLY H2   H N N 142 
GLY HA2  H N N 143 
GLY HA3  H N N 144 
GLY HXT  H N N 145 
HIS N    N N N 146 
HIS CA   C N S 147 
HIS C    C N N 148 
HIS O    O N N 149 
HIS CB   C N N 150 
HIS CG   C Y N 151 
HIS ND1  N Y N 152 
HIS CD2  C Y N 153 
HIS CE1  C Y N 154 
HIS NE2  N Y N 155 
HIS OXT  O N N 156 
HIS H    H N N 157 
HIS H2   H N N 158 
HIS HA   H N N 159 
HIS HB2  H N N 160 
HIS HB3  H N N 161 
HIS HD1  H N N 162 
HIS HD2  H N N 163 
HIS HE1  H N N 164 
HIS HE2  H N N 165 
HIS HXT  H N N 166 
HOH O    O N N 167 
HOH H1   H N N 168 
HOH H2   H N N 169 
ILE N    N N N 170 
ILE CA   C N S 171 
ILE C    C N N 172 
ILE O    O N N 173 
ILE CB   C N S 174 
ILE CG1  C N N 175 
ILE CG2  C N N 176 
ILE CD1  C N N 177 
ILE OXT  O N N 178 
ILE H    H N N 179 
ILE H2   H N N 180 
ILE HA   H N N 181 
ILE HB   H N N 182 
ILE HG12 H N N 183 
ILE HG13 H N N 184 
ILE HG21 H N N 185 
ILE HG22 H N N 186 
ILE HG23 H N N 187 
ILE HD11 H N N 188 
ILE HD12 H N N 189 
ILE HD13 H N N 190 
ILE HXT  H N N 191 
LEU N    N N N 192 
LEU CA   C N S 193 
LEU C    C N N 194 
LEU O    O N N 195 
LEU CB   C N N 196 
LEU CG   C N N 197 
LEU CD1  C N N 198 
LEU CD2  C N N 199 
LEU OXT  O N N 200 
LEU H    H N N 201 
LEU H2   H N N 202 
LEU HA   H N N 203 
LEU HB2  H N N 204 
LEU HB3  H N N 205 
LEU HG   H N N 206 
LEU HD11 H N N 207 
LEU HD12 H N N 208 
LEU HD13 H N N 209 
LEU HD21 H N N 210 
LEU HD22 H N N 211 
LEU HD23 H N N 212 
LEU HXT  H N N 213 
LYS N    N N N 214 
LYS CA   C N S 215 
LYS C    C N N 216 
LYS O    O N N 217 
LYS CB   C N N 218 
LYS CG   C N N 219 
LYS CD   C N N 220 
LYS CE   C N N 221 
LYS NZ   N N N 222 
LYS OXT  O N N 223 
LYS H    H N N 224 
LYS H2   H N N 225 
LYS HA   H N N 226 
LYS HB2  H N N 227 
LYS HB3  H N N 228 
LYS HG2  H N N 229 
LYS HG3  H N N 230 
LYS HD2  H N N 231 
LYS HD3  H N N 232 
LYS HE2  H N N 233 
LYS HE3  H N N 234 
LYS HZ1  H N N 235 
LYS HZ2  H N N 236 
LYS HZ3  H N N 237 
LYS HXT  H N N 238 
MET N    N N N 239 
MET CA   C N S 240 
MET C    C N N 241 
MET O    O N N 242 
MET CB   C N N 243 
MET CG   C N N 244 
MET SD   S N N 245 
MET CE   C N N 246 
MET OXT  O N N 247 
MET H    H N N 248 
MET H2   H N N 249 
MET HA   H N N 250 
MET HB2  H N N 251 
MET HB3  H N N 252 
MET HG2  H N N 253 
MET HG3  H N N 254 
MET HE1  H N N 255 
MET HE2  H N N 256 
MET HE3  H N N 257 
MET HXT  H N N 258 
PHE N    N N N 259 
PHE CA   C N S 260 
PHE C    C N N 261 
PHE O    O N N 262 
PHE CB   C N N 263 
PHE CG   C Y N 264 
PHE CD1  C Y N 265 
PHE CD2  C Y N 266 
PHE CE1  C Y N 267 
PHE CE2  C Y N 268 
PHE CZ   C Y N 269 
PHE OXT  O N N 270 
PHE H    H N N 271 
PHE H2   H N N 272 
PHE HA   H N N 273 
PHE HB2  H N N 274 
PHE HB3  H N N 275 
PHE HD1  H N N 276 
PHE HD2  H N N 277 
PHE HE1  H N N 278 
PHE HE2  H N N 279 
PHE HZ   H N N 280 
PHE HXT  H N N 281 
PRO N    N N N 282 
PRO CA   C N S 283 
PRO C    C N N 284 
PRO O    O N N 285 
PRO CB   C N N 286 
PRO CG   C N N 287 
PRO CD   C N N 288 
PRO OXT  O N N 289 
PRO H    H N N 290 
PRO HA   H N N 291 
PRO HB2  H N N 292 
PRO HB3  H N N 293 
PRO HG2  H N N 294 
PRO HG3  H N N 295 
PRO HD2  H N N 296 
PRO HD3  H N N 297 
PRO HXT  H N N 298 
SER N    N N N 299 
SER CA   C N S 300 
SER C    C N N 301 
SER O    O N N 302 
SER CB   C N N 303 
SER OG   O N N 304 
SER OXT  O N N 305 
SER H    H N N 306 
SER H2   H N N 307 
SER HA   H N N 308 
SER HB2  H N N 309 
SER HB3  H N N 310 
SER HG   H N N 311 
SER HXT  H N N 312 
THR N    N N N 313 
THR CA   C N S 314 
THR C    C N N 315 
THR O    O N N 316 
THR CB   C N R 317 
THR OG1  O N N 318 
THR CG2  C N N 319 
THR OXT  O N N 320 
THR H    H N N 321 
THR H2   H N N 322 
THR HA   H N N 323 
THR HB   H N N 324 
THR HG1  H N N 325 
THR HG21 H N N 326 
THR HG22 H N N 327 
THR HG23 H N N 328 
THR HXT  H N N 329 
TRP N    N N N 330 
TRP CA   C N S 331 
TRP C    C N N 332 
TRP O    O N N 333 
TRP CB   C N N 334 
TRP CG   C Y N 335 
TRP CD1  C Y N 336 
TRP CD2  C Y N 337 
TRP NE1  N Y N 338 
TRP CE2  C Y N 339 
TRP CE3  C Y N 340 
TRP CZ2  C Y N 341 
TRP CZ3  C Y N 342 
TRP CH2  C Y N 343 
TRP OXT  O N N 344 
TRP H    H N N 345 
TRP H2   H N N 346 
TRP HA   H N N 347 
TRP HB2  H N N 348 
TRP HB3  H N N 349 
TRP HD1  H N N 350 
TRP HE1  H N N 351 
TRP HE3  H N N 352 
TRP HZ2  H N N 353 
TRP HZ3  H N N 354 
TRP HH2  H N N 355 
TRP HXT  H N N 356 
TYR N    N N N 357 
TYR CA   C N S 358 
TYR C    C N N 359 
TYR O    O N N 360 
TYR CB   C N N 361 
TYR CG   C Y N 362 
TYR CD1  C Y N 363 
TYR CD2  C Y N 364 
TYR CE1  C Y N 365 
TYR CE2  C Y N 366 
TYR CZ   C Y N 367 
TYR OH   O N N 368 
TYR OXT  O N N 369 
TYR H    H N N 370 
TYR H2   H N N 371 
TYR HA   H N N 372 
TYR HB2  H N N 373 
TYR HB3  H N N 374 
TYR HD1  H N N 375 
TYR HD2  H N N 376 
TYR HE1  H N N 377 
TYR HE2  H N N 378 
TYR HH   H N N 379 
TYR HXT  H N N 380 
VAL N    N N N 381 
VAL CA   C N S 382 
VAL C    C N N 383 
VAL O    O N N 384 
VAL CB   C N N 385 
VAL CG1  C N N 386 
VAL CG2  C N N 387 
VAL OXT  O N N 388 
VAL H    H N N 389 
VAL H2   H N N 390 
VAL HA   H N N 391 
VAL HB   H N N 392 
VAL HG11 H N N 393 
VAL HG12 H N N 394 
VAL HG13 H N N 395 
VAL HG21 H N N 396 
VAL HG22 H N N 397 
VAL HG23 H N N 398 
VAL HXT  H N N 399 
# 
loop_
_chem_comp_bond.comp_id 
_chem_comp_bond.atom_id_1 
_chem_comp_bond.atom_id_2 
_chem_comp_bond.value_order 
_chem_comp_bond.pdbx_aromatic_flag 
_chem_comp_bond.pdbx_stereo_config 
_chem_comp_bond.pdbx_ordinal 
ALA N   CA   sing N N 1   
ALA N   H    sing N N 2   
ALA N   H2   sing N N 3   
ALA CA  C    sing N N 4   
ALA CA  CB   sing N N 5   
ALA CA  HA   sing N N 6   
ALA C   O    doub N N 7   
ALA C   OXT  sing N N 8   
ALA CB  HB1  sing N N 9   
ALA CB  HB2  sing N N 10  
ALA CB  HB3  sing N N 11  
ALA OXT HXT  sing N N 12  
ARG N   CA   sing N N 13  
ARG N   H    sing N N 14  
ARG N   H2   sing N N 15  
ARG CA  C    sing N N 16  
ARG CA  CB   sing N N 17  
ARG CA  HA   sing N N 18  
ARG C   O    doub N N 19  
ARG C   OXT  sing N N 20  
ARG CB  CG   sing N N 21  
ARG CB  HB2  sing N N 22  
ARG CB  HB3  sing N N 23  
ARG CG  CD   sing N N 24  
ARG CG  HG2  sing N N 25  
ARG CG  HG3  sing N N 26  
ARG CD  NE   sing N N 27  
ARG CD  HD2  sing N N 28  
ARG CD  HD3  sing N N 29  
ARG NE  CZ   sing N N 30  
ARG NE  HE   sing N N 31  
ARG CZ  NH1  sing N N 32  
ARG CZ  NH2  doub N N 33  
ARG NH1 HH11 sing N N 34  
ARG NH1 HH12 sing N N 35  
ARG NH2 HH21 sing N N 36  
ARG NH2 HH22 sing N N 37  
ARG OXT HXT  sing N N 38  
ASN N   CA   sing N N 39  
ASN N   H    sing N N 40  
ASN N   H2   sing N N 41  
ASN CA  C    sing N N 42  
ASN CA  CB   sing N N 43  
ASN CA  HA   sing N N 44  
ASN C   O    doub N N 45  
ASN C   OXT  sing N N 46  
ASN CB  CG   sing N N 47  
ASN CB  HB2  sing N N 48  
ASN CB  HB3  sing N N 49  
ASN CG  OD1  doub N N 50  
ASN CG  ND2  sing N N 51  
ASN ND2 HD21 sing N N 52  
ASN ND2 HD22 sing N N 53  
ASN OXT HXT  sing N N 54  
ASP N   CA   sing N N 55  
ASP N   H    sing N N 56  
ASP N   H2   sing N N 57  
ASP CA  C    sing N N 58  
ASP CA  CB   sing N N 59  
ASP CA  HA   sing N N 60  
ASP C   O    doub N N 61  
ASP C   OXT  sing N N 62  
ASP CB  CG   sing N N 63  
ASP CB  HB2  sing N N 64  
ASP CB  HB3  sing N N 65  
ASP CG  OD1  doub N N 66  
ASP CG  OD2  sing N N 67  
ASP OD2 HD2  sing N N 68  
ASP OXT HXT  sing N N 69  
CYS N   CA   sing N N 70  
CYS N   H    sing N N 71  
CYS N   H2   sing N N 72  
CYS CA  C    sing N N 73  
CYS CA  CB   sing N N 74  
CYS CA  HA   sing N N 75  
CYS C   O    doub N N 76  
CYS C   OXT  sing N N 77  
CYS CB  SG   sing N N 78  
CYS CB  HB2  sing N N 79  
CYS CB  HB3  sing N N 80  
CYS SG  HG   sing N N 81  
CYS OXT HXT  sing N N 82  
GAI C   N1   doub N N 83  
GAI C   N2   sing N N 84  
GAI C   N3   sing N N 85  
GAI N1  HN1  sing N N 86  
GAI N2  HN21 sing N N 87  
GAI N2  HN22 sing N N 88  
GAI N3  HN31 sing N N 89  
GAI N3  HN32 sing N N 90  
GLN N   CA   sing N N 91  
GLN N   H    sing N N 92  
GLN N   H2   sing N N 93  
GLN CA  C    sing N N 94  
GLN CA  CB   sing N N 95  
GLN CA  HA   sing N N 96  
GLN C   O    doub N N 97  
GLN C   OXT  sing N N 98  
GLN CB  CG   sing N N 99  
GLN CB  HB2  sing N N 100 
GLN CB  HB3  sing N N 101 
GLN CG  CD   sing N N 102 
GLN CG  HG2  sing N N 103 
GLN CG  HG3  sing N N 104 
GLN CD  OE1  doub N N 105 
GLN CD  NE2  sing N N 106 
GLN NE2 HE21 sing N N 107 
GLN NE2 HE22 sing N N 108 
GLN OXT HXT  sing N N 109 
GLU N   CA   sing N N 110 
GLU N   H    sing N N 111 
GLU N   H2   sing N N 112 
GLU CA  C    sing N N 113 
GLU CA  CB   sing N N 114 
GLU CA  HA   sing N N 115 
GLU C   O    doub N N 116 
GLU C   OXT  sing N N 117 
GLU CB  CG   sing N N 118 
GLU CB  HB2  sing N N 119 
GLU CB  HB3  sing N N 120 
GLU CG  CD   sing N N 121 
GLU CG  HG2  sing N N 122 
GLU CG  HG3  sing N N 123 
GLU CD  OE1  doub N N 124 
GLU CD  OE2  sing N N 125 
GLU OE2 HE2  sing N N 126 
GLU OXT HXT  sing N N 127 
GLY N   CA   sing N N 128 
GLY N   H    sing N N 129 
GLY N   H2   sing N N 130 
GLY CA  C    sing N N 131 
GLY CA  HA2  sing N N 132 
GLY CA  HA3  sing N N 133 
GLY C   O    doub N N 134 
GLY C   OXT  sing N N 135 
GLY OXT HXT  sing N N 136 
HIS N   CA   sing N N 137 
HIS N   H    sing N N 138 
HIS N   H2   sing N N 139 
HIS CA  C    sing N N 140 
HIS CA  CB   sing N N 141 
HIS CA  HA   sing N N 142 
HIS C   O    doub N N 143 
HIS C   OXT  sing N N 144 
HIS CB  CG   sing N N 145 
HIS CB  HB2  sing N N 146 
HIS CB  HB3  sing N N 147 
HIS CG  ND1  sing Y N 148 
HIS CG  CD2  doub Y N 149 
HIS ND1 CE1  doub Y N 150 
HIS ND1 HD1  sing N N 151 
HIS CD2 NE2  sing Y N 152 
HIS CD2 HD2  sing N N 153 
HIS CE1 NE2  sing Y N 154 
HIS CE1 HE1  sing N N 155 
HIS NE2 HE2  sing N N 156 
HIS OXT HXT  sing N N 157 
HOH O   H1   sing N N 158 
HOH O   H2   sing N N 159 
ILE N   CA   sing N N 160 
ILE N   H    sing N N 161 
ILE N   H2   sing N N 162 
ILE CA  C    sing N N 163 
ILE CA  CB   sing N N 164 
ILE CA  HA   sing N N 165 
ILE C   O    doub N N 166 
ILE C   OXT  sing N N 167 
ILE CB  CG1  sing N N 168 
ILE CB  CG2  sing N N 169 
ILE CB  HB   sing N N 170 
ILE CG1 CD1  sing N N 171 
ILE CG1 HG12 sing N N 172 
ILE CG1 HG13 sing N N 173 
ILE CG2 HG21 sing N N 174 
ILE CG2 HG22 sing N N 175 
ILE CG2 HG23 sing N N 176 
ILE CD1 HD11 sing N N 177 
ILE CD1 HD12 sing N N 178 
ILE CD1 HD13 sing N N 179 
ILE OXT HXT  sing N N 180 
LEU N   CA   sing N N 181 
LEU N   H    sing N N 182 
LEU N   H2   sing N N 183 
LEU CA  C    sing N N 184 
LEU CA  CB   sing N N 185 
LEU CA  HA   sing N N 186 
LEU C   O    doub N N 187 
LEU C   OXT  sing N N 188 
LEU CB  CG   sing N N 189 
LEU CB  HB2  sing N N 190 
LEU CB  HB3  sing N N 191 
LEU CG  CD1  sing N N 192 
LEU CG  CD2  sing N N 193 
LEU CG  HG   sing N N 194 
LEU CD1 HD11 sing N N 195 
LEU CD1 HD12 sing N N 196 
LEU CD1 HD13 sing N N 197 
LEU CD2 HD21 sing N N 198 
LEU CD2 HD22 sing N N 199 
LEU CD2 HD23 sing N N 200 
LEU OXT HXT  sing N N 201 
LYS N   CA   sing N N 202 
LYS N   H    sing N N 203 
LYS N   H2   sing N N 204 
LYS CA  C    sing N N 205 
LYS CA  CB   sing N N 206 
LYS CA  HA   sing N N 207 
LYS C   O    doub N N 208 
LYS C   OXT  sing N N 209 
LYS CB  CG   sing N N 210 
LYS CB  HB2  sing N N 211 
LYS CB  HB3  sing N N 212 
LYS CG  CD   sing N N 213 
LYS CG  HG2  sing N N 214 
LYS CG  HG3  sing N N 215 
LYS CD  CE   sing N N 216 
LYS CD  HD2  sing N N 217 
LYS CD  HD3  sing N N 218 
LYS CE  NZ   sing N N 219 
LYS CE  HE2  sing N N 220 
LYS CE  HE3  sing N N 221 
LYS NZ  HZ1  sing N N 222 
LYS NZ  HZ2  sing N N 223 
LYS NZ  HZ3  sing N N 224 
LYS OXT HXT  sing N N 225 
MET N   CA   sing N N 226 
MET N   H    sing N N 227 
MET N   H2   sing N N 228 
MET CA  C    sing N N 229 
MET CA  CB   sing N N 230 
MET CA  HA   sing N N 231 
MET C   O    doub N N 232 
MET C   OXT  sing N N 233 
MET CB  CG   sing N N 234 
MET CB  HB2  sing N N 235 
MET CB  HB3  sing N N 236 
MET CG  SD   sing N N 237 
MET CG  HG2  sing N N 238 
MET CG  HG3  sing N N 239 
MET SD  CE   sing N N 240 
MET CE  HE1  sing N N 241 
MET CE  HE2  sing N N 242 
MET CE  HE3  sing N N 243 
MET OXT HXT  sing N N 244 
PHE N   CA   sing N N 245 
PHE N   H    sing N N 246 
PHE N   H2   sing N N 247 
PHE CA  C    sing N N 248 
PHE CA  CB   sing N N 249 
PHE CA  HA   sing N N 250 
PHE C   O    doub N N 251 
PHE C   OXT  sing N N 252 
PHE CB  CG   sing N N 253 
PHE CB  HB2  sing N N 254 
PHE CB  HB3  sing N N 255 
PHE CG  CD1  doub Y N 256 
PHE CG  CD2  sing Y N 257 
PHE CD1 CE1  sing Y N 258 
PHE CD1 HD1  sing N N 259 
PHE CD2 CE2  doub Y N 260 
PHE CD2 HD2  sing N N 261 
PHE CE1 CZ   doub Y N 262 
PHE CE1 HE1  sing N N 263 
PHE CE2 CZ   sing Y N 264 
PHE CE2 HE2  sing N N 265 
PHE CZ  HZ   sing N N 266 
PHE OXT HXT  sing N N 267 
PRO N   CA   sing N N 268 
PRO N   CD   sing N N 269 
PRO N   H    sing N N 270 
PRO CA  C    sing N N 271 
PRO CA  CB   sing N N 272 
PRO CA  HA   sing N N 273 
PRO C   O    doub N N 274 
PRO C   OXT  sing N N 275 
PRO CB  CG   sing N N 276 
PRO CB  HB2  sing N N 277 
PRO CB  HB3  sing N N 278 
PRO CG  CD   sing N N 279 
PRO CG  HG2  sing N N 280 
PRO CG  HG3  sing N N 281 
PRO CD  HD2  sing N N 282 
PRO CD  HD3  sing N N 283 
PRO OXT HXT  sing N N 284 
SER N   CA   sing N N 285 
SER N   H    sing N N 286 
SER N   H2   sing N N 287 
SER CA  C    sing N N 288 
SER CA  CB   sing N N 289 
SER CA  HA   sing N N 290 
SER C   O    doub N N 291 
SER C   OXT  sing N N 292 
SER CB  OG   sing N N 293 
SER CB  HB2  sing N N 294 
SER CB  HB3  sing N N 295 
SER OG  HG   sing N N 296 
SER OXT HXT  sing N N 297 
THR N   CA   sing N N 298 
THR N   H    sing N N 299 
THR N   H2   sing N N 300 
THR CA  C    sing N N 301 
THR CA  CB   sing N N 302 
THR CA  HA   sing N N 303 
THR C   O    doub N N 304 
THR C   OXT  sing N N 305 
THR CB  OG1  sing N N 306 
THR CB  CG2  sing N N 307 
THR CB  HB   sing N N 308 
THR OG1 HG1  sing N N 309 
THR CG2 HG21 sing N N 310 
THR CG2 HG22 sing N N 311 
THR CG2 HG23 sing N N 312 
THR OXT HXT  sing N N 313 
TRP N   CA   sing N N 314 
TRP N   H    sing N N 315 
TRP N   H2   sing N N 316 
TRP CA  C    sing N N 317 
TRP CA  CB   sing N N 318 
TRP CA  HA   sing N N 319 
TRP C   O    doub N N 320 
TRP C   OXT  sing N N 321 
TRP CB  CG   sing N N 322 
TRP CB  HB2  sing N N 323 
TRP CB  HB3  sing N N 324 
TRP CG  CD1  doub Y N 325 
TRP CG  CD2  sing Y N 326 
TRP CD1 NE1  sing Y N 327 
TRP CD1 HD1  sing N N 328 
TRP CD2 CE2  doub Y N 329 
TRP CD2 CE3  sing Y N 330 
TRP NE1 CE2  sing Y N 331 
TRP NE1 HE1  sing N N 332 
TRP CE2 CZ2  sing Y N 333 
TRP CE3 CZ3  doub Y N 334 
TRP CE3 HE3  sing N N 335 
TRP CZ2 CH2  doub Y N 336 
TRP CZ2 HZ2  sing N N 337 
TRP CZ3 CH2  sing Y N 338 
TRP CZ3 HZ3  sing N N 339 
TRP CH2 HH2  sing N N 340 
TRP OXT HXT  sing N N 341 
TYR N   CA   sing N N 342 
TYR N   H    sing N N 343 
TYR N   H2   sing N N 344 
TYR CA  C    sing N N 345 
TYR CA  CB   sing N N 346 
TYR CA  HA   sing N N 347 
TYR C   O    doub N N 348 
TYR C   OXT  sing N N 349 
TYR CB  CG   sing N N 350 
TYR CB  HB2  sing N N 351 
TYR CB  HB3  sing N N 352 
TYR CG  CD1  doub Y N 353 
TYR CG  CD2  sing Y N 354 
TYR CD1 CE1  sing Y N 355 
TYR CD1 HD1  sing N N 356 
TYR CD2 CE2  doub Y N 357 
TYR CD2 HD2  sing N N 358 
TYR CE1 CZ   doub Y N 359 
TYR CE1 HE1  sing N N 360 
TYR CE2 CZ   sing Y N 361 
TYR CE2 HE2  sing N N 362 
TYR CZ  OH   sing N N 363 
TYR OH  HH   sing N N 364 
TYR OXT HXT  sing N N 365 
VAL N   CA   sing N N 366 
VAL N   H    sing N N 367 
VAL N   H2   sing N N 368 
VAL CA  C    sing N N 369 
VAL CA  CB   sing N N 370 
VAL CA  HA   sing N N 371 
VAL C   O    doub N N 372 
VAL C   OXT  sing N N 373 
VAL CB  CG1  sing N N 374 
VAL CB  CG2  sing N N 375 
VAL CB  HB   sing N N 376 
VAL CG1 HG11 sing N N 377 
VAL CG1 HG12 sing N N 378 
VAL CG1 HG13 sing N N 379 
VAL CG2 HG21 sing N N 380 
VAL CG2 HG22 sing N N 381 
VAL CG2 HG23 sing N N 382 
VAL OXT HXT  sing N N 383 
# 
loop_
_pdbx_entity_nonpoly.entity_id 
_pdbx_entity_nonpoly.name 
_pdbx_entity_nonpoly.comp_id 
3 GUANIDINE GAI 
4 water     HOH 
# 
_pdbx_initial_refinement_model.id               1 
_pdbx_initial_refinement_model.entity_id_list   ? 
_pdbx_initial_refinement_model.type             'experimental model' 
_pdbx_initial_refinement_model.source_name      PDB 
_pdbx_initial_refinement_model.accession_code   1YCR 
_pdbx_initial_refinement_model.details          'PDB ENTRY 1YCR' 
# 
